data_8BXV
# 
_entry.id   8BXV 
# 
_audit_conform.dict_name       mmcif_pdbx.dic 
_audit_conform.dict_version    5.397 
_audit_conform.dict_location   http://mmcif.pdb.org/dictionaries/ascii/mmcif_pdbx.dic 
# 
loop_
_database_2.database_id 
_database_2.database_code 
_database_2.pdbx_database_accession 
_database_2.pdbx_DOI 
PDB   8BXV         pdb_00008bxv 10.2210/pdb8bxv/pdb 
WWPDB D_1292127331 ?            ?                   
# 
loop_
_pdbx_audit_revision_history.ordinal 
_pdbx_audit_revision_history.data_content_type 
_pdbx_audit_revision_history.major_revision 
_pdbx_audit_revision_history.minor_revision 
_pdbx_audit_revision_history.revision_date 
1 'Structure model' 1 0 2023-03-22 
2 'Structure model' 1 1 2023-03-29 
3 'Structure model' 1 2 2023-04-12 
4 'Structure model' 1 3 2024-10-23 
# 
_pdbx_audit_revision_details.ordinal             1 
_pdbx_audit_revision_details.revision_ordinal    1 
_pdbx_audit_revision_details.data_content_type   'Structure model' 
_pdbx_audit_revision_details.provider            repository 
_pdbx_audit_revision_details.type                'Initial release' 
_pdbx_audit_revision_details.description         ? 
_pdbx_audit_revision_details.details             ? 
# 
loop_
_pdbx_audit_revision_group.ordinal 
_pdbx_audit_revision_group.revision_ordinal 
_pdbx_audit_revision_group.data_content_type 
_pdbx_audit_revision_group.group 
1 2 'Structure model' 'Database references' 
2 3 'Structure model' 'Database references' 
3 4 'Structure model' 'Data collection'     
4 4 'Structure model' 'Structure summary'   
# 
loop_
_pdbx_audit_revision_category.ordinal 
_pdbx_audit_revision_category.revision_ordinal 
_pdbx_audit_revision_category.data_content_type 
_pdbx_audit_revision_category.category 
1 2 'Structure model' citation                  
2 2 'Structure model' citation_author           
3 3 'Structure model' citation                  
4 4 'Structure model' chem_comp_atom            
5 4 'Structure model' chem_comp_bond            
6 4 'Structure model' pdbx_entry_details        
7 4 'Structure model' pdbx_modification_feature 
# 
loop_
_pdbx_audit_revision_item.ordinal 
_pdbx_audit_revision_item.revision_ordinal 
_pdbx_audit_revision_item.data_content_type 
_pdbx_audit_revision_item.item 
1 2 'Structure model' '_citation.page_last'                          
2 2 'Structure model' '_citation.pdbx_database_id_PubMed'            
3 2 'Structure model' '_citation.title'                              
4 2 'Structure model' '_citation_author.name'                        
5 3 'Structure model' '_citation.journal_volume'                     
6 4 'Structure model' '_pdbx_entry_details.has_protein_modification' 
# 
_pdbx_database_status.status_code                     REL 
_pdbx_database_status.status_code_sf                  REL 
_pdbx_database_status.status_code_mr                  ? 
_pdbx_database_status.entry_id                        8BXV 
_pdbx_database_status.recvd_initial_deposition_date   2022-12-10 
_pdbx_database_status.SG_entry                        N 
_pdbx_database_status.deposit_site                    PDBE 
_pdbx_database_status.process_site                    PDBE 
_pdbx_database_status.status_code_cs                  ? 
_pdbx_database_status.status_code_nmr_data            ? 
_pdbx_database_status.methods_development_category    ? 
_pdbx_database_status.pdb_format_compatible           N 
# 
_pdbx_database_related.db_name        PDB 
_pdbx_database_related.details        '8BXU contains the same protein complexed with MPD' 
_pdbx_database_related.db_id          8BXU 
_pdbx_database_related.content_type   unspecified 
# 
_pdbx_contact_author.id                 2 
_pdbx_contact_author.email              sez@eie.gr 
_pdbx_contact_author.name_first         Spyros 
_pdbx_contact_author.name_last          Zographos 
_pdbx_contact_author.name_mi            E. 
_pdbx_contact_author.role               'principal investigator/group leader' 
_pdbx_contact_author.identifier_ORCID   0000-0001-8455-2352 
# 
loop_
_audit_author.name 
_audit_author.pdbx_ordinal 
_audit_author.identifier_ORCID 
'Liggri, P.G.V.'  1 0000-0002-8927-7895 
'Tsitsanou, K.E.' 2 0000-0001-9657-1390 
'Zographos, S.E.' 3 0000-0001-8455-2352 
# 
_citation.abstract                  ? 
_citation.abstract_id_CAS           ? 
_citation.book_id_ISBN              ? 
_citation.book_publisher            ? 
_citation.book_publisher_city       ? 
_citation.book_title                ? 
_citation.coordinate_linkage        ? 
_citation.country                   UK 
_citation.database_id_Medline       ? 
_citation.details                   ? 
_citation.id                        primary 
_citation.journal_abbrev            Int.J.Biol.Macromol. 
_citation.journal_id_ASTM           IJBMDR 
_citation.journal_id_CSD            0708 
_citation.journal_id_ISSN           0141-8130 
_citation.journal_full              ? 
_citation.journal_issue             ? 
_citation.journal_volume            237 
_citation.language                  ? 
_citation.page_first                124009 
_citation.page_last                 124009 
_citation.title                     
;The structure of AgamOBP5 in complex with the natural insect repellents Carvacrol and Thymol: Crystallographic, fluorescence and thermodynamic binding studies.
;
_citation.year                      2023 
_citation.database_id_CSD           ? 
_citation.pdbx_database_id_DOI      10.1016/j.ijbiomac.2023.124009 
_citation.pdbx_database_id_PubMed   36921814 
_citation.pdbx_database_id_patent   ? 
_citation.unpublished_flag          ? 
# 
loop_
_citation_author.citation_id 
_citation_author.name 
_citation_author.ordinal 
_citation_author.identifier_ORCID 
primary 'Liggri, P.G.V.'  1 ? 
primary 'Tsitsanou, K.E.' 2 ? 
primary 'Stamati, E.C.V.' 3 ? 
primary 'Saitta, F.'      4 ? 
primary 'Drakou, C.E.'    5 ? 
primary 'Leonidas, D.D.'  6 ? 
primary 'Fessas, D.'      7 ? 
primary 'Zographos, S.E.' 8 ? 
# 
loop_
_entity.id 
_entity.type 
_entity.src_method 
_entity.pdbx_description 
_entity.formula_weight 
_entity.pdbx_number_of_molecules 
_entity.pdbx_ec 
_entity.pdbx_mutation 
_entity.pdbx_fragment 
_entity.details 
1 polymer     man 'Odorant binding protein'          14105.488 1   ? ? ? ? 
2 non-polymer syn R-1,2-PROPANEDIOL                  76.094    1   ? ? ? ? 
3 non-polymer syn '(4S)-2-METHYL-2,4-PENTANEDIOL'    118.174   1   ? ? ? ? 
4 non-polymer syn 'DI(HYDROXYETHYL)ETHER'            106.120   1   ? ? ? ? 
5 non-polymer syn '5-METHYL-2-(1-METHYLETHYL)PHENOL' 150.218   1   ? ? ? ? 
6 non-polymer syn 'SODIUM ION'                       22.990    2   ? ? ? ? 
7 water       nat water                              18.015    126 ? ? ? ? 
# 
_entity_poly.entity_id                      1 
_entity_poly.type                           'polypeptide(L)' 
_entity_poly.nstd_linkage                   no 
_entity_poly.nstd_monomer                   no 
_entity_poly.pdbx_seq_one_letter_code       
;AMTRKQLINSMDMMRSACAPKFKVSTEMLDNLRGGIFAEDRELKCYTMCIAQMAGTMNKKGEINVQKTLAQMDAMLPPDM
RDKAKEAIHSCRDVQGRYKDSCDKTFYSTKCLAEYDRDVFLFP
;
_entity_poly.pdbx_seq_one_letter_code_can   
;AMTRKQLINSMDMMRSACAPKFKVSTEMLDNLRGGIFAEDRELKCYTMCIAQMAGTMNKKGEINVQKTLAQMDAMLPPDM
RDKAKEAIHSCRDVQGRYKDSCDKTFYSTKCLAEYDRDVFLFP
;
_entity_poly.pdbx_strand_id                 AAA 
_entity_poly.pdbx_target_identifier         ? 
# 
loop_
_pdbx_entity_nonpoly.entity_id 
_pdbx_entity_nonpoly.name 
_pdbx_entity_nonpoly.comp_id 
2 R-1,2-PROPANEDIOL                  PGR 
3 '(4S)-2-METHYL-2,4-PENTANEDIOL'    MPD 
4 'DI(HYDROXYETHYL)ETHER'            PEG 
5 '5-METHYL-2-(1-METHYLETHYL)PHENOL' IPB 
6 'SODIUM ION'                       NA  
7 water                              HOH 
# 
loop_
_entity_poly_seq.entity_id 
_entity_poly_seq.num 
_entity_poly_seq.mon_id 
_entity_poly_seq.hetero 
1 1   ALA n 
1 2   MET n 
1 3   THR n 
1 4   ARG n 
1 5   LYS n 
1 6   GLN n 
1 7   LEU n 
1 8   ILE n 
1 9   ASN n 
1 10  SER n 
1 11  MET n 
1 12  ASP n 
1 13  MET n 
1 14  MET n 
1 15  ARG n 
1 16  SER n 
1 17  ALA n 
1 18  CYS n 
1 19  ALA n 
1 20  PRO n 
1 21  LYS n 
1 22  PHE n 
1 23  LYS n 
1 24  VAL n 
1 25  SER n 
1 26  THR n 
1 27  GLU n 
1 28  MET n 
1 29  LEU n 
1 30  ASP n 
1 31  ASN n 
1 32  LEU n 
1 33  ARG n 
1 34  GLY n 
1 35  GLY n 
1 36  ILE n 
1 37  PHE n 
1 38  ALA n 
1 39  GLU n 
1 40  ASP n 
1 41  ARG n 
1 42  GLU n 
1 43  LEU n 
1 44  LYS n 
1 45  CYS n 
1 46  TYR n 
1 47  THR n 
1 48  MET n 
1 49  CYS n 
1 50  ILE n 
1 51  ALA n 
1 52  GLN n 
1 53  MET n 
1 54  ALA n 
1 55  GLY n 
1 56  THR n 
1 57  MET n 
1 58  ASN n 
1 59  LYS n 
1 60  LYS n 
1 61  GLY n 
1 62  GLU n 
1 63  ILE n 
1 64  ASN n 
1 65  VAL n 
1 66  GLN n 
1 67  LYS n 
1 68  THR n 
1 69  LEU n 
1 70  ALA n 
1 71  GLN n 
1 72  MET n 
1 73  ASP n 
1 74  ALA n 
1 75  MET n 
1 76  LEU n 
1 77  PRO n 
1 78  PRO n 
1 79  ASP n 
1 80  MET n 
1 81  ARG n 
1 82  ASP n 
1 83  LYS n 
1 84  ALA n 
1 85  LYS n 
1 86  GLU n 
1 87  ALA n 
1 88  ILE n 
1 89  HIS n 
1 90  SER n 
1 91  CYS n 
1 92  ARG n 
1 93  ASP n 
1 94  VAL n 
1 95  GLN n 
1 96  GLY n 
1 97  ARG n 
1 98  TYR n 
1 99  LYS n 
1 100 ASP n 
1 101 SER n 
1 102 CYS n 
1 103 ASP n 
1 104 LYS n 
1 105 THR n 
1 106 PHE n 
1 107 TYR n 
1 108 SER n 
1 109 THR n 
1 110 LYS n 
1 111 CYS n 
1 112 LEU n 
1 113 ALA n 
1 114 GLU n 
1 115 TYR n 
1 116 ASP n 
1 117 ARG n 
1 118 ASP n 
1 119 VAL n 
1 120 PHE n 
1 121 LEU n 
1 122 PHE n 
1 123 PRO n 
# 
_entity_src_gen.entity_id                          1 
_entity_src_gen.pdbx_src_id                        1 
_entity_src_gen.pdbx_alt_source_flag               sample 
_entity_src_gen.pdbx_seq_type                      'Biological sequence' 
_entity_src_gen.pdbx_beg_seq_num                   1 
_entity_src_gen.pdbx_end_seq_num                   123 
_entity_src_gen.gene_src_common_name               'African malaria mosquito' 
_entity_src_gen.gene_src_genus                     ? 
_entity_src_gen.pdbx_gene_src_gene                 OBP-5 
_entity_src_gen.gene_src_species                   ? 
_entity_src_gen.gene_src_strain                    ? 
_entity_src_gen.gene_src_tissue                    ? 
_entity_src_gen.gene_src_tissue_fraction           ? 
_entity_src_gen.gene_src_details                   ? 
_entity_src_gen.pdbx_gene_src_fragment             ? 
_entity_src_gen.pdbx_gene_src_scientific_name      'Anopheles gambiae' 
_entity_src_gen.pdbx_gene_src_ncbi_taxonomy_id     7165 
_entity_src_gen.pdbx_gene_src_variant              ? 
_entity_src_gen.pdbx_gene_src_cell_line            ? 
_entity_src_gen.pdbx_gene_src_atcc                 ? 
_entity_src_gen.pdbx_gene_src_organ                ? 
_entity_src_gen.pdbx_gene_src_organelle            ? 
_entity_src_gen.pdbx_gene_src_cell                 ? 
_entity_src_gen.pdbx_gene_src_cellular_location    ? 
_entity_src_gen.host_org_common_name               ? 
_entity_src_gen.pdbx_host_org_scientific_name      'Escherichia coli' 
_entity_src_gen.pdbx_host_org_ncbi_taxonomy_id     562 
_entity_src_gen.host_org_genus                     ? 
_entity_src_gen.pdbx_host_org_gene                 ? 
_entity_src_gen.pdbx_host_org_organ                ? 
_entity_src_gen.host_org_species                   ? 
_entity_src_gen.pdbx_host_org_tissue               ? 
_entity_src_gen.pdbx_host_org_tissue_fraction      ? 
_entity_src_gen.pdbx_host_org_strain               ? 
_entity_src_gen.pdbx_host_org_variant              ? 
_entity_src_gen.pdbx_host_org_cell_line            ? 
_entity_src_gen.pdbx_host_org_atcc                 ? 
_entity_src_gen.pdbx_host_org_culture_collection   ? 
_entity_src_gen.pdbx_host_org_cell                 ? 
_entity_src_gen.pdbx_host_org_organelle            ? 
_entity_src_gen.pdbx_host_org_cellular_location    ? 
_entity_src_gen.pdbx_host_org_vector_type          ? 
_entity_src_gen.pdbx_host_org_vector               ? 
_entity_src_gen.host_org_details                   ? 
_entity_src_gen.expression_system_id               ? 
_entity_src_gen.plasmid_name                       ? 
_entity_src_gen.plasmid_details                    ? 
_entity_src_gen.pdbx_description                   ? 
# 
loop_
_chem_comp.id 
_chem_comp.type 
_chem_comp.mon_nstd_flag 
_chem_comp.name 
_chem_comp.pdbx_synonyms 
_chem_comp.formula 
_chem_comp.formula_weight 
ALA 'L-peptide linking' y ALANINE                            ? 'C3 H7 N O2'     89.093  
ARG 'L-peptide linking' y ARGININE                           ? 'C6 H15 N4 O2 1' 175.209 
ASN 'L-peptide linking' y ASPARAGINE                         ? 'C4 H8 N2 O3'    132.118 
ASP 'L-peptide linking' y 'ASPARTIC ACID'                    ? 'C4 H7 N O4'     133.103 
CYS 'L-peptide linking' y CYSTEINE                           ? 'C3 H7 N O2 S'   121.158 
GLN 'L-peptide linking' y GLUTAMINE                          ? 'C5 H10 N2 O3'   146.144 
GLU 'L-peptide linking' y 'GLUTAMIC ACID'                    ? 'C5 H9 N O4'     147.129 
GLY 'peptide linking'   y GLYCINE                            ? 'C2 H5 N O2'     75.067  
HIS 'L-peptide linking' y HISTIDINE                          ? 'C6 H10 N3 O2 1' 156.162 
HOH non-polymer         . WATER                              ? 'H2 O'           18.015  
ILE 'L-peptide linking' y ISOLEUCINE                         ? 'C6 H13 N O2'    131.173 
IPB non-polymer         . '5-METHYL-2-(1-METHYLETHYL)PHENOL' ? 'C10 H14 O'      150.218 
LEU 'L-peptide linking' y LEUCINE                            ? 'C6 H13 N O2'    131.173 
LYS 'L-peptide linking' y LYSINE                             ? 'C6 H15 N2 O2 1' 147.195 
MET 'L-peptide linking' y METHIONINE                         ? 'C5 H11 N O2 S'  149.211 
MPD non-polymer         . '(4S)-2-METHYL-2,4-PENTANEDIOL'    ? 'C6 H14 O2'      118.174 
NA  non-polymer         . 'SODIUM ION'                       ? 'Na 1'           22.990  
PEG non-polymer         . 'DI(HYDROXYETHYL)ETHER'            ? 'C4 H10 O3'      106.120 
PGR non-polymer         . R-1,2-PROPANEDIOL                  ? 'C3 H8 O2'       76.094  
PHE 'L-peptide linking' y PHENYLALANINE                      ? 'C9 H11 N O2'    165.189 
PRO 'L-peptide linking' y PROLINE                            ? 'C5 H9 N O2'     115.130 
SER 'L-peptide linking' y SERINE                             ? 'C3 H7 N O3'     105.093 
THR 'L-peptide linking' y THREONINE                          ? 'C4 H9 N O3'     119.119 
TYR 'L-peptide linking' y TYROSINE                           ? 'C9 H11 N O3'    181.189 
VAL 'L-peptide linking' y VALINE                             ? 'C5 H11 N O2'    117.146 
# 
loop_
_pdbx_poly_seq_scheme.asym_id 
_pdbx_poly_seq_scheme.entity_id 
_pdbx_poly_seq_scheme.seq_id 
_pdbx_poly_seq_scheme.mon_id 
_pdbx_poly_seq_scheme.ndb_seq_num 
_pdbx_poly_seq_scheme.pdb_seq_num 
_pdbx_poly_seq_scheme.auth_seq_num 
_pdbx_poly_seq_scheme.pdb_mon_id 
_pdbx_poly_seq_scheme.auth_mon_id 
_pdbx_poly_seq_scheme.pdb_strand_id 
_pdbx_poly_seq_scheme.pdb_ins_code 
_pdbx_poly_seq_scheme.hetero 
A 1 1   ALA 1   1   1   ALA ALA AAA . n 
A 1 2   MET 2   2   2   MET MET AAA . n 
A 1 3   THR 3   3   3   THR THR AAA . n 
A 1 4   ARG 4   4   4   ARG ARG AAA . n 
A 1 5   LYS 5   5   5   LYS LYS AAA . n 
A 1 6   GLN 6   6   6   GLN GLN AAA . n 
A 1 7   LEU 7   7   7   LEU LEU AAA . n 
A 1 8   ILE 8   8   8   ILE ILE AAA . n 
A 1 9   ASN 9   9   9   ASN ASN AAA . n 
A 1 10  SER 10  10  10  SER SER AAA . n 
A 1 11  MET 11  11  11  MET MET AAA . n 
A 1 12  ASP 12  12  12  ASP ASP AAA . n 
A 1 13  MET 13  13  13  MET MET AAA . n 
A 1 14  MET 14  14  14  MET MET AAA . n 
A 1 15  ARG 15  15  15  ARG ARG AAA . n 
A 1 16  SER 16  16  16  SER SER AAA . n 
A 1 17  ALA 17  17  17  ALA ALA AAA . n 
A 1 18  CYS 18  18  18  CYS CYS AAA . n 
A 1 19  ALA 19  19  19  ALA ALA AAA . n 
A 1 20  PRO 20  20  20  PRO PRO AAA . n 
A 1 21  LYS 21  21  21  LYS LYS AAA . n 
A 1 22  PHE 22  22  22  PHE PHE AAA . n 
A 1 23  LYS 23  23  23  LYS LYS AAA . n 
A 1 24  VAL 24  24  24  VAL VAL AAA . n 
A 1 25  SER 25  25  25  SER SER AAA . n 
A 1 26  THR 26  26  26  THR THR AAA . n 
A 1 27  GLU 27  27  27  GLU GLU AAA . n 
A 1 28  MET 28  28  28  MET MET AAA . n 
A 1 29  LEU 29  29  29  LEU LEU AAA . n 
A 1 30  ASP 30  30  30  ASP ASP AAA . n 
A 1 31  ASN 31  31  31  ASN ASN AAA . n 
A 1 32  LEU 32  32  32  LEU LEU AAA . n 
A 1 33  ARG 33  33  33  ARG ARG AAA . n 
A 1 34  GLY 34  34  34  GLY GLY AAA . n 
A 1 35  GLY 35  35  35  GLY GLY AAA . n 
A 1 36  ILE 36  36  36  ILE ILE AAA . n 
A 1 37  PHE 37  37  37  PHE PHE AAA . n 
A 1 38  ALA 38  38  38  ALA ALA AAA . n 
A 1 39  GLU 39  39  39  GLU GLU AAA . n 
A 1 40  ASP 40  40  40  ASP ASP AAA . n 
A 1 41  ARG 41  41  41  ARG ARG AAA . n 
A 1 42  GLU 42  42  42  GLU GLU AAA . n 
A 1 43  LEU 43  43  43  LEU LEU AAA . n 
A 1 44  LYS 44  44  44  LYS LYS AAA . n 
A 1 45  CYS 45  45  45  CYS CYS AAA . n 
A 1 46  TYR 46  46  46  TYR TYR AAA . n 
A 1 47  THR 47  47  47  THR THR AAA . n 
A 1 48  MET 48  48  48  MET MET AAA . n 
A 1 49  CYS 49  49  49  CYS CYS AAA . n 
A 1 50  ILE 50  50  50  ILE ILE AAA . n 
A 1 51  ALA 51  51  51  ALA ALA AAA . n 
A 1 52  GLN 52  52  52  GLN GLN AAA . n 
A 1 53  MET 53  53  53  MET MET AAA . n 
A 1 54  ALA 54  54  54  ALA ALA AAA . n 
A 1 55  GLY 55  55  55  GLY GLY AAA . n 
A 1 56  THR 56  56  56  THR THR AAA . n 
A 1 57  MET 57  57  57  MET MET AAA . n 
A 1 58  ASN 58  58  58  ASN ASN AAA . n 
A 1 59  LYS 59  59  59  LYS LYS AAA . n 
A 1 60  LYS 60  60  60  LYS LYS AAA . n 
A 1 61  GLY 61  61  61  GLY GLY AAA . n 
A 1 62  GLU 62  62  62  GLU GLU AAA . n 
A 1 63  ILE 63  63  63  ILE ILE AAA . n 
A 1 64  ASN 64  64  64  ASN ASN AAA . n 
A 1 65  VAL 65  65  65  VAL VAL AAA . n 
A 1 66  GLN 66  66  66  GLN GLN AAA . n 
A 1 67  LYS 67  67  67  LYS LYS AAA . n 
A 1 68  THR 68  68  68  THR THR AAA . n 
A 1 69  LEU 69  69  69  LEU LEU AAA . n 
A 1 70  ALA 70  70  70  ALA ALA AAA . n 
A 1 71  GLN 71  71  71  GLN GLN AAA . n 
A 1 72  MET 72  72  72  MET MET AAA . n 
A 1 73  ASP 73  73  73  ASP ASP AAA . n 
A 1 74  ALA 74  74  74  ALA ALA AAA . n 
A 1 75  MET 75  75  75  MET MET AAA . n 
A 1 76  LEU 76  76  76  LEU LEU AAA . n 
A 1 77  PRO 77  77  77  PRO PRO AAA . n 
A 1 78  PRO 78  78  78  PRO PRO AAA . n 
A 1 79  ASP 79  79  79  ASP ASP AAA . n 
A 1 80  MET 80  80  80  MET MET AAA . n 
A 1 81  ARG 81  81  81  ARG ARG AAA . n 
A 1 82  ASP 82  82  82  ASP ASP AAA . n 
A 1 83  LYS 83  83  83  LYS LYS AAA . n 
A 1 84  ALA 84  84  84  ALA ALA AAA . n 
A 1 85  LYS 85  85  85  LYS LYS AAA . n 
A 1 86  GLU 86  86  86  GLU GLU AAA . n 
A 1 87  ALA 87  87  87  ALA ALA AAA . n 
A 1 88  ILE 88  88  88  ILE ILE AAA . n 
A 1 89  HIS 89  89  89  HIS HIS AAA . n 
A 1 90  SER 90  90  90  SER SER AAA . n 
A 1 91  CYS 91  91  91  CYS CYS AAA . n 
A 1 92  ARG 92  92  92  ARG ARG AAA . n 
A 1 93  ASP 93  93  93  ASP ASP AAA . n 
A 1 94  VAL 94  94  94  VAL VAL AAA . n 
A 1 95  GLN 95  95  95  GLN GLN AAA . n 
A 1 96  GLY 96  96  96  GLY GLY AAA . n 
A 1 97  ARG 97  97  97  ARG ARG AAA . n 
A 1 98  TYR 98  98  98  TYR TYR AAA . n 
A 1 99  LYS 99  99  99  LYS LYS AAA . n 
A 1 100 ASP 100 100 100 ASP ASP AAA . n 
A 1 101 SER 101 101 101 SER SER AAA . n 
A 1 102 CYS 102 102 102 CYS CYS AAA . n 
A 1 103 ASP 103 103 103 ASP ASP AAA . n 
A 1 104 LYS 104 104 104 LYS LYS AAA . n 
A 1 105 THR 105 105 105 THR THR AAA . n 
A 1 106 PHE 106 106 106 PHE PHE AAA . n 
A 1 107 TYR 107 107 107 TYR TYR AAA . n 
A 1 108 SER 108 108 108 SER SER AAA . n 
A 1 109 THR 109 109 109 THR THR AAA . n 
A 1 110 LYS 110 110 110 LYS LYS AAA . n 
A 1 111 CYS 111 111 111 CYS CYS AAA . n 
A 1 112 LEU 112 112 112 LEU LEU AAA . n 
A 1 113 ALA 113 113 113 ALA ALA AAA . n 
A 1 114 GLU 114 114 114 GLU GLU AAA . n 
A 1 115 TYR 115 115 115 TYR TYR AAA . n 
A 1 116 ASP 116 116 116 ASP ASP AAA . n 
A 1 117 ARG 117 117 117 ARG ARG AAA . n 
A 1 118 ASP 118 118 118 ASP ASP AAA . n 
A 1 119 VAL 119 119 119 VAL VAL AAA . n 
A 1 120 PHE 120 120 120 PHE PHE AAA . n 
A 1 121 LEU 121 121 121 LEU LEU AAA . n 
A 1 122 PHE 122 122 122 PHE PHE AAA . n 
A 1 123 PRO 123 123 123 PRO PRO AAA . n 
# 
loop_
_pdbx_entity_instance_feature.ordinal 
_pdbx_entity_instance_feature.comp_id 
_pdbx_entity_instance_feature.asym_id 
_pdbx_entity_instance_feature.seq_num 
_pdbx_entity_instance_feature.auth_comp_id 
_pdbx_entity_instance_feature.auth_asym_id 
_pdbx_entity_instance_feature.auth_seq_num 
_pdbx_entity_instance_feature.feature_type 
_pdbx_entity_instance_feature.details 
1 IPB ? ? IPB ? ? 'SUBJECT OF INVESTIGATION' ? 
2 MPD ? ? MPD ? ? 'SUBJECT OF INVESTIGATION' ? 
# 
loop_
_pdbx_nonpoly_scheme.asym_id 
_pdbx_nonpoly_scheme.entity_id 
_pdbx_nonpoly_scheme.mon_id 
_pdbx_nonpoly_scheme.ndb_seq_num 
_pdbx_nonpoly_scheme.pdb_seq_num 
_pdbx_nonpoly_scheme.auth_seq_num 
_pdbx_nonpoly_scheme.pdb_mon_id 
_pdbx_nonpoly_scheme.auth_mon_id 
_pdbx_nonpoly_scheme.pdb_strand_id 
_pdbx_nonpoly_scheme.pdb_ins_code 
B 2 PGR 1   201 101 PGR PGO AAA . 
C 3 MPD 1   202 201 MPD MPD AAA . 
D 4 PEG 1   203 301 PEG PEU AAA . 
E 5 IPB 1   204 201 IPB IPB AAA . 
F 6 NA  1   205 1   NA  NA  AAA . 
G 6 NA  1   206 2   NA  NA  AAA . 
H 7 HOH 1   301 110 HOH HOH AAA . 
H 7 HOH 2   302 126 HOH HOH AAA . 
H 7 HOH 3   303 120 HOH HOH AAA . 
H 7 HOH 4   304 124 HOH HOH AAA . 
H 7 HOH 5   305 109 HOH HOH AAA . 
H 7 HOH 6   306 119 HOH HOH AAA . 
H 7 HOH 7   307 112 HOH HOH AAA . 
H 7 HOH 8   308 84  HOH HOH AAA . 
H 7 HOH 9   309 90  HOH HOH AAA . 
H 7 HOH 10  310 66  HOH HOH AAA . 
H 7 HOH 11  311 117 HOH HOH AAA . 
H 7 HOH 12  312 54  HOH HOH AAA . 
H 7 HOH 13  313 68  HOH HOH AAA . 
H 7 HOH 14  314 57  HOH HOH AAA . 
H 7 HOH 15  315 21  HOH HOH AAA . 
H 7 HOH 16  316 79  HOH HOH AAA . 
H 7 HOH 17  317 51  HOH HOH AAA . 
H 7 HOH 18  318 74  HOH HOH AAA . 
H 7 HOH 19  319 69  HOH HOH AAA . 
H 7 HOH 20  320 40  HOH HOH AAA . 
H 7 HOH 21  321 37  HOH HOH AAA . 
H 7 HOH 22  322 20  HOH HOH AAA . 
H 7 HOH 23  323 111 HOH HOH AAA . 
H 7 HOH 24  324 92  HOH HOH AAA . 
H 7 HOH 25  325 47  HOH HOH AAA . 
H 7 HOH 26  326 103 HOH HOH AAA . 
H 7 HOH 27  327 56  HOH HOH AAA . 
H 7 HOH 28  328 23  HOH HOH AAA . 
H 7 HOH 29  329 31  HOH HOH AAA . 
H 7 HOH 30  330 38  HOH HOH AAA . 
H 7 HOH 31  331 80  HOH HOH AAA . 
H 7 HOH 32  332 93  HOH HOH AAA . 
H 7 HOH 33  333 26  HOH HOH AAA . 
H 7 HOH 34  334 65  HOH HOH AAA . 
H 7 HOH 35  335 87  HOH HOH AAA . 
H 7 HOH 36  336 50  HOH HOH AAA . 
H 7 HOH 37  337 22  HOH HOH AAA . 
H 7 HOH 38  338 1   HOH HOH AAA . 
H 7 HOH 39  339 17  HOH HOH AAA . 
H 7 HOH 40  340 78  HOH HOH AAA . 
H 7 HOH 41  341 71  HOH HOH AAA . 
H 7 HOH 42  342 9   HOH HOH AAA . 
H 7 HOH 43  343 33  HOH HOH AAA . 
H 7 HOH 44  344 16  HOH HOH AAA . 
H 7 HOH 45  345 34  HOH HOH AAA . 
H 7 HOH 46  346 30  HOH HOH AAA . 
H 7 HOH 47  347 10  HOH HOH AAA . 
H 7 HOH 48  348 55  HOH HOH AAA . 
H 7 HOH 49  349 15  HOH HOH AAA . 
H 7 HOH 50  350 19  HOH HOH AAA . 
H 7 HOH 51  351 6   HOH HOH AAA . 
H 7 HOH 52  352 27  HOH HOH AAA . 
H 7 HOH 53  353 118 HOH HOH AAA . 
H 7 HOH 54  354 122 HOH HOH AAA . 
H 7 HOH 55  355 91  HOH HOH AAA . 
H 7 HOH 56  356 48  HOH HOH AAA . 
H 7 HOH 57  357 39  HOH HOH AAA . 
H 7 HOH 58  358 49  HOH HOH AAA . 
H 7 HOH 59  359 60  HOH HOH AAA . 
H 7 HOH 60  360 32  HOH HOH AAA . 
H 7 HOH 61  361 116 HOH HOH AAA . 
H 7 HOH 62  362 25  HOH HOH AAA . 
H 7 HOH 63  363 42  HOH HOH AAA . 
H 7 HOH 64  364 77  HOH HOH AAA . 
H 7 HOH 65  365 24  HOH HOH AAA . 
H 7 HOH 66  366 45  HOH HOH AAA . 
H 7 HOH 67  367 2   HOH HOH AAA . 
H 7 HOH 68  368 5   HOH HOH AAA . 
H 7 HOH 69  369 35  HOH HOH AAA . 
H 7 HOH 70  370 36  HOH HOH AAA . 
H 7 HOH 71  371 67  HOH HOH AAA . 
H 7 HOH 72  372 13  HOH HOH AAA . 
H 7 HOH 73  373 83  HOH HOH AAA . 
H 7 HOH 74  374 82  HOH HOH AAA . 
H 7 HOH 75  375 11  HOH HOH AAA . 
H 7 HOH 76  376 61  HOH HOH AAA . 
H 7 HOH 77  377 52  HOH HOH AAA . 
H 7 HOH 78  378 46  HOH HOH AAA . 
H 7 HOH 79  379 44  HOH HOH AAA . 
H 7 HOH 80  380 76  HOH HOH AAA . 
H 7 HOH 81  381 7   HOH HOH AAA . 
H 7 HOH 82  382 72  HOH HOH AAA . 
H 7 HOH 83  383 41  HOH HOH AAA . 
H 7 HOH 84  384 43  HOH HOH AAA . 
H 7 HOH 85  385 3   HOH HOH AAA . 
H 7 HOH 86  386 4   HOH HOH AAA . 
H 7 HOH 87  387 53  HOH HOH AAA . 
H 7 HOH 88  388 12  HOH HOH AAA . 
H 7 HOH 89  389 59  HOH HOH AAA . 
H 7 HOH 90  390 96  HOH HOH AAA . 
H 7 HOH 91  391 108 HOH HOH AAA . 
H 7 HOH 92  392 63  HOH HOH AAA . 
H 7 HOH 93  393 62  HOH HOH AAA . 
H 7 HOH 94  394 14  HOH HOH AAA . 
H 7 HOH 95  395 86  HOH HOH AAA . 
H 7 HOH 96  396 123 HOH HOH AAA . 
H 7 HOH 97  397 125 HOH HOH AAA . 
H 7 HOH 98  398 98  HOH HOH AAA . 
H 7 HOH 99  399 115 HOH HOH AAA . 
H 7 HOH 100 400 75  HOH HOH AAA . 
H 7 HOH 101 401 121 HOH HOH AAA . 
H 7 HOH 102 402 18  HOH HOH AAA . 
H 7 HOH 103 403 113 HOH HOH AAA . 
H 7 HOH 104 404 70  HOH HOH AAA . 
H 7 HOH 105 405 107 HOH HOH AAA . 
H 7 HOH 106 406 85  HOH HOH AAA . 
H 7 HOH 107 407 95  HOH HOH AAA . 
H 7 HOH 108 408 97  HOH HOH AAA . 
H 7 HOH 109 409 101 HOH HOH AAA . 
H 7 HOH 110 410 114 HOH HOH AAA . 
H 7 HOH 111 411 64  HOH HOH AAA . 
H 7 HOH 112 412 8   HOH HOH AAA . 
H 7 HOH 113 413 29  HOH HOH AAA . 
H 7 HOH 114 414 58  HOH HOH AAA . 
H 7 HOH 115 415 88  HOH HOH AAA . 
H 7 HOH 116 416 73  HOH HOH AAA . 
H 7 HOH 117 417 102 HOH HOH AAA . 
H 7 HOH 118 418 99  HOH HOH AAA . 
H 7 HOH 119 419 104 HOH HOH AAA . 
H 7 HOH 120 420 28  HOH HOH AAA . 
H 7 HOH 121 421 94  HOH HOH AAA . 
H 7 HOH 122 422 105 HOH HOH AAA . 
H 7 HOH 123 423 89  HOH HOH AAA . 
H 7 HOH 124 424 106 HOH HOH AAA . 
H 7 HOH 125 425 81  HOH HOH AAA . 
H 7 HOH 126 426 100 HOH HOH AAA . 
# 
loop_
_software.citation_id 
_software.classification 
_software.compiler_name 
_software.compiler_version 
_software.contact_author 
_software.contact_author_email 
_software.date 
_software.description 
_software.dependencies 
_software.hardware 
_software.language 
_software.location 
_software.mods 
_software.name 
_software.os 
_software.os_version 
_software.type 
_software.version 
_software.pdbx_ordinal 
? refinement       ? ? ? ? ? ? ? ? ? ? ? REFMAC ? ? ? 5.8.0257 1 
? 'data reduction' ? ? ? ? ? ? ? ? ? ? ? XDS    ? ? ? .        2 
? 'data scaling'   ? ? ? ? ? ? ? ? ? ? ? SCALA  ? ? ? .        3 
? phasing          ? ? ? ? ? ? ? ? ? ? ? REFMAC ? ? ? .        4 
# 
_cell.angle_alpha                  90.000 
_cell.angle_alpha_esd              ? 
_cell.angle_beta                   100.383 
_cell.angle_beta_esd               ? 
_cell.angle_gamma                  90.000 
_cell.angle_gamma_esd              ? 
_cell.entry_id                     8BXV 
_cell.details                      ? 
_cell.formula_units_Z              ? 
_cell.length_a                     34.241 
_cell.length_a_esd                 ? 
_cell.length_b                     36.566 
_cell.length_b_esd                 ? 
_cell.length_c                     54.962 
_cell.length_c_esd                 ? 
_cell.volume                       ? 
_cell.volume_esd                   ? 
_cell.Z_PDB                        2 
_cell.reciprocal_angle_alpha       ? 
_cell.reciprocal_angle_beta        ? 
_cell.reciprocal_angle_gamma       ? 
_cell.reciprocal_angle_alpha_esd   ? 
_cell.reciprocal_angle_beta_esd    ? 
_cell.reciprocal_angle_gamma_esd   ? 
_cell.reciprocal_length_a          ? 
_cell.reciprocal_length_b          ? 
_cell.reciprocal_length_c          ? 
_cell.reciprocal_length_a_esd      ? 
_cell.reciprocal_length_b_esd      ? 
_cell.reciprocal_length_c_esd      ? 
_cell.pdbx_unique_axis             ? 
_cell.pdbx_esd_method              ? 
# 
_symmetry.entry_id                         8BXV 
_symmetry.cell_setting                     ? 
_symmetry.Int_Tables_number                4 
_symmetry.space_group_name_Hall            ? 
_symmetry.space_group_name_H-M             'P 1 21 1' 
_symmetry.pdbx_full_space_group_name_H-M   ? 
# 
_exptl.absorpt_coefficient_mu     ? 
_exptl.absorpt_correction_T_max   ? 
_exptl.absorpt_correction_T_min   ? 
_exptl.absorpt_correction_type    ? 
_exptl.absorpt_process_details    ? 
_exptl.entry_id                   8BXV 
_exptl.crystals_number            1 
_exptl.details                    ? 
_exptl.method                     'X-RAY DIFFRACTION' 
_exptl.method_details             ? 
# 
_exptl_crystal.colour                       ? 
_exptl_crystal.density_diffrn               ? 
_exptl_crystal.density_Matthews             2.40 
_exptl_crystal.density_method               ? 
_exptl_crystal.density_percent_sol          48.74 
_exptl_crystal.description                  ? 
_exptl_crystal.F_000                        ? 
_exptl_crystal.id                           1 
_exptl_crystal.preparation                  ? 
_exptl_crystal.size_max                     ? 
_exptl_crystal.size_mid                     ? 
_exptl_crystal.size_min                     ? 
_exptl_crystal.size_rad                     ? 
_exptl_crystal.colour_lustre                ? 
_exptl_crystal.colour_modifier              ? 
_exptl_crystal.colour_primary               ? 
_exptl_crystal.density_meas                 ? 
_exptl_crystal.density_meas_esd             ? 
_exptl_crystal.density_meas_gt              ? 
_exptl_crystal.density_meas_lt              ? 
_exptl_crystal.density_meas_temp            ? 
_exptl_crystal.density_meas_temp_esd        ? 
_exptl_crystal.density_meas_temp_gt         ? 
_exptl_crystal.density_meas_temp_lt         ? 
_exptl_crystal.pdbx_crystal_image_url       ? 
_exptl_crystal.pdbx_crystal_image_format    ? 
_exptl_crystal.pdbx_mosaicity               ? 
_exptl_crystal.pdbx_mosaicity_esd           ? 
_exptl_crystal.pdbx_mosaic_method           ? 
_exptl_crystal.pdbx_mosaic_block_size       ? 
_exptl_crystal.pdbx_mosaic_block_size_esd   ? 
# 
_exptl_crystal_grow.apparatus       ? 
_exptl_crystal_grow.atmosphere      ? 
_exptl_crystal_grow.crystal_id      1 
_exptl_crystal_grow.details         ? 
_exptl_crystal_grow.method          'VAPOR DIFFUSION, SITTING DROP' 
_exptl_crystal_grow.method_ref      ? 
_exptl_crystal_grow.pH              7.5 
_exptl_crystal_grow.pressure        ? 
_exptl_crystal_grow.pressure_esd    ? 
_exptl_crystal_grow.seeding         ? 
_exptl_crystal_grow.seeding_ref     ? 
_exptl_crystal_grow.temp_details    ? 
_exptl_crystal_grow.temp_esd        ? 
_exptl_crystal_grow.time            ? 
_exptl_crystal_grow.pdbx_details    
;0.12M alcohols (0.02 M each of 1,6-Hexanediol, 1-Butanol, 1,2-Propanediol (racemic), 2-Propanol, 1,4- Butanediol and 1,3-Propanediol), 0.1 M MOPS/HEPES-Na pH 7.5, 12.5% (w/v) PEG 1000, 12.5% (w/v) PEG 3350, 12.5% (v/v) MPD
;
_exptl_crystal_grow.pdbx_pH_range   ? 
_exptl_crystal_grow.temp            293 
# 
_diffrn.ambient_environment              ? 
_diffrn.ambient_temp                     100 
_diffrn.ambient_temp_details             ? 
_diffrn.ambient_temp_esd                 ? 
_diffrn.crystal_id                       1 
_diffrn.crystal_support                  ? 
_diffrn.crystal_treatment                ? 
_diffrn.details                          ? 
_diffrn.id                               1 
_diffrn.ambient_pressure                 ? 
_diffrn.ambient_pressure_esd             ? 
_diffrn.ambient_pressure_gt              ? 
_diffrn.ambient_pressure_lt              ? 
_diffrn.ambient_temp_gt                  ? 
_diffrn.ambient_temp_lt                  ? 
_diffrn.pdbx_serial_crystal_experiment   N 
# 
_diffrn_detector.details                      ? 
_diffrn_detector.detector                     PIXEL 
_diffrn_detector.diffrn_id                    1 
_diffrn_detector.type                         'DECTRIS EIGER2 XE 9M' 
_diffrn_detector.area_resol_mean              ? 
_diffrn_detector.dtime                        ? 
_diffrn_detector.pdbx_frames_total            ? 
_diffrn_detector.pdbx_collection_time_total   ? 
_diffrn_detector.pdbx_collection_date         2019-04-08 
_diffrn_detector.pdbx_frequency               ? 
# 
_diffrn_radiation.collimation                      ? 
_diffrn_radiation.diffrn_id                        1 
_diffrn_radiation.filter_edge                      ? 
_diffrn_radiation.inhomogeneity                    ? 
_diffrn_radiation.monochromator                    ? 
_diffrn_radiation.polarisn_norm                    ? 
_diffrn_radiation.polarisn_ratio                   ? 
_diffrn_radiation.probe                            ? 
_diffrn_radiation.type                             ? 
_diffrn_radiation.xray_symbol                      ? 
_diffrn_radiation.wavelength_id                    1 
_diffrn_radiation.pdbx_monochromatic_or_laue_m_l   M 
_diffrn_radiation.pdbx_wavelength_list             ? 
_diffrn_radiation.pdbx_wavelength                  ? 
_diffrn_radiation.pdbx_diffrn_protocol             'SINGLE WAVELENGTH' 
_diffrn_radiation.pdbx_analyzer                    ? 
_diffrn_radiation.pdbx_scattering_type             x-ray 
# 
_diffrn_radiation_wavelength.id           1 
_diffrn_radiation_wavelength.wavelength   0.91587 
_diffrn_radiation_wavelength.wt           1.0 
# 
_diffrn_source.current                     ? 
_diffrn_source.details                     ? 
_diffrn_source.diffrn_id                   1 
_diffrn_source.power                       ? 
_diffrn_source.size                        ? 
_diffrn_source.source                      SYNCHROTRON 
_diffrn_source.target                      ? 
_diffrn_source.type                        'DIAMOND BEAMLINE I04-1' 
_diffrn_source.voltage                     ? 
_diffrn_source.take-off_angle              ? 
_diffrn_source.pdbx_wavelength_list        0.91587 
_diffrn_source.pdbx_wavelength             ? 
_diffrn_source.pdbx_synchrotron_beamline   I04-1 
_diffrn_source.pdbx_synchrotron_site       Diamond 
# 
_reflns.B_iso_Wilson_estimate                          ? 
_reflns.entry_id                                       8BXV 
_reflns.data_reduction_details                         ? 
_reflns.data_reduction_method                          ? 
_reflns.d_resolution_high                              1.30 
_reflns.d_resolution_low                               54.06 
_reflns.details                                        ? 
_reflns.limit_h_max                                    ? 
_reflns.limit_h_min                                    ? 
_reflns.limit_k_max                                    ? 
_reflns.limit_k_min                                    ? 
_reflns.limit_l_max                                    ? 
_reflns.limit_l_min                                    ? 
_reflns.number_all                                     ? 
_reflns.number_obs                                     31153 
_reflns.observed_criterion                             ? 
_reflns.observed_criterion_F_max                       ? 
_reflns.observed_criterion_F_min                       ? 
_reflns.observed_criterion_I_max                       ? 
_reflns.observed_criterion_I_min                       ? 
_reflns.observed_criterion_sigma_F                     ? 
_reflns.observed_criterion_sigma_I                     ? 
_reflns.percent_possible_obs                           94.3 
_reflns.R_free_details                                 ? 
_reflns.Rmerge_F_all                                   ? 
_reflns.Rmerge_F_obs                                   ? 
_reflns.Friedel_coverage                               ? 
_reflns.number_gt                                      ? 
_reflns.threshold_expression                           ? 
_reflns.pdbx_redundancy                                6.4 
_reflns.pdbx_netI_over_av_sigmaI                       ? 
_reflns.pdbx_netI_over_sigmaI                          22.5 
_reflns.pdbx_res_netI_over_av_sigmaI_2                 ? 
_reflns.pdbx_res_netI_over_sigmaI_2                    ? 
_reflns.pdbx_chi_squared                               ? 
_reflns.pdbx_scaling_rejects                           ? 
_reflns.pdbx_d_res_high_opt                            ? 
_reflns.pdbx_d_res_low_opt                             ? 
_reflns.pdbx_d_res_opt_method                          ? 
_reflns.phase_calculation_details                      ? 
_reflns.pdbx_Rrim_I_all                                ? 
_reflns.pdbx_Rpim_I_all                                ? 
_reflns.pdbx_d_opt                                     ? 
_reflns.pdbx_number_measured_all                       ? 
_reflns.pdbx_diffrn_id                                 1 
_reflns.pdbx_ordinal                                   1 
_reflns.pdbx_CC_half                                   0.999 
_reflns.pdbx_CC_star                                   ? 
_reflns.pdbx_R_split                                   ? 
_reflns.pdbx_Rmerge_I_obs                              ? 
_reflns.pdbx_Rmerge_I_all                              ? 
_reflns.pdbx_Rsym_value                                ? 
_reflns.pdbx_CC_split_method                           ? 
_reflns.pdbx_aniso_diffraction_limit_axis_1_ortho[1]   ? 
_reflns.pdbx_aniso_diffraction_limit_axis_1_ortho[2]   ? 
_reflns.pdbx_aniso_diffraction_limit_axis_1_ortho[3]   ? 
_reflns.pdbx_aniso_diffraction_limit_axis_2_ortho[1]   ? 
_reflns.pdbx_aniso_diffraction_limit_axis_2_ortho[2]   ? 
_reflns.pdbx_aniso_diffraction_limit_axis_2_ortho[3]   ? 
_reflns.pdbx_aniso_diffraction_limit_axis_3_ortho[1]   ? 
_reflns.pdbx_aniso_diffraction_limit_axis_3_ortho[2]   ? 
_reflns.pdbx_aniso_diffraction_limit_axis_3_ortho[3]   ? 
_reflns.pdbx_aniso_diffraction_limit_1                 ? 
_reflns.pdbx_aniso_diffraction_limit_2                 ? 
_reflns.pdbx_aniso_diffraction_limit_3                 ? 
_reflns.pdbx_aniso_B_tensor_eigenvector_1_ortho[1]     ? 
_reflns.pdbx_aniso_B_tensor_eigenvector_1_ortho[2]     ? 
_reflns.pdbx_aniso_B_tensor_eigenvector_1_ortho[3]     ? 
_reflns.pdbx_aniso_B_tensor_eigenvector_2_ortho[1]     ? 
_reflns.pdbx_aniso_B_tensor_eigenvector_2_ortho[2]     ? 
_reflns.pdbx_aniso_B_tensor_eigenvector_2_ortho[3]     ? 
_reflns.pdbx_aniso_B_tensor_eigenvector_3_ortho[1]     ? 
_reflns.pdbx_aniso_B_tensor_eigenvector_3_ortho[2]     ? 
_reflns.pdbx_aniso_B_tensor_eigenvector_3_ortho[3]     ? 
_reflns.pdbx_aniso_B_tensor_eigenvalue_1               ? 
_reflns.pdbx_aniso_B_tensor_eigenvalue_2               ? 
_reflns.pdbx_aniso_B_tensor_eigenvalue_3               ? 
_reflns.pdbx_orthogonalization_convention              ? 
_reflns.pdbx_percent_possible_ellipsoidal              ? 
_reflns.pdbx_percent_possible_spherical                ? 
_reflns.pdbx_percent_possible_ellipsoidal_anomalous    ? 
_reflns.pdbx_percent_possible_spherical_anomalous      ? 
_reflns.pdbx_redundancy_anomalous                      ? 
_reflns.pdbx_CC_half_anomalous                         ? 
_reflns.pdbx_absDiff_over_sigma_anomalous              ? 
_reflns.pdbx_percent_possible_anomalous                ? 
_reflns.pdbx_observed_signal_threshold                 ? 
_reflns.pdbx_signal_type                               ? 
_reflns.pdbx_signal_details                            ? 
_reflns.pdbx_signal_software_id                        ? 
# 
_reflns_shell.d_res_high                                    1.30 
_reflns_shell.d_res_low                                     1.37 
_reflns_shell.meanI_over_sigI_all                           ? 
_reflns_shell.meanI_over_sigI_obs                           ? 
_reflns_shell.number_measured_all                           ? 
_reflns_shell.number_measured_obs                           ? 
_reflns_shell.number_possible                               ? 
_reflns_shell.number_unique_all                             ? 
_reflns_shell.number_unique_obs                             4715 
_reflns_shell.percent_possible_obs                          ? 
_reflns_shell.Rmerge_F_all                                  ? 
_reflns_shell.Rmerge_F_obs                                  ? 
_reflns_shell.meanI_over_sigI_gt                            ? 
_reflns_shell.meanI_over_uI_all                             ? 
_reflns_shell.meanI_over_uI_gt                              ? 
_reflns_shell.number_measured_gt                            ? 
_reflns_shell.number_unique_gt                              ? 
_reflns_shell.percent_possible_gt                           ? 
_reflns_shell.Rmerge_F_gt                                   ? 
_reflns_shell.Rmerge_I_gt                                   ? 
_reflns_shell.pdbx_redundancy                               6.7 
_reflns_shell.pdbx_chi_squared                              ? 
_reflns_shell.pdbx_netI_over_sigmaI_all                     ? 
_reflns_shell.pdbx_netI_over_sigmaI_obs                     ? 
_reflns_shell.pdbx_Rrim_I_all                               ? 
_reflns_shell.pdbx_Rpim_I_all                               ? 
_reflns_shell.pdbx_rejects                                  ? 
_reflns_shell.pdbx_ordinal                                  1 
_reflns_shell.pdbx_diffrn_id                                1 
_reflns_shell.pdbx_CC_half                                  0.980 
_reflns_shell.pdbx_CC_star                                  ? 
_reflns_shell.pdbx_R_split                                  ? 
_reflns_shell.percent_possible_all                          97.8 
_reflns_shell.Rmerge_I_all                                  ? 
_reflns_shell.Rmerge_I_obs                                  ? 
_reflns_shell.pdbx_Rsym_value                               ? 
_reflns_shell.pdbx_percent_possible_ellipsoidal             ? 
_reflns_shell.pdbx_percent_possible_spherical               ? 
_reflns_shell.pdbx_percent_possible_ellipsoidal_anomalous   ? 
_reflns_shell.pdbx_percent_possible_spherical_anomalous     ? 
_reflns_shell.pdbx_redundancy_anomalous                     ? 
_reflns_shell.pdbx_CC_half_anomalous                        ? 
_reflns_shell.pdbx_absDiff_over_sigma_anomalous             ? 
_reflns_shell.pdbx_percent_possible_anomalous               ? 
# 
_refine.aniso_B[1][1]                            -0.221 
_refine.aniso_B[1][2]                            0.000 
_refine.aniso_B[1][3]                            0.265 
_refine.aniso_B[2][2]                            0.890 
_refine.aniso_B[2][3]                            0.000 
_refine.aniso_B[3][3]                            -0.719 
_refine.B_iso_max                                ? 
_refine.B_iso_mean                               22.994 
_refine.B_iso_min                                ? 
_refine.correlation_coeff_Fo_to_Fc               0.969 
_refine.correlation_coeff_Fo_to_Fc_free          0.954 
_refine.details                                  'Hydrogens have been added in their riding positions' 
_refine.diff_density_max                         ? 
_refine.diff_density_max_esd                     ? 
_refine.diff_density_min                         ? 
_refine.diff_density_min_esd                     ? 
_refine.diff_density_rms                         ? 
_refine.diff_density_rms_esd                     ? 
_refine.entry_id                                 8BXV 
_refine.pdbx_refine_id                           'X-RAY DIFFRACTION' 
_refine.ls_abs_structure_details                 ? 
_refine.ls_abs_structure_Flack                   ? 
_refine.ls_abs_structure_Flack_esd               ? 
_refine.ls_abs_structure_Rogers                  ? 
_refine.ls_abs_structure_Rogers_esd              ? 
_refine.ls_d_res_high                            1.300 
_refine.ls_d_res_low                             54.06 
_refine.ls_extinction_coef                       ? 
_refine.ls_extinction_coef_esd                   ? 
_refine.ls_extinction_expression                 ? 
_refine.ls_extinction_method                     ? 
_refine.ls_goodness_of_fit_all                   ? 
_refine.ls_goodness_of_fit_all_esd               ? 
_refine.ls_goodness_of_fit_obs                   ? 
_refine.ls_goodness_of_fit_obs_esd               ? 
_refine.ls_hydrogen_treatment                    ? 
_refine.ls_matrix_type                           ? 
_refine.ls_number_constraints                    ? 
_refine.ls_number_parameters                     ? 
_refine.ls_number_reflns_all                     ? 
_refine.ls_number_reflns_obs                     31140 
_refine.ls_number_reflns_R_free                  1581 
_refine.ls_number_reflns_R_work                  29559 
_refine.ls_number_restraints                     ? 
_refine.ls_percent_reflns_obs                    93.948 
_refine.ls_percent_reflns_R_free                 5.077 
_refine.ls_R_factor_all                          0.187 
_refine.ls_R_factor_obs                          ? 
_refine.ls_R_factor_R_free                       0.2202 
_refine.ls_R_factor_R_free_error                 ? 
_refine.ls_R_factor_R_free_error_details         ? 
_refine.ls_R_factor_R_work                       0.1851 
_refine.ls_R_Fsqd_factor_obs                     ? 
_refine.ls_R_I_factor_obs                        ? 
_refine.ls_redundancy_reflns_all                 ? 
_refine.ls_redundancy_reflns_obs                 ? 
_refine.ls_restrained_S_all                      ? 
_refine.ls_restrained_S_obs                      ? 
_refine.ls_shift_over_esd_max                    ? 
_refine.ls_shift_over_esd_mean                   ? 
_refine.ls_structure_factor_coef                 ? 
_refine.ls_weighting_details                     ? 
_refine.ls_weighting_scheme                      ? 
_refine.ls_wR_factor_all                         ? 
_refine.ls_wR_factor_obs                         ? 
_refine.ls_wR_factor_R_free                      ? 
_refine.ls_wR_factor_R_work                      ? 
_refine.occupancy_max                            ? 
_refine.occupancy_min                            ? 
_refine.solvent_model_details                    'MASK BULK SOLVENT' 
_refine.solvent_model_param_bsol                 ? 
_refine.solvent_model_param_ksol                 ? 
_refine.pdbx_R_complete                          ? 
_refine.ls_R_factor_gt                           ? 
_refine.ls_goodness_of_fit_gt                    ? 
_refine.ls_goodness_of_fit_ref                   ? 
_refine.ls_shift_over_su_max                     ? 
_refine.ls_shift_over_su_max_lt                  ? 
_refine.ls_shift_over_su_mean                    ? 
_refine.ls_shift_over_su_mean_lt                 ? 
_refine.pdbx_ls_sigma_I                          ? 
_refine.pdbx_ls_sigma_F                          ? 
_refine.pdbx_ls_sigma_Fsqd                       ? 
_refine.pdbx_data_cutoff_high_absF               ? 
_refine.pdbx_data_cutoff_high_rms_absF           ? 
_refine.pdbx_data_cutoff_low_absF                ? 
_refine.pdbx_isotropic_thermal_model             ? 
_refine.pdbx_ls_cross_valid_method               'FREE R-VALUE' 
_refine.pdbx_method_to_determine_struct          'MOLECULAR REPLACEMENT' 
_refine.pdbx_starting_model                      ? 
_refine.pdbx_stereochemistry_target_values       ? 
_refine.pdbx_R_Free_selection_details            ? 
_refine.pdbx_stereochem_target_val_spec_case     ? 
_refine.pdbx_overall_ESU_R                       0.057 
_refine.pdbx_overall_ESU_R_Free                  0.062 
_refine.pdbx_solvent_vdw_probe_radii             1.200 
_refine.pdbx_solvent_ion_probe_radii             0.800 
_refine.pdbx_solvent_shrinkage_radii             0.800 
_refine.pdbx_real_space_R                        ? 
_refine.pdbx_density_correlation                 ? 
_refine.pdbx_pd_number_of_powder_patterns        ? 
_refine.pdbx_pd_number_of_points                 ? 
_refine.pdbx_pd_meas_number_of_points            ? 
_refine.pdbx_pd_proc_ls_prof_R_factor            ? 
_refine.pdbx_pd_proc_ls_prof_wR_factor           ? 
_refine.pdbx_pd_Marquardt_correlation_coeff      ? 
_refine.pdbx_pd_Fsqrd_R_factor                   ? 
_refine.pdbx_pd_ls_matrix_band_width             ? 
_refine.pdbx_overall_phase_error                 ? 
_refine.pdbx_overall_SU_R_free_Cruickshank_DPI   ? 
_refine.pdbx_overall_SU_R_free_Blow_DPI          ? 
_refine.pdbx_overall_SU_R_Blow_DPI               ? 
_refine.pdbx_TLS_residual_ADP_flag               ? 
_refine.pdbx_diffrn_id                           1 
_refine.overall_SU_B                             0.837 
_refine.overall_SU_ML                            0.037 
_refine.overall_SU_R_Cruickshank_DPI             ? 
_refine.overall_SU_R_free                        ? 
_refine.overall_FOM_free_R_set                   ? 
_refine.overall_FOM_work_R_set                   ? 
_refine.pdbx_average_fsc_overall                 ? 
_refine.pdbx_average_fsc_work                    ? 
_refine.pdbx_average_fsc_free                    ? 
# 
_refine_hist.pdbx_refine_id                   'X-RAY DIFFRACTION' 
_refine_hist.cycle_id                         LAST 
_refine_hist.pdbx_number_atoms_protein        973 
_refine_hist.pdbx_number_atoms_nucleic_acid   0 
_refine_hist.pdbx_number_atoms_ligand         33 
_refine_hist.number_atoms_solvent             126 
_refine_hist.number_atoms_total               1132 
_refine_hist.d_res_high                       1.300 
_refine_hist.d_res_low                        54.06 
# 
loop_
_refine_ls_restr.pdbx_refine_id 
_refine_ls_restr.criterion 
_refine_ls_restr.dev_ideal 
_refine_ls_restr.dev_ideal_target 
_refine_ls_restr.number 
_refine_ls_restr.rejects 
_refine_ls_restr.type 
_refine_ls_restr.weight 
_refine_ls_restr.pdbx_restraint_function 
'X-RAY DIFFRACTION' ? 0.015  0.013  1182 ? r_bond_refined_d               ? ? 
'X-RAY DIFFRACTION' ? 0.001  0.017  1141 ? r_bond_other_d                 ? ? 
'X-RAY DIFFRACTION' ? 1.958  1.669  1594 ? r_angle_refined_deg            ? ? 
'X-RAY DIFFRACTION' ? 1.541  1.599  2644 ? r_angle_other_deg              ? ? 
'X-RAY DIFFRACTION' ? 6.396  5.000  152  ? r_dihedral_angle_1_deg         ? ? 
'X-RAY DIFFRACTION' ? 31.476 21.290 62   ? r_dihedral_angle_2_deg         ? ? 
'X-RAY DIFFRACTION' ? 14.105 15.000 242  ? r_dihedral_angle_3_deg         ? ? 
'X-RAY DIFFRACTION' ? 16.419 15.000 11   ? r_dihedral_angle_4_deg         ? ? 
'X-RAY DIFFRACTION' ? 0.092  0.200  150  ? r_chiral_restr                 ? ? 
'X-RAY DIFFRACTION' ? 0.010  0.020  1353 ? r_gen_planes_refined           ? ? 
'X-RAY DIFFRACTION' ? 0.002  0.020  252  ? r_gen_planes_other             ? ? 
'X-RAY DIFFRACTION' ? 0.295  0.200  326  ? r_nbd_refined                  ? ? 
'X-RAY DIFFRACTION' ? 0.188  0.200  1079 ? r_symmetry_nbd_other           ? ? 
'X-RAY DIFFRACTION' ? 0.180  0.200  544  ? r_nbtor_refined                ? ? 
'X-RAY DIFFRACTION' ? 0.089  0.200  494  ? r_symmetry_nbtor_other         ? ? 
'X-RAY DIFFRACTION' ? 0.155  0.200  97   ? r_xyhbond_nbd_refined          ? ? 
'X-RAY DIFFRACTION' ? 0.120  0.200  1    ? r_metal_ion_refined            ? ? 
'X-RAY DIFFRACTION' ? 0.108  0.200  3    ? r_symmetry_nbd_refined         ? ? 
'X-RAY DIFFRACTION' ? 0.200  0.200  25   ? r_nbd_other                    ? ? 
'X-RAY DIFFRACTION' ? 0.121  0.200  14   ? r_symmetry_xyhbond_nbd_refined ? ? 
'X-RAY DIFFRACTION' ? 1.803  2.080  569  ? r_mcbond_it                    ? ? 
'X-RAY DIFFRACTION' ? 1.807  2.082  570  ? r_mcbond_other                 ? ? 
'X-RAY DIFFRACTION' ? 2.601  3.128  734  ? r_mcangle_it                   ? ? 
'X-RAY DIFFRACTION' ? 2.600  3.127  735  ? r_mcangle_other                ? ? 
'X-RAY DIFFRACTION' ? 2.996  2.520  613  ? r_scbond_it                    ? ? 
'X-RAY DIFFRACTION' ? 2.994  2.521  614  ? r_scbond_other                 ? ? 
'X-RAY DIFFRACTION' ? 4.349  3.631  860  ? r_scangle_it                   ? ? 
'X-RAY DIFFRACTION' ? 4.347  3.632  861  ? r_scangle_other                ? ? 
'X-RAY DIFFRACTION' ? 6.097  26.854 1467 ? r_lrange_it                    ? ? 
'X-RAY DIFFRACTION' ? 6.006  26.406 1440 ? r_lrange_other                 ? ? 
# 
loop_
_refine_ls_shell.pdbx_refine_id 
_refine_ls_shell.d_res_high 
_refine_ls_shell.d_res_low 
_refine_ls_shell.number_reflns_all 
_refine_ls_shell.number_reflns_obs 
_refine_ls_shell.number_reflns_R_free 
_refine_ls_shell.number_reflns_R_work 
_refine_ls_shell.percent_reflns_obs 
_refine_ls_shell.percent_reflns_R_free 
_refine_ls_shell.R_factor_all 
_refine_ls_shell.R_factor_obs 
_refine_ls_shell.R_factor_R_free_error 
_refine_ls_shell.R_factor_R_work 
_refine_ls_shell.redundancy_reflns_all 
_refine_ls_shell.redundancy_reflns_obs 
_refine_ls_shell.wR_factor_all 
_refine_ls_shell.wR_factor_obs 
_refine_ls_shell.wR_factor_R_free 
_refine_ls_shell.wR_factor_R_work 
_refine_ls_shell.pdbx_R_complete 
_refine_ls_shell.pdbx_total_number_of_bins_used 
_refine_ls_shell.pdbx_phase_error 
_refine_ls_shell.pdbx_fsc_work 
_refine_ls_shell.pdbx_fsc_free 
_refine_ls_shell.R_factor_R_free 
'X-RAY DIFFRACTION' 1.334 1.370 . . 115 2239 97.6358 . . . . 0.234 . . . . . . . . . . . 0.254 
'X-RAY DIFFRACTION' 1.370 1.410 . . 105 2148 97.6593 . . . . 0.229 . . . . . . . . . . . 0.243 
'X-RAY DIFFRACTION' 1.410 1.453 . . 108 2059 98.0987 . . . . 0.212 . . . . . . . . . . . 0.243 
'X-RAY DIFFRACTION' 1.453 1.501 . . 112 2035 98.2609 . . . . 0.194 . . . . . . . . . . . 0.228 
'X-RAY DIFFRACTION' 1.501 1.554 . . 115 1960 98.2481 . . . . 0.188 . . . . . . . . . . . 0.214 
'X-RAY DIFFRACTION' 1.554 1.612 . . 123 1859 97.8765 . . . . 0.185 . . . . . . . . . . . 0.210 
'X-RAY DIFFRACTION' 1.612 1.678 . . 89  1833 98.4127 . . . . 0.183 . . . . . . . . . . . 0.219 
'X-RAY DIFFRACTION' 1.678 1.753 . . 94  1753 98.8229 . . . . 0.189 . . . . . . . . . . . 0.220 
'X-RAY DIFFRACTION' 1.753 1.838 . . 106 1680 98.4565 . . . . 0.183 . . . . . . . . . . . 0.221 
'X-RAY DIFFRACTION' 1.838 1.937 . . 52  1215 74.1369 . . . . 0.195 . . . . . . . . . . . 0.221 
'X-RAY DIFFRACTION' 1.937 2.055 . . 67  1341 87.0748 . . . . 0.188 . . . . . . . . . . . 0.188 
'X-RAY DIFFRACTION' 2.055 2.196 . . 55  1153 79.3693 . . . . 0.168 . . . . . . . . . . . 0.214 
'X-RAY DIFFRACTION' 2.196 2.372 . . 57  1095 81.2985 . . . . 0.162 . . . . . . . . . . . 0.164 
'X-RAY DIFFRACTION' 2.372 2.598 . . 64  1238 98.6364 . . . . 0.165 . . . . . . . . . . . 0.241 
'X-RAY DIFFRACTION' 2.598 2.904 . . 52  986  87.8173 . . . . 0.180 . . . . . . . . . . . 0.221 
'X-RAY DIFFRACTION' 2.904 3.351 . . 44  1003 99.3359 . . . . 0.189 . . . . . . . . . . . 0.218 
'X-RAY DIFFRACTION' 3.351 4.100 . . 40  713  84.0402 . . . . 0.169 . . . . . . . . . . . 0.216 
'X-RAY DIFFRACTION' 4.100 5.782 . . 36  660  98.0282 . . . . 0.179 . . . . . . . . . . . 0.207 
# 
_struct.entry_id                     8BXV 
_struct.title                        'Crystal structure of Odorant Binding Protein 5 from Anopheles gambiae (AgamOBP5) with Thymol' 
_struct.pdbx_model_details           ? 
_struct.pdbx_formula_weight          ? 
_struct.pdbx_formula_weight_method   ? 
_struct.pdbx_model_type_details      ? 
_struct.pdbx_CASP_flag               N 
# 
_struct_keywords.entry_id        8BXV 
_struct_keywords.text            'Odorant Binding Protein (OBP), mosquito, olfaction, Thymol, TRANSPORT PROTEIN' 
_struct_keywords.pdbx_keywords   'TRANSPORT PROTEIN' 
# 
loop_
_struct_asym.id 
_struct_asym.pdbx_blank_PDB_chainid_flag 
_struct_asym.pdbx_modified 
_struct_asym.entity_id 
_struct_asym.details 
A N N 1 ? 
B N N 2 ? 
C N N 3 ? 
D N N 4 ? 
E N N 5 ? 
F N N 6 ? 
G N N 6 ? 
H N N 7 ? 
# 
_struct_ref.id                         1 
_struct_ref.db_name                    UNP 
_struct_ref.db_code                    Q8T6R6_ANOGA 
_struct_ref.pdbx_db_accession          Q8T6R6 
_struct_ref.pdbx_db_isoform            ? 
_struct_ref.entity_id                  1 
_struct_ref.pdbx_seq_one_letter_code   
;AMTRKQLINSMDMMRSACAPKFKVSTEMLDNLRGGIFAEDRELKCYTMCIAQMAGTMNKKGEINVQKTLAQMDAMLPPDM
RDKAKEAIHSCRDVQGRYKDSCDKTFYSTKCLAEYDRDVFLFP
;
_struct_ref.pdbx_align_begin           32 
# 
_struct_ref_seq.align_id                      1 
_struct_ref_seq.ref_id                        1 
_struct_ref_seq.pdbx_PDB_id_code              8BXV 
_struct_ref_seq.pdbx_strand_id                AAA 
_struct_ref_seq.seq_align_beg                 1 
_struct_ref_seq.pdbx_seq_align_beg_ins_code   ? 
_struct_ref_seq.seq_align_end                 123 
_struct_ref_seq.pdbx_seq_align_end_ins_code   ? 
_struct_ref_seq.pdbx_db_accession             Q8T6R6 
_struct_ref_seq.db_align_beg                  32 
_struct_ref_seq.pdbx_db_align_beg_ins_code    ? 
_struct_ref_seq.db_align_end                  154 
_struct_ref_seq.pdbx_db_align_end_ins_code    ? 
_struct_ref_seq.pdbx_auth_seq_align_beg       1 
_struct_ref_seq.pdbx_auth_seq_align_end       123 
# 
_pdbx_struct_assembly.id                   1 
_pdbx_struct_assembly.details              author_and_software_defined_assembly 
_pdbx_struct_assembly.method_details       PISA 
_pdbx_struct_assembly.oligomeric_details   monomeric 
_pdbx_struct_assembly.oligomeric_count     1 
# 
loop_
_pdbx_struct_assembly_prop.biol_id 
_pdbx_struct_assembly_prop.type 
_pdbx_struct_assembly_prop.value 
_pdbx_struct_assembly_prop.details 
1 'ABSA (A^2)' 1600 ? 
1 MORE         -17  ? 
1 'SSA (A^2)'  6730 ? 
# 
_pdbx_struct_assembly_gen.assembly_id       1 
_pdbx_struct_assembly_gen.oper_expression   1 
_pdbx_struct_assembly_gen.asym_id_list      A,B,C,D,E,F,G,H 
# 
_pdbx_struct_assembly_auth_evidence.id                     1 
_pdbx_struct_assembly_auth_evidence.assembly_id            1 
_pdbx_struct_assembly_auth_evidence.experimental_support   none 
_pdbx_struct_assembly_auth_evidence.details                ? 
# 
_pdbx_struct_oper_list.id                   1 
_pdbx_struct_oper_list.type                 'identity operation' 
_pdbx_struct_oper_list.name                 1_555 
_pdbx_struct_oper_list.symmetry_operation   x,y,z 
_pdbx_struct_oper_list.matrix[1][1]         1.0000000000 
_pdbx_struct_oper_list.matrix[1][2]         0.0000000000 
_pdbx_struct_oper_list.matrix[1][3]         0.0000000000 
_pdbx_struct_oper_list.vector[1]            0.0000000000 
_pdbx_struct_oper_list.matrix[2][1]         0.0000000000 
_pdbx_struct_oper_list.matrix[2][2]         1.0000000000 
_pdbx_struct_oper_list.matrix[2][3]         0.0000000000 
_pdbx_struct_oper_list.vector[2]            0.0000000000 
_pdbx_struct_oper_list.matrix[3][1]         0.0000000000 
_pdbx_struct_oper_list.matrix[3][2]         0.0000000000 
_pdbx_struct_oper_list.matrix[3][3]         1.0000000000 
_pdbx_struct_oper_list.vector[3]            0.0000000000 
# 
loop_
_struct_conf.conf_type_id 
_struct_conf.id 
_struct_conf.pdbx_PDB_helix_id 
_struct_conf.beg_label_comp_id 
_struct_conf.beg_label_asym_id 
_struct_conf.beg_label_seq_id 
_struct_conf.pdbx_beg_PDB_ins_code 
_struct_conf.end_label_comp_id 
_struct_conf.end_label_asym_id 
_struct_conf.end_label_seq_id 
_struct_conf.pdbx_end_PDB_ins_code 
_struct_conf.beg_auth_comp_id 
_struct_conf.beg_auth_asym_id 
_struct_conf.beg_auth_seq_id 
_struct_conf.end_auth_comp_id 
_struct_conf.end_auth_asym_id 
_struct_conf.end_auth_seq_id 
_struct_conf.pdbx_PDB_helix_class 
_struct_conf.details 
_struct_conf.pdbx_PDB_helix_length 
HELX_P HELX_P1 AA1 THR A 3   ? ALA A 19  ? THR AAA 3   ALA AAA 19  1 ? 17 
HELX_P HELX_P2 AA2 PRO A 20  ? PHE A 22  ? PRO AAA 20  PHE AAA 22  5 ? 3  
HELX_P HELX_P3 AA3 SER A 25  ? GLY A 34  ? SER AAA 25  GLY AAA 34  1 ? 10 
HELX_P HELX_P4 AA4 ASP A 40  ? ALA A 54  ? ASP AAA 40  ALA AAA 54  1 ? 15 
HELX_P HELX_P5 AA5 ASN A 64  ? LEU A 76  ? ASN AAA 64  LEU AAA 76  1 ? 13 
HELX_P HELX_P6 AA6 PRO A 77  ? CYS A 91  ? PRO AAA 77  CYS AAA 91  1 ? 15 
HELX_P HELX_P7 AA7 ASP A 93  ? TYR A 98  ? ASP AAA 93  TYR AAA 98  5 ? 6  
HELX_P HELX_P8 AA8 ASP A 100 ? ASP A 116 ? ASP AAA 100 ASP AAA 116 1 ? 17 
# 
_struct_conf_type.id          HELX_P 
_struct_conf_type.criteria    ? 
_struct_conf_type.reference   ? 
# 
loop_
_struct_conn.id 
_struct_conn.conn_type_id 
_struct_conn.pdbx_leaving_atom_flag 
_struct_conn.pdbx_PDB_id 
_struct_conn.ptnr1_label_asym_id 
_struct_conn.ptnr1_label_comp_id 
_struct_conn.ptnr1_label_seq_id 
_struct_conn.ptnr1_label_atom_id 
_struct_conn.pdbx_ptnr1_label_alt_id 
_struct_conn.pdbx_ptnr1_PDB_ins_code 
_struct_conn.pdbx_ptnr1_standard_comp_id 
_struct_conn.ptnr1_symmetry 
_struct_conn.ptnr2_label_asym_id 
_struct_conn.ptnr2_label_comp_id 
_struct_conn.ptnr2_label_seq_id 
_struct_conn.ptnr2_label_atom_id 
_struct_conn.pdbx_ptnr2_label_alt_id 
_struct_conn.pdbx_ptnr2_PDB_ins_code 
_struct_conn.ptnr1_auth_asym_id 
_struct_conn.ptnr1_auth_comp_id 
_struct_conn.ptnr1_auth_seq_id 
_struct_conn.ptnr2_auth_asym_id 
_struct_conn.ptnr2_auth_comp_id 
_struct_conn.ptnr2_auth_seq_id 
_struct_conn.ptnr2_symmetry 
_struct_conn.pdbx_ptnr3_label_atom_id 
_struct_conn.pdbx_ptnr3_label_seq_id 
_struct_conn.pdbx_ptnr3_label_comp_id 
_struct_conn.pdbx_ptnr3_label_asym_id 
_struct_conn.pdbx_ptnr3_label_alt_id 
_struct_conn.pdbx_ptnr3_PDB_ins_code 
_struct_conn.details 
_struct_conn.pdbx_dist_value 
_struct_conn.pdbx_value_order 
_struct_conn.pdbx_role 
disulf1 disulf ? ? A CYS 18  SG  ? ? ? 1_555 A CYS 49  SG ? ? AAA CYS 18  AAA CYS 49  1_555 ? ? ? ? ? ? ? 2.246 ? ? 
disulf2 disulf ? ? A CYS 45  SG  ? ? ? 1_555 A CYS 102 SG ? ? AAA CYS 45  AAA CYS 102 1_555 ? ? ? ? ? ? ? 2.212 ? ? 
disulf3 disulf ? ? A CYS 91  SG  ? ? ? 1_555 A CYS 111 SG ? ? AAA CYS 91  AAA CYS 111 1_555 ? ? ? ? ? ? ? 2.070 ? ? 
metalc1 metalc ? ? A GLU 86  OE1 ? ? ? 1_555 F NA  .   NA ? ? AAA GLU 86  AAA NA  205 1_555 ? ? ? ? ? ? ? 2.550 ? ? 
metalc2 metalc ? ? A ARG 92  O   A ? ? 1_555 G NA  .   NA ? ? AAA ARG 92  AAA NA  206 1_555 ? ? ? ? ? ? ? 2.642 ? ? 
metalc3 metalc ? ? A ARG 92  O   B ? ? 1_555 G NA  .   NA ? ? AAA ARG 92  AAA NA  206 1_555 ? ? ? ? ? ? ? 2.689 ? ? 
metalc4 metalc ? ? A TYR 115 OH  ? ? ? 1_555 F NA  .   NA ? ? AAA TYR 115 AAA NA  205 1_555 ? ? ? ? ? ? ? 2.735 ? ? 
metalc5 metalc ? ? G NA  .   NA  ? ? ? 1_555 H HOH .   O  ? ? AAA NA  206 AAA HOH 400 1_555 ? ? ? ? ? ? ? 2.290 ? ? 
# 
loop_
_struct_conn_type.id 
_struct_conn_type.criteria 
_struct_conn_type.reference 
disulf ? ? 
metalc ? ? 
# 
loop_
_pdbx_struct_conn_angle.id 
_pdbx_struct_conn_angle.ptnr1_label_atom_id 
_pdbx_struct_conn_angle.ptnr1_label_alt_id 
_pdbx_struct_conn_angle.ptnr1_label_asym_id 
_pdbx_struct_conn_angle.ptnr1_label_comp_id 
_pdbx_struct_conn_angle.ptnr1_label_seq_id 
_pdbx_struct_conn_angle.ptnr1_auth_atom_id 
_pdbx_struct_conn_angle.ptnr1_auth_asym_id 
_pdbx_struct_conn_angle.ptnr1_auth_comp_id 
_pdbx_struct_conn_angle.ptnr1_auth_seq_id 
_pdbx_struct_conn_angle.ptnr1_PDB_ins_code 
_pdbx_struct_conn_angle.ptnr1_symmetry 
_pdbx_struct_conn_angle.ptnr2_label_atom_id 
_pdbx_struct_conn_angle.ptnr2_label_alt_id 
_pdbx_struct_conn_angle.ptnr2_label_asym_id 
_pdbx_struct_conn_angle.ptnr2_label_comp_id 
_pdbx_struct_conn_angle.ptnr2_label_seq_id 
_pdbx_struct_conn_angle.ptnr2_auth_atom_id 
_pdbx_struct_conn_angle.ptnr2_auth_asym_id 
_pdbx_struct_conn_angle.ptnr2_auth_comp_id 
_pdbx_struct_conn_angle.ptnr2_auth_seq_id 
_pdbx_struct_conn_angle.ptnr2_PDB_ins_code 
_pdbx_struct_conn_angle.ptnr2_symmetry 
_pdbx_struct_conn_angle.ptnr3_label_atom_id 
_pdbx_struct_conn_angle.ptnr3_label_alt_id 
_pdbx_struct_conn_angle.ptnr3_label_asym_id 
_pdbx_struct_conn_angle.ptnr3_label_comp_id 
_pdbx_struct_conn_angle.ptnr3_label_seq_id 
_pdbx_struct_conn_angle.ptnr3_auth_atom_id 
_pdbx_struct_conn_angle.ptnr3_auth_asym_id 
_pdbx_struct_conn_angle.ptnr3_auth_comp_id 
_pdbx_struct_conn_angle.ptnr3_auth_seq_id 
_pdbx_struct_conn_angle.ptnr3_PDB_ins_code 
_pdbx_struct_conn_angle.ptnr3_symmetry 
_pdbx_struct_conn_angle.value 
_pdbx_struct_conn_angle.value_esd 
1 OE1 ? A GLU 86 ? AAA GLU 86 ? 1_555 NA ? F NA . ? AAA NA 205 ? 1_555 OH ? A TYR 115 ? AAA TYR 115 ? 1_555 110.3 ? 
2 O   A A ARG 92 ? AAA ARG 92 ? 1_555 NA ? G NA . ? AAA NA 206 ? 1_555 O  B A ARG 92  ? AAA ARG 92  ? 1_555 4.5   ? 
3 O   A A ARG 92 ? AAA ARG 92 ? 1_555 NA ? G NA . ? AAA NA 206 ? 1_555 O  ? H HOH .   ? AAA HOH 400 ? 1_555 126.1 ? 
4 O   B A ARG 92 ? AAA ARG 92 ? 1_555 NA ? G NA . ? AAA NA 206 ? 1_555 O  ? H HOH .   ? AAA HOH 400 ? 1_555 128.9 ? 
# 
loop_
_pdbx_modification_feature.ordinal 
_pdbx_modification_feature.label_comp_id 
_pdbx_modification_feature.label_asym_id 
_pdbx_modification_feature.label_seq_id 
_pdbx_modification_feature.label_alt_id 
_pdbx_modification_feature.modified_residue_label_comp_id 
_pdbx_modification_feature.modified_residue_label_asym_id 
_pdbx_modification_feature.modified_residue_label_seq_id 
_pdbx_modification_feature.modified_residue_label_alt_id 
_pdbx_modification_feature.auth_comp_id 
_pdbx_modification_feature.auth_asym_id 
_pdbx_modification_feature.auth_seq_id 
_pdbx_modification_feature.PDB_ins_code 
_pdbx_modification_feature.symmetry 
_pdbx_modification_feature.modified_residue_auth_comp_id 
_pdbx_modification_feature.modified_residue_auth_asym_id 
_pdbx_modification_feature.modified_residue_auth_seq_id 
_pdbx_modification_feature.modified_residue_PDB_ins_code 
_pdbx_modification_feature.modified_residue_symmetry 
_pdbx_modification_feature.comp_id_linking_atom 
_pdbx_modification_feature.modified_residue_id_linking_atom 
_pdbx_modification_feature.modified_residue_id 
_pdbx_modification_feature.ref_pcm_id 
_pdbx_modification_feature.ref_comp_id 
_pdbx_modification_feature.type 
_pdbx_modification_feature.category 
1 CYS A 18 ? CYS A 49  ? CYS AAA 18 ? 1_555 CYS AAA 49  ? 1_555 SG SG . . . None 'Disulfide bridge' 
2 CYS A 45 ? CYS A 102 ? CYS AAA 45 ? 1_555 CYS AAA 102 ? 1_555 SG SG . . . None 'Disulfide bridge' 
3 CYS A 91 ? CYS A 111 ? CYS AAA 91 ? 1_555 CYS AAA 111 ? 1_555 SG SG . . . None 'Disulfide bridge' 
# 
_pdbx_entry_details.entry_id                   8BXV 
_pdbx_entry_details.has_ligand_of_interest     Y 
_pdbx_entry_details.compound_details           ? 
_pdbx_entry_details.source_details             ? 
_pdbx_entry_details.nonpolymer_details         ? 
_pdbx_entry_details.sequence_details           ? 
_pdbx_entry_details.has_protein_modification   Y 
# 
_pdbx_validate_close_contact.id               1 
_pdbx_validate_close_contact.PDB_model_num    1 
_pdbx_validate_close_contact.auth_atom_id_1   OG 
_pdbx_validate_close_contact.auth_asym_id_1   AAA 
_pdbx_validate_close_contact.auth_comp_id_1   SER 
_pdbx_validate_close_contact.auth_seq_id_1    90 
_pdbx_validate_close_contact.PDB_ins_code_1   ? 
_pdbx_validate_close_contact.label_alt_id_1   ? 
_pdbx_validate_close_contact.auth_atom_id_2   O1 
_pdbx_validate_close_contact.auth_asym_id_2   AAA 
_pdbx_validate_close_contact.auth_comp_id_2   PEG 
_pdbx_validate_close_contact.auth_seq_id_2    203 
_pdbx_validate_close_contact.PDB_ins_code_2   ? 
_pdbx_validate_close_contact.label_alt_id_2   ? 
_pdbx_validate_close_contact.dist             2.08 
# 
loop_
_pdbx_validate_rmsd_angle.id 
_pdbx_validate_rmsd_angle.PDB_model_num 
_pdbx_validate_rmsd_angle.auth_atom_id_1 
_pdbx_validate_rmsd_angle.auth_asym_id_1 
_pdbx_validate_rmsd_angle.auth_comp_id_1 
_pdbx_validate_rmsd_angle.auth_seq_id_1 
_pdbx_validate_rmsd_angle.PDB_ins_code_1 
_pdbx_validate_rmsd_angle.label_alt_id_1 
_pdbx_validate_rmsd_angle.auth_atom_id_2 
_pdbx_validate_rmsd_angle.auth_asym_id_2 
_pdbx_validate_rmsd_angle.auth_comp_id_2 
_pdbx_validate_rmsd_angle.auth_seq_id_2 
_pdbx_validate_rmsd_angle.PDB_ins_code_2 
_pdbx_validate_rmsd_angle.label_alt_id_2 
_pdbx_validate_rmsd_angle.auth_atom_id_3 
_pdbx_validate_rmsd_angle.auth_asym_id_3 
_pdbx_validate_rmsd_angle.auth_comp_id_3 
_pdbx_validate_rmsd_angle.auth_seq_id_3 
_pdbx_validate_rmsd_angle.PDB_ins_code_3 
_pdbx_validate_rmsd_angle.label_alt_id_3 
_pdbx_validate_rmsd_angle.angle_value 
_pdbx_validate_rmsd_angle.angle_target_value 
_pdbx_validate_rmsd_angle.angle_deviation 
_pdbx_validate_rmsd_angle.angle_standard_deviation 
_pdbx_validate_rmsd_angle.linker_flag 
1 1 CG AAA MET 11 ? ? SD AAA MET 11 ? ? CE  AAA MET 11 ? ? 89.30  100.20 -10.90 1.60 N 
2 1 NE AAA ARG 41 ? B CZ AAA ARG 41 ? B NH1 AAA ARG 41 ? B 123.31 120.30 3.01   0.50 N 
3 1 NE AAA ARG 41 ? B CZ AAA ARG 41 ? B NH2 AAA ARG 41 ? B 116.81 120.30 -3.49  0.50 N 
# 
loop_
_chem_comp_atom.comp_id 
_chem_comp_atom.atom_id 
_chem_comp_atom.type_symbol 
_chem_comp_atom.pdbx_aromatic_flag 
_chem_comp_atom.pdbx_stereo_config 
_chem_comp_atom.pdbx_ordinal 
ALA N    N  N N 1   
ALA CA   C  N S 2   
ALA C    C  N N 3   
ALA O    O  N N 4   
ALA CB   C  N N 5   
ALA OXT  O  N N 6   
ALA H    H  N N 7   
ALA H2   H  N N 8   
ALA HA   H  N N 9   
ALA HB1  H  N N 10  
ALA HB2  H  N N 11  
ALA HB3  H  N N 12  
ALA HXT  H  N N 13  
ARG N    N  N N 14  
ARG CA   C  N S 15  
ARG C    C  N N 16  
ARG O    O  N N 17  
ARG CB   C  N N 18  
ARG CG   C  N N 19  
ARG CD   C  N N 20  
ARG NE   N  N N 21  
ARG CZ   C  N N 22  
ARG NH1  N  N N 23  
ARG NH2  N  N N 24  
ARG OXT  O  N N 25  
ARG H    H  N N 26  
ARG H2   H  N N 27  
ARG HA   H  N N 28  
ARG HB2  H  N N 29  
ARG HB3  H  N N 30  
ARG HG2  H  N N 31  
ARG HG3  H  N N 32  
ARG HD2  H  N N 33  
ARG HD3  H  N N 34  
ARG HE   H  N N 35  
ARG HH11 H  N N 36  
ARG HH12 H  N N 37  
ARG HH21 H  N N 38  
ARG HH22 H  N N 39  
ARG HXT  H  N N 40  
ASN N    N  N N 41  
ASN CA   C  N S 42  
ASN C    C  N N 43  
ASN O    O  N N 44  
ASN CB   C  N N 45  
ASN CG   C  N N 46  
ASN OD1  O  N N 47  
ASN ND2  N  N N 48  
ASN OXT  O  N N 49  
ASN H    H  N N 50  
ASN H2   H  N N 51  
ASN HA   H  N N 52  
ASN HB2  H  N N 53  
ASN HB3  H  N N 54  
ASN HD21 H  N N 55  
ASN HD22 H  N N 56  
ASN HXT  H  N N 57  
ASP N    N  N N 58  
ASP CA   C  N S 59  
ASP C    C  N N 60  
ASP O    O  N N 61  
ASP CB   C  N N 62  
ASP CG   C  N N 63  
ASP OD1  O  N N 64  
ASP OD2  O  N N 65  
ASP OXT  O  N N 66  
ASP H    H  N N 67  
ASP H2   H  N N 68  
ASP HA   H  N N 69  
ASP HB2  H  N N 70  
ASP HB3  H  N N 71  
ASP HD2  H  N N 72  
ASP HXT  H  N N 73  
CYS N    N  N N 74  
CYS CA   C  N R 75  
CYS C    C  N N 76  
CYS O    O  N N 77  
CYS CB   C  N N 78  
CYS SG   S  N N 79  
CYS OXT  O  N N 80  
CYS H    H  N N 81  
CYS H2   H  N N 82  
CYS HA   H  N N 83  
CYS HB2  H  N N 84  
CYS HB3  H  N N 85  
CYS HG   H  N N 86  
CYS HXT  H  N N 87  
GLN N    N  N N 88  
GLN CA   C  N S 89  
GLN C    C  N N 90  
GLN O    O  N N 91  
GLN CB   C  N N 92  
GLN CG   C  N N 93  
GLN CD   C  N N 94  
GLN OE1  O  N N 95  
GLN NE2  N  N N 96  
GLN OXT  O  N N 97  
GLN H    H  N N 98  
GLN H2   H  N N 99  
GLN HA   H  N N 100 
GLN HB2  H  N N 101 
GLN HB3  H  N N 102 
GLN HG2  H  N N 103 
GLN HG3  H  N N 104 
GLN HE21 H  N N 105 
GLN HE22 H  N N 106 
GLN HXT  H  N N 107 
GLU N    N  N N 108 
GLU CA   C  N S 109 
GLU C    C  N N 110 
GLU O    O  N N 111 
GLU CB   C  N N 112 
GLU CG   C  N N 113 
GLU CD   C  N N 114 
GLU OE1  O  N N 115 
GLU OE2  O  N N 116 
GLU OXT  O  N N 117 
GLU H    H  N N 118 
GLU H2   H  N N 119 
GLU HA   H  N N 120 
GLU HB2  H  N N 121 
GLU HB3  H  N N 122 
GLU HG2  H  N N 123 
GLU HG3  H  N N 124 
GLU HE2  H  N N 125 
GLU HXT  H  N N 126 
GLY N    N  N N 127 
GLY CA   C  N N 128 
GLY C    C  N N 129 
GLY O    O  N N 130 
GLY OXT  O  N N 131 
GLY H    H  N N 132 
GLY H2   H  N N 133 
GLY HA2  H  N N 134 
GLY HA3  H  N N 135 
GLY HXT  H  N N 136 
HIS N    N  N N 137 
HIS CA   C  N S 138 
HIS C    C  N N 139 
HIS O    O  N N 140 
HIS CB   C  N N 141 
HIS CG   C  Y N 142 
HIS ND1  N  Y N 143 
HIS CD2  C  Y N 144 
HIS CE1  C  Y N 145 
HIS NE2  N  Y N 146 
HIS OXT  O  N N 147 
HIS H    H  N N 148 
HIS H2   H  N N 149 
HIS HA   H  N N 150 
HIS HB2  H  N N 151 
HIS HB3  H  N N 152 
HIS HD1  H  N N 153 
HIS HD2  H  N N 154 
HIS HE1  H  N N 155 
HIS HE2  H  N N 156 
HIS HXT  H  N N 157 
HOH O    O  N N 158 
HOH H1   H  N N 159 
HOH H2   H  N N 160 
ILE N    N  N N 161 
ILE CA   C  N S 162 
ILE C    C  N N 163 
ILE O    O  N N 164 
ILE CB   C  N S 165 
ILE CG1  C  N N 166 
ILE CG2  C  N N 167 
ILE CD1  C  N N 168 
ILE OXT  O  N N 169 
ILE H    H  N N 170 
ILE H2   H  N N 171 
ILE HA   H  N N 172 
ILE HB   H  N N 173 
ILE HG12 H  N N 174 
ILE HG13 H  N N 175 
ILE HG21 H  N N 176 
ILE HG22 H  N N 177 
ILE HG23 H  N N 178 
ILE HD11 H  N N 179 
ILE HD12 H  N N 180 
ILE HD13 H  N N 181 
ILE HXT  H  N N 182 
IPB C4   C  Y N 183 
IPB C5   C  Y N 184 
IPB C6   C  Y N 185 
IPB C1   C  Y N 186 
IPB C2   C  Y N 187 
IPB C3   C  Y N 188 
IPB C8   C  N N 189 
IPB C7   C  N N 190 
IPB O    O  N N 191 
IPB C9   C  N N 192 
IPB C10  C  N N 193 
IPB H5   H  N N 194 
IPB H6   H  N N 195 
IPB H2   H  N N 196 
IPB H8   H  N N 197 
IPB H73  H  N N 198 
IPB H72  H  N N 199 
IPB H71  H  N N 200 
IPB H    H  N N 201 
IPB H93  H  N N 202 
IPB H92  H  N N 203 
IPB H91  H  N N 204 
IPB H103 H  N N 205 
IPB H102 H  N N 206 
IPB H101 H  N N 207 
LEU N    N  N N 208 
LEU CA   C  N S 209 
LEU C    C  N N 210 
LEU O    O  N N 211 
LEU CB   C  N N 212 
LEU CG   C  N N 213 
LEU CD1  C  N N 214 
LEU CD2  C  N N 215 
LEU OXT  O  N N 216 
LEU H    H  N N 217 
LEU H2   H  N N 218 
LEU HA   H  N N 219 
LEU HB2  H  N N 220 
LEU HB3  H  N N 221 
LEU HG   H  N N 222 
LEU HD11 H  N N 223 
LEU HD12 H  N N 224 
LEU HD13 H  N N 225 
LEU HD21 H  N N 226 
LEU HD22 H  N N 227 
LEU HD23 H  N N 228 
LEU HXT  H  N N 229 
LYS N    N  N N 230 
LYS CA   C  N S 231 
LYS C    C  N N 232 
LYS O    O  N N 233 
LYS CB   C  N N 234 
LYS CG   C  N N 235 
LYS CD   C  N N 236 
LYS CE   C  N N 237 
LYS NZ   N  N N 238 
LYS OXT  O  N N 239 
LYS H    H  N N 240 
LYS H2   H  N N 241 
LYS HA   H  N N 242 
LYS HB2  H  N N 243 
LYS HB3  H  N N 244 
LYS HG2  H  N N 245 
LYS HG3  H  N N 246 
LYS HD2  H  N N 247 
LYS HD3  H  N N 248 
LYS HE2  H  N N 249 
LYS HE3  H  N N 250 
LYS HZ1  H  N N 251 
LYS HZ2  H  N N 252 
LYS HZ3  H  N N 253 
LYS HXT  H  N N 254 
MET N    N  N N 255 
MET CA   C  N S 256 
MET C    C  N N 257 
MET O    O  N N 258 
MET CB   C  N N 259 
MET CG   C  N N 260 
MET SD   S  N N 261 
MET CE   C  N N 262 
MET OXT  O  N N 263 
MET H    H  N N 264 
MET H2   H  N N 265 
MET HA   H  N N 266 
MET HB2  H  N N 267 
MET HB3  H  N N 268 
MET HG2  H  N N 269 
MET HG3  H  N N 270 
MET HE1  H  N N 271 
MET HE2  H  N N 272 
MET HE3  H  N N 273 
MET HXT  H  N N 274 
MPD C1   C  N N 275 
MPD C2   C  N N 276 
MPD O2   O  N N 277 
MPD CM   C  N N 278 
MPD C3   C  N N 279 
MPD C4   C  N S 280 
MPD O4   O  N N 281 
MPD C5   C  N N 282 
MPD H11  H  N N 283 
MPD H12  H  N N 284 
MPD H13  H  N N 285 
MPD HO2  H  N N 286 
MPD HM1  H  N N 287 
MPD HM2  H  N N 288 
MPD HM3  H  N N 289 
MPD H31  H  N N 290 
MPD H32  H  N N 291 
MPD H4   H  N N 292 
MPD HO4  H  N N 293 
MPD H51  H  N N 294 
MPD H52  H  N N 295 
MPD H53  H  N N 296 
NA  NA   NA N N 297 
PEG C1   C  N N 298 
PEG O1   O  N N 299 
PEG C2   C  N N 300 
PEG O2   O  N N 301 
PEG C3   C  N N 302 
PEG C4   C  N N 303 
PEG O4   O  N N 304 
PEG H11  H  N N 305 
PEG H12  H  N N 306 
PEG HO1  H  N N 307 
PEG H21  H  N N 308 
PEG H22  H  N N 309 
PEG H31  H  N N 310 
PEG H32  H  N N 311 
PEG H41  H  N N 312 
PEG H42  H  N N 313 
PEG HO4  H  N N 314 
PGR C1   C  N N 315 
PGR C2   C  N R 316 
PGR C3   C  N N 317 
PGR O1   O  N N 318 
PGR O2   O  N N 319 
PGR H11  H  N N 320 
PGR H12  H  N N 321 
PGR H2   H  N N 322 
PGR H31  H  N N 323 
PGR H32  H  N N 324 
PGR H33  H  N N 325 
PGR HO1  H  N N 326 
PGR HO2  H  N N 327 
PHE N    N  N N 328 
PHE CA   C  N S 329 
PHE C    C  N N 330 
PHE O    O  N N 331 
PHE CB   C  N N 332 
PHE CG   C  Y N 333 
PHE CD1  C  Y N 334 
PHE CD2  C  Y N 335 
PHE CE1  C  Y N 336 
PHE CE2  C  Y N 337 
PHE CZ   C  Y N 338 
PHE OXT  O  N N 339 
PHE H    H  N N 340 
PHE H2   H  N N 341 
PHE HA   H  N N 342 
PHE HB2  H  N N 343 
PHE HB3  H  N N 344 
PHE HD1  H  N N 345 
PHE HD2  H  N N 346 
PHE HE1  H  N N 347 
PHE HE2  H  N N 348 
PHE HZ   H  N N 349 
PHE HXT  H  N N 350 
PRO N    N  N N 351 
PRO CA   C  N S 352 
PRO C    C  N N 353 
PRO O    O  N N 354 
PRO CB   C  N N 355 
PRO CG   C  N N 356 
PRO CD   C  N N 357 
PRO OXT  O  N N 358 
PRO H    H  N N 359 
PRO HA   H  N N 360 
PRO HB2  H  N N 361 
PRO HB3  H  N N 362 
PRO HG2  H  N N 363 
PRO HG3  H  N N 364 
PRO HD2  H  N N 365 
PRO HD3  H  N N 366 
PRO HXT  H  N N 367 
SER N    N  N N 368 
SER CA   C  N S 369 
SER C    C  N N 370 
SER O    O  N N 371 
SER CB   C  N N 372 
SER OG   O  N N 373 
SER OXT  O  N N 374 
SER H    H  N N 375 
SER H2   H  N N 376 
SER HA   H  N N 377 
SER HB2  H  N N 378 
SER HB3  H  N N 379 
SER HG   H  N N 380 
SER HXT  H  N N 381 
THR N    N  N N 382 
THR CA   C  N S 383 
THR C    C  N N 384 
THR O    O  N N 385 
THR CB   C  N R 386 
THR OG1  O  N N 387 
THR CG2  C  N N 388 
THR OXT  O  N N 389 
THR H    H  N N 390 
THR H2   H  N N 391 
THR HA   H  N N 392 
THR HB   H  N N 393 
THR HG1  H  N N 394 
THR HG21 H  N N 395 
THR HG22 H  N N 396 
THR HG23 H  N N 397 
THR HXT  H  N N 398 
TYR N    N  N N 399 
TYR CA   C  N S 400 
TYR C    C  N N 401 
TYR O    O  N N 402 
TYR CB   C  N N 403 
TYR CG   C  Y N 404 
TYR CD1  C  Y N 405 
TYR CD2  C  Y N 406 
TYR CE1  C  Y N 407 
TYR CE2  C  Y N 408 
TYR CZ   C  Y N 409 
TYR OH   O  N N 410 
TYR OXT  O  N N 411 
TYR H    H  N N 412 
TYR H2   H  N N 413 
TYR HA   H  N N 414 
TYR HB2  H  N N 415 
TYR HB3  H  N N 416 
TYR HD1  H  N N 417 
TYR HD2  H  N N 418 
TYR HE1  H  N N 419 
TYR HE2  H  N N 420 
TYR HH   H  N N 421 
TYR HXT  H  N N 422 
VAL N    N  N N 423 
VAL CA   C  N S 424 
VAL C    C  N N 425 
VAL O    O  N N 426 
VAL CB   C  N N 427 
VAL CG1  C  N N 428 
VAL CG2  C  N N 429 
VAL OXT  O  N N 430 
VAL H    H  N N 431 
VAL H2   H  N N 432 
VAL HA   H  N N 433 
VAL HB   H  N N 434 
VAL HG11 H  N N 435 
VAL HG12 H  N N 436 
VAL HG13 H  N N 437 
VAL HG21 H  N N 438 
VAL HG22 H  N N 439 
VAL HG23 H  N N 440 
VAL HXT  H  N N 441 
# 
loop_
_chem_comp_bond.comp_id 
_chem_comp_bond.atom_id_1 
_chem_comp_bond.atom_id_2 
_chem_comp_bond.value_order 
_chem_comp_bond.pdbx_aromatic_flag 
_chem_comp_bond.pdbx_stereo_config 
_chem_comp_bond.pdbx_ordinal 
ALA N   CA   sing N N 1   
ALA N   H    sing N N 2   
ALA N   H2   sing N N 3   
ALA CA  C    sing N N 4   
ALA CA  CB   sing N N 5   
ALA CA  HA   sing N N 6   
ALA C   O    doub N N 7   
ALA C   OXT  sing N N 8   
ALA CB  HB1  sing N N 9   
ALA CB  HB2  sing N N 10  
ALA CB  HB3  sing N N 11  
ALA OXT HXT  sing N N 12  
ARG N   CA   sing N N 13  
ARG N   H    sing N N 14  
ARG N   H2   sing N N 15  
ARG CA  C    sing N N 16  
ARG CA  CB   sing N N 17  
ARG CA  HA   sing N N 18  
ARG C   O    doub N N 19  
ARG C   OXT  sing N N 20  
ARG CB  CG   sing N N 21  
ARG CB  HB2  sing N N 22  
ARG CB  HB3  sing N N 23  
ARG CG  CD   sing N N 24  
ARG CG  HG2  sing N N 25  
ARG CG  HG3  sing N N 26  
ARG CD  NE   sing N N 27  
ARG CD  HD2  sing N N 28  
ARG CD  HD3  sing N N 29  
ARG NE  CZ   sing N N 30  
ARG NE  HE   sing N N 31  
ARG CZ  NH1  sing N N 32  
ARG CZ  NH2  doub N N 33  
ARG NH1 HH11 sing N N 34  
ARG NH1 HH12 sing N N 35  
ARG NH2 HH21 sing N N 36  
ARG NH2 HH22 sing N N 37  
ARG OXT HXT  sing N N 38  
ASN N   CA   sing N N 39  
ASN N   H    sing N N 40  
ASN N   H2   sing N N 41  
ASN CA  C    sing N N 42  
ASN CA  CB   sing N N 43  
ASN CA  HA   sing N N 44  
ASN C   O    doub N N 45  
ASN C   OXT  sing N N 46  
ASN CB  CG   sing N N 47  
ASN CB  HB2  sing N N 48  
ASN CB  HB3  sing N N 49  
ASN CG  OD1  doub N N 50  
ASN CG  ND2  sing N N 51  
ASN ND2 HD21 sing N N 52  
ASN ND2 HD22 sing N N 53  
ASN OXT HXT  sing N N 54  
ASP N   CA   sing N N 55  
ASP N   H    sing N N 56  
ASP N   H2   sing N N 57  
ASP CA  C    sing N N 58  
ASP CA  CB   sing N N 59  
ASP CA  HA   sing N N 60  
ASP C   O    doub N N 61  
ASP C   OXT  sing N N 62  
ASP CB  CG   sing N N 63  
ASP CB  HB2  sing N N 64  
ASP CB  HB3  sing N N 65  
ASP CG  OD1  doub N N 66  
ASP CG  OD2  sing N N 67  
ASP OD2 HD2  sing N N 68  
ASP OXT HXT  sing N N 69  
CYS N   CA   sing N N 70  
CYS N   H    sing N N 71  
CYS N   H2   sing N N 72  
CYS CA  C    sing N N 73  
CYS CA  CB   sing N N 74  
CYS CA  HA   sing N N 75  
CYS C   O    doub N N 76  
CYS C   OXT  sing N N 77  
CYS CB  SG   sing N N 78  
CYS CB  HB2  sing N N 79  
CYS CB  HB3  sing N N 80  
CYS SG  HG   sing N N 81  
CYS OXT HXT  sing N N 82  
GLN N   CA   sing N N 83  
GLN N   H    sing N N 84  
GLN N   H2   sing N N 85  
GLN CA  C    sing N N 86  
GLN CA  CB   sing N N 87  
GLN CA  HA   sing N N 88  
GLN C   O    doub N N 89  
GLN C   OXT  sing N N 90  
GLN CB  CG   sing N N 91  
GLN CB  HB2  sing N N 92  
GLN CB  HB3  sing N N 93  
GLN CG  CD   sing N N 94  
GLN CG  HG2  sing N N 95  
GLN CG  HG3  sing N N 96  
GLN CD  OE1  doub N N 97  
GLN CD  NE2  sing N N 98  
GLN NE2 HE21 sing N N 99  
GLN NE2 HE22 sing N N 100 
GLN OXT HXT  sing N N 101 
GLU N   CA   sing N N 102 
GLU N   H    sing N N 103 
GLU N   H2   sing N N 104 
GLU CA  C    sing N N 105 
GLU CA  CB   sing N N 106 
GLU CA  HA   sing N N 107 
GLU C   O    doub N N 108 
GLU C   OXT  sing N N 109 
GLU CB  CG   sing N N 110 
GLU CB  HB2  sing N N 111 
GLU CB  HB3  sing N N 112 
GLU CG  CD   sing N N 113 
GLU CG  HG2  sing N N 114 
GLU CG  HG3  sing N N 115 
GLU CD  OE1  doub N N 116 
GLU CD  OE2  sing N N 117 
GLU OE2 HE2  sing N N 118 
GLU OXT HXT  sing N N 119 
GLY N   CA   sing N N 120 
GLY N   H    sing N N 121 
GLY N   H2   sing N N 122 
GLY CA  C    sing N N 123 
GLY CA  HA2  sing N N 124 
GLY CA  HA3  sing N N 125 
GLY C   O    doub N N 126 
GLY C   OXT  sing N N 127 
GLY OXT HXT  sing N N 128 
HIS N   CA   sing N N 129 
HIS N   H    sing N N 130 
HIS N   H2   sing N N 131 
HIS CA  C    sing N N 132 
HIS CA  CB   sing N N 133 
HIS CA  HA   sing N N 134 
HIS C   O    doub N N 135 
HIS C   OXT  sing N N 136 
HIS CB  CG   sing N N 137 
HIS CB  HB2  sing N N 138 
HIS CB  HB3  sing N N 139 
HIS CG  ND1  sing Y N 140 
HIS CG  CD2  doub Y N 141 
HIS ND1 CE1  doub Y N 142 
HIS ND1 HD1  sing N N 143 
HIS CD2 NE2  sing Y N 144 
HIS CD2 HD2  sing N N 145 
HIS CE1 NE2  sing Y N 146 
HIS CE1 HE1  sing N N 147 
HIS NE2 HE2  sing N N 148 
HIS OXT HXT  sing N N 149 
HOH O   H1   sing N N 150 
HOH O   H2   sing N N 151 
ILE N   CA   sing N N 152 
ILE N   H    sing N N 153 
ILE N   H2   sing N N 154 
ILE CA  C    sing N N 155 
ILE CA  CB   sing N N 156 
ILE CA  HA   sing N N 157 
ILE C   O    doub N N 158 
ILE C   OXT  sing N N 159 
ILE CB  CG1  sing N N 160 
ILE CB  CG2  sing N N 161 
ILE CB  HB   sing N N 162 
ILE CG1 CD1  sing N N 163 
ILE CG1 HG12 sing N N 164 
ILE CG1 HG13 sing N N 165 
ILE CG2 HG21 sing N N 166 
ILE CG2 HG22 sing N N 167 
ILE CG2 HG23 sing N N 168 
ILE CD1 HD11 sing N N 169 
ILE CD1 HD12 sing N N 170 
ILE CD1 HD13 sing N N 171 
ILE OXT HXT  sing N N 172 
IPB C4  C5   doub Y N 173 
IPB C4  C3   sing Y N 174 
IPB C4  C8   sing N N 175 
IPB C5  C6   sing Y N 176 
IPB C5  H5   sing N N 177 
IPB C6  C1   doub Y N 178 
IPB C6  H6   sing N N 179 
IPB C1  C2   sing Y N 180 
IPB C1  C7   sing N N 181 
IPB C2  C3   doub Y N 182 
IPB C2  H2   sing N N 183 
IPB C3  O    sing N N 184 
IPB C8  C9   sing N N 185 
IPB C8  C10  sing N N 186 
IPB C8  H8   sing N N 187 
IPB C7  H73  sing N N 188 
IPB C7  H72  sing N N 189 
IPB C7  H71  sing N N 190 
IPB O   H    sing N N 191 
IPB C9  H93  sing N N 192 
IPB C9  H92  sing N N 193 
IPB C9  H91  sing N N 194 
IPB C10 H103 sing N N 195 
IPB C10 H102 sing N N 196 
IPB C10 H101 sing N N 197 
LEU N   CA   sing N N 198 
LEU N   H    sing N N 199 
LEU N   H2   sing N N 200 
LEU CA  C    sing N N 201 
LEU CA  CB   sing N N 202 
LEU CA  HA   sing N N 203 
LEU C   O    doub N N 204 
LEU C   OXT  sing N N 205 
LEU CB  CG   sing N N 206 
LEU CB  HB2  sing N N 207 
LEU CB  HB3  sing N N 208 
LEU CG  CD1  sing N N 209 
LEU CG  CD2  sing N N 210 
LEU CG  HG   sing N N 211 
LEU CD1 HD11 sing N N 212 
LEU CD1 HD12 sing N N 213 
LEU CD1 HD13 sing N N 214 
LEU CD2 HD21 sing N N 215 
LEU CD2 HD22 sing N N 216 
LEU CD2 HD23 sing N N 217 
LEU OXT HXT  sing N N 218 
LYS N   CA   sing N N 219 
LYS N   H    sing N N 220 
LYS N   H2   sing N N 221 
LYS CA  C    sing N N 222 
LYS CA  CB   sing N N 223 
LYS CA  HA   sing N N 224 
LYS C   O    doub N N 225 
LYS C   OXT  sing N N 226 
LYS CB  CG   sing N N 227 
LYS CB  HB2  sing N N 228 
LYS CB  HB3  sing N N 229 
LYS CG  CD   sing N N 230 
LYS CG  HG2  sing N N 231 
LYS CG  HG3  sing N N 232 
LYS CD  CE   sing N N 233 
LYS CD  HD2  sing N N 234 
LYS CD  HD3  sing N N 235 
LYS CE  NZ   sing N N 236 
LYS CE  HE2  sing N N 237 
LYS CE  HE3  sing N N 238 
LYS NZ  HZ1  sing N N 239 
LYS NZ  HZ2  sing N N 240 
LYS NZ  HZ3  sing N N 241 
LYS OXT HXT  sing N N 242 
MET N   CA   sing N N 243 
MET N   H    sing N N 244 
MET N   H2   sing N N 245 
MET CA  C    sing N N 246 
MET CA  CB   sing N N 247 
MET CA  HA   sing N N 248 
MET C   O    doub N N 249 
MET C   OXT  sing N N 250 
MET CB  CG   sing N N 251 
MET CB  HB2  sing N N 252 
MET CB  HB3  sing N N 253 
MET CG  SD   sing N N 254 
MET CG  HG2  sing N N 255 
MET CG  HG3  sing N N 256 
MET SD  CE   sing N N 257 
MET CE  HE1  sing N N 258 
MET CE  HE2  sing N N 259 
MET CE  HE3  sing N N 260 
MET OXT HXT  sing N N 261 
MPD C1  C2   sing N N 262 
MPD C1  H11  sing N N 263 
MPD C1  H12  sing N N 264 
MPD C1  H13  sing N N 265 
MPD C2  O2   sing N N 266 
MPD C2  CM   sing N N 267 
MPD C2  C3   sing N N 268 
MPD O2  HO2  sing N N 269 
MPD CM  HM1  sing N N 270 
MPD CM  HM2  sing N N 271 
MPD CM  HM3  sing N N 272 
MPD C3  C4   sing N N 273 
MPD C3  H31  sing N N 274 
MPD C3  H32  sing N N 275 
MPD C4  O4   sing N N 276 
MPD C4  C5   sing N N 277 
MPD C4  H4   sing N N 278 
MPD O4  HO4  sing N N 279 
MPD C5  H51  sing N N 280 
MPD C5  H52  sing N N 281 
MPD C5  H53  sing N N 282 
PEG C1  O1   sing N N 283 
PEG C1  C2   sing N N 284 
PEG C1  H11  sing N N 285 
PEG C1  H12  sing N N 286 
PEG O1  HO1  sing N N 287 
PEG C2  O2   sing N N 288 
PEG C2  H21  sing N N 289 
PEG C2  H22  sing N N 290 
PEG O2  C3   sing N N 291 
PEG C3  C4   sing N N 292 
PEG C3  H31  sing N N 293 
PEG C3  H32  sing N N 294 
PEG C4  O4   sing N N 295 
PEG C4  H41  sing N N 296 
PEG C4  H42  sing N N 297 
PEG O4  HO4  sing N N 298 
PGR C1  C2   sing N N 299 
PGR C1  O1   sing N N 300 
PGR C1  H11  sing N N 301 
PGR C1  H12  sing N N 302 
PGR C2  C3   sing N N 303 
PGR C2  O2   sing N N 304 
PGR C2  H2   sing N N 305 
PGR C3  H31  sing N N 306 
PGR C3  H32  sing N N 307 
PGR C3  H33  sing N N 308 
PGR O1  HO1  sing N N 309 
PGR O2  HO2  sing N N 310 
PHE N   CA   sing N N 311 
PHE N   H    sing N N 312 
PHE N   H2   sing N N 313 
PHE CA  C    sing N N 314 
PHE CA  CB   sing N N 315 
PHE CA  HA   sing N N 316 
PHE C   O    doub N N 317 
PHE C   OXT  sing N N 318 
PHE CB  CG   sing N N 319 
PHE CB  HB2  sing N N 320 
PHE CB  HB3  sing N N 321 
PHE CG  CD1  doub Y N 322 
PHE CG  CD2  sing Y N 323 
PHE CD1 CE1  sing Y N 324 
PHE CD1 HD1  sing N N 325 
PHE CD2 CE2  doub Y N 326 
PHE CD2 HD2  sing N N 327 
PHE CE1 CZ   doub Y N 328 
PHE CE1 HE1  sing N N 329 
PHE CE2 CZ   sing Y N 330 
PHE CE2 HE2  sing N N 331 
PHE CZ  HZ   sing N N 332 
PHE OXT HXT  sing N N 333 
PRO N   CA   sing N N 334 
PRO N   CD   sing N N 335 
PRO N   H    sing N N 336 
PRO CA  C    sing N N 337 
PRO CA  CB   sing N N 338 
PRO CA  HA   sing N N 339 
PRO C   O    doub N N 340 
PRO C   OXT  sing N N 341 
PRO CB  CG   sing N N 342 
PRO CB  HB2  sing N N 343 
PRO CB  HB3  sing N N 344 
PRO CG  CD   sing N N 345 
PRO CG  HG2  sing N N 346 
PRO CG  HG3  sing N N 347 
PRO CD  HD2  sing N N 348 
PRO CD  HD3  sing N N 349 
PRO OXT HXT  sing N N 350 
SER N   CA   sing N N 351 
SER N   H    sing N N 352 
SER N   H2   sing N N 353 
SER CA  C    sing N N 354 
SER CA  CB   sing N N 355 
SER CA  HA   sing N N 356 
SER C   O    doub N N 357 
SER C   OXT  sing N N 358 
SER CB  OG   sing N N 359 
SER CB  HB2  sing N N 360 
SER CB  HB3  sing N N 361 
SER OG  HG   sing N N 362 
SER OXT HXT  sing N N 363 
THR N   CA   sing N N 364 
THR N   H    sing N N 365 
THR N   H2   sing N N 366 
THR CA  C    sing N N 367 
THR CA  CB   sing N N 368 
THR CA  HA   sing N N 369 
THR C   O    doub N N 370 
THR C   OXT  sing N N 371 
THR CB  OG1  sing N N 372 
THR CB  CG2  sing N N 373 
THR CB  HB   sing N N 374 
THR OG1 HG1  sing N N 375 
THR CG2 HG21 sing N N 376 
THR CG2 HG22 sing N N 377 
THR CG2 HG23 sing N N 378 
THR OXT HXT  sing N N 379 
TYR N   CA   sing N N 380 
TYR N   H    sing N N 381 
TYR N   H2   sing N N 382 
TYR CA  C    sing N N 383 
TYR CA  CB   sing N N 384 
TYR CA  HA   sing N N 385 
TYR C   O    doub N N 386 
TYR C   OXT  sing N N 387 
TYR CB  CG   sing N N 388 
TYR CB  HB2  sing N N 389 
TYR CB  HB3  sing N N 390 
TYR CG  CD1  doub Y N 391 
TYR CG  CD2  sing Y N 392 
TYR CD1 CE1  sing Y N 393 
TYR CD1 HD1  sing N N 394 
TYR CD2 CE2  doub Y N 395 
TYR CD2 HD2  sing N N 396 
TYR CE1 CZ   doub Y N 397 
TYR CE1 HE1  sing N N 398 
TYR CE2 CZ   sing Y N 399 
TYR CE2 HE2  sing N N 400 
TYR CZ  OH   sing N N 401 
TYR OH  HH   sing N N 402 
TYR OXT HXT  sing N N 403 
VAL N   CA   sing N N 404 
VAL N   H    sing N N 405 
VAL N   H2   sing N N 406 
VAL CA  C    sing N N 407 
VAL CA  CB   sing N N 408 
VAL CA  HA   sing N N 409 
VAL C   O    doub N N 410 
VAL C   OXT  sing N N 411 
VAL CB  CG1  sing N N 412 
VAL CB  CG2  sing N N 413 
VAL CB  HB   sing N N 414 
VAL CG1 HG11 sing N N 415 
VAL CG1 HG12 sing N N 416 
VAL CG1 HG13 sing N N 417 
VAL CG2 HG21 sing N N 418 
VAL CG2 HG22 sing N N 419 
VAL CG2 HG23 sing N N 420 
VAL OXT HXT  sing N N 421 
# 
loop_
_pdbx_audit_support.funding_organization 
_pdbx_audit_support.country 
_pdbx_audit_support.grant_number 
_pdbx_audit_support.ordinal 
'Other government' Greece T1EDK-00996 1 
'Other government' Greece MIS5000432  2 
# 
_pdbx_initial_refinement_model.id               1 
_pdbx_initial_refinement_model.entity_id_list   ? 
_pdbx_initial_refinement_model.type             'experimental model' 
_pdbx_initial_refinement_model.source_name      PDB 
_pdbx_initial_refinement_model.accession_code   8BXU 
_pdbx_initial_refinement_model.details          ? 
# 
_atom_sites.entry_id                    8BXV 
_atom_sites.Cartn_transf_matrix[1][1]   ? 
_atom_sites.Cartn_transf_matrix[1][2]   ? 
_atom_sites.Cartn_transf_matrix[1][3]   ? 
_atom_sites.Cartn_transf_matrix[2][1]   ? 
_atom_sites.Cartn_transf_matrix[2][2]   ? 
_atom_sites.Cartn_transf_matrix[2][3]   ? 
_atom_sites.Cartn_transf_matrix[3][1]   ? 
_atom_sites.Cartn_transf_matrix[3][2]   ? 
_atom_sites.Cartn_transf_matrix[3][3]   ? 
_atom_sites.Cartn_transf_vector[1]      ? 
_atom_sites.Cartn_transf_vector[2]      ? 
_atom_sites.Cartn_transf_vector[3]      ? 
_atom_sites.fract_transf_matrix[1][1]   -0.01345144 
_atom_sites.fract_transf_matrix[1][2]   0.00804983 
_atom_sites.fract_transf_matrix[1][3]   -0.02521556 
_atom_sites.fract_transf_matrix[2][1]   -0.02392851 
_atom_sites.fract_transf_matrix[2][2]   -0.00869096 
_atom_sites.fract_transf_matrix[2][3]   0.00999034 
_atom_sites.fract_transf_matrix[3][1]   -0.00461867 
_atom_sites.fract_transf_matrix[3][2]   0.01743447 
_atom_sites.fract_transf_matrix[3][3]   0.00410441 
_atom_sites.fract_transf_vector[1]      0.316457 
_atom_sites.fract_transf_vector[2]      0.017177 
_atom_sites.fract_transf_vector[3]      0.241134 
_atom_sites.solution_primary            ? 
_atom_sites.solution_secondary          ? 
_atom_sites.solution_hydrogens          ? 
_atom_sites.special_details             ? 
# 
loop_
_atom_type.symbol 
_atom_type.pdbx_scat_Z 
_atom_type.pdbx_N_electrons 
_atom_type.scat_Cromer_Mann_a1 
_atom_type.scat_Cromer_Mann_b1 
_atom_type.scat_Cromer_Mann_a2 
_atom_type.scat_Cromer_Mann_b2 
_atom_type.scat_Cromer_Mann_a3 
_atom_type.scat_Cromer_Mann_b3 
_atom_type.scat_Cromer_Mann_a4 
_atom_type.scat_Cromer_Mann_b4 
_atom_type.scat_Cromer_Mann_c 
C  6  6  2.310  20.844 1.020 10.208 1.589 0.569  0.865 51.651  0.216   
H  1  1  0.493  10.511 0.323 26.126 0.140 3.142  0.041 57.800  0.003   
N  7  7  12.222 0.006  3.135 9.893  2.014 28.997 1.167 0.583   -11.538 
NA 11 11 4.766  3.285  3.176 8.842  1.268 0.314  1.114 129.424 0.726   
O  8  8  3.049  13.277 2.287 5.701  1.546 0.324  0.867 32.909  0.251   
S  16 16 6.905  1.468  5.203 22.215 1.438 0.254  1.586 56.172  1.031   
# 
loop_
_atom_site.group_PDB 
_atom_site.id 
_atom_site.type_symbol 
_atom_site.label_atom_id 
_atom_site.label_alt_id 
_atom_site.label_comp_id 
_atom_site.label_asym_id 
_atom_site.label_entity_id 
_atom_site.label_seq_id 
_atom_site.pdbx_PDB_ins_code 
_atom_site.Cartn_x 
_atom_site.Cartn_y 
_atom_site.Cartn_z 
_atom_site.occupancy 
_atom_site.B_iso_or_equiv 
_atom_site.pdbx_formal_charge 
_atom_site.auth_seq_id 
_atom_site.auth_comp_id 
_atom_site.auth_asym_id 
_atom_site.auth_atom_id 
_atom_site.pdbx_PDB_model_num 
_atom_site.calc_flag 
ATOM   1    N  N   . ALA A 1 1   ? -8.272  -17.251 -0.385  1.000 37.781 ? 1   ALA AAA N   1 ? 
ATOM   2    C  CA  . ALA A 1 1   ? -7.949  -15.794 -0.492  1.000 33.535 ? 1   ALA AAA CA  1 ? 
ATOM   3    C  C   . ALA A 1 1   ? -9.260  -15.010 -0.536  1.000 32.048 ? 1   ALA AAA C   1 ? 
ATOM   4    O  O   . ALA A 1 1   ? -10.318 -15.627 -0.707  1.000 32.513 ? 1   ALA AAA O   1 ? 
ATOM   5    C  CB  . ALA A 1 1   ? -7.097  -15.535 -1.711  1.000 35.218 ? 1   ALA AAA CB  1 ? 
ATOM   6    N  N   . MET A 1 2   ? -9.204  -13.686 -0.412  1.000 28.997 ? 2   MET AAA N   1 ? 
ATOM   7    C  CA  . MET A 1 2   ? -10.410 -12.858 -0.586  1.000 28.211 ? 2   MET AAA CA  1 ? 
ATOM   8    C  C   . MET A 1 2   ? -10.790 -12.807 -2.073  1.000 24.963 ? 2   MET AAA C   1 ? 
ATOM   9    O  O   . MET A 1 2   ? -9.928  -12.906 -2.965  1.000 25.310 ? 2   MET AAA O   1 ? 
ATOM   10   C  CB  . MET A 1 2   ? -10.196 -11.445 -0.037  1.000 30.478 ? 2   MET AAA CB  1 ? 
ATOM   11   C  CG  . MET A 1 2   ? -10.425 -11.358 1.474   1.000 34.655 ? 2   MET AAA CG  1 ? 
ATOM   12   S  SD  . MET A 1 2   ? -10.201 -9.681  2.087   1.000 38.612 ? 2   MET AAA SD  1 ? 
ATOM   13   C  CE  . MET A 1 2   ? -8.492  -9.524  1.618   1.000 32.000 ? 2   MET AAA CE  1 ? 
ATOM   14   N  N   . THR A 1 3   ? -12.063 -12.573 -2.327  1.000 22.234 ? 3   THR AAA N   1 ? 
ATOM   15   C  CA  . THR A 1 3   ? -12.585 -12.128 -3.632  1.000 22.358 ? 3   THR AAA CA  1 ? 
ATOM   16   C  C   . THR A 1 3   ? -12.201 -10.654 -3.803  1.000 21.650 ? 3   THR AAA C   1 ? 
ATOM   17   O  O   . THR A 1 3   ? -11.823 -10.024 -2.807  1.000 20.040 ? 3   THR AAA O   1 ? 
ATOM   18   C  CB  . THR A 1 3   ? -14.098 -12.303 -3.724  1.000 22.177 ? 3   THR AAA CB  1 ? 
ATOM   19   O  OG1 . THR A 1 3   ? -14.707 -11.444 -2.764  1.000 23.996 ? 3   THR AAA OG1 1 ? 
ATOM   20   C  CG2 . THR A 1 3   ? -14.535 -13.716 -3.431  1.000 26.682 ? 3   THR AAA CG2 1 ? 
ATOM   21   N  N   A ARG A 1 4   ? -12.339 -10.109 -4.995  0.500 22.989 ? 4   ARG AAA N   1 ? 
ATOM   22   N  N   B ARG A 1 4   ? -12.333 -10.108 -4.995  0.500 21.891 ? 4   ARG AAA N   1 ? 
ATOM   23   C  CA  A ARG A 1 4   ? -12.088 -8.663  -5.198  0.500 23.335 ? 4   ARG AAA CA  1 ? 
ATOM   24   C  CA  B ARG A 1 4   ? -12.090 -8.659  -5.201  0.500 21.387 ? 4   ARG AAA CA  1 ? 
ATOM   25   C  C   A ARG A 1 4   ? -13.052 -7.868  -4.311  0.500 23.903 ? 4   ARG AAA C   1 ? 
ATOM   26   C  C   B ARG A 1 4   ? -13.053 -7.869  -4.311  0.500 22.872 ? 4   ARG AAA C   1 ? 
ATOM   27   O  O   A ARG A 1 4   ? -12.596 -6.895  -3.706  0.500 21.040 ? 4   ARG AAA O   1 ? 
ATOM   28   O  O   B ARG A 1 4   ? -12.600 -6.895  -3.706  0.500 20.462 ? 4   ARG AAA O   1 ? 
ATOM   29   C  CB  A ARG A 1 4   ? -12.203 -8.272  -6.672  0.500 28.731 ? 4   ARG AAA CB  1 ? 
ATOM   30   C  CB  B ARG A 1 4   ? -12.224 -8.270  -6.677  0.500 24.693 ? 4   ARG AAA CB  1 ? 
ATOM   31   C  CG  A ARG A 1 4   ? -11.565 -6.925  -6.984  0.500 31.984 ? 4   ARG AAA CG  1 ? 
ATOM   32   C  CG  B ARG A 1 4   ? -11.818 -6.827  -6.968  0.500 25.839 ? 4   ARG AAA CG  1 ? 
ATOM   33   C  CD  A ARG A 1 4   ? -11.534 -6.624  -8.470  0.500 36.617 ? 4   ARG AAA CD  1 ? 
ATOM   34   C  CD  B ARG A 1 4   ? -11.926 -6.438  -8.436  0.500 28.055 ? 4   ARG AAA CD  1 ? 
ATOM   35   N  NE  A ARG A 1 4   ? -10.371 -5.844  -8.873  0.500 39.884 ? 4   ARG AAA NE  1 ? 
ATOM   36   N  NE  B ARG A 1 4   ? -11.468 -5.083  -8.740  0.500 27.049 ? 4   ARG AAA NE  1 ? 
ATOM   37   C  CZ  A ARG A 1 4   ? -10.335 -4.518  -8.938  0.500 41.790 ? 4   ARG AAA CZ  1 ? 
ATOM   38   C  CZ  B ARG A 1 4   ? -10.195 -4.719  -8.876  0.500 29.758 ? 4   ARG AAA CZ  1 ? 
ATOM   39   N  NH1 A ARG A 1 4   ? -11.400 -3.810  -8.601  0.500 40.084 ? 4   ARG AAA NH1 1 ? 
ATOM   40   N  NH1 B ARG A 1 4   ? -9.227  -5.602  -8.691  0.500 28.357 ? 4   ARG AAA NH1 1 ? 
ATOM   41   N  NH2 A ARG A 1 4   ? -9.229  -3.905  -9.334  0.500 43.740 ? 4   ARG AAA NH2 1 ? 
ATOM   42   N  NH2 B ARG A 1 4   ? -9.902  -3.462  -9.174  0.500 32.693 ? 4   ARG AAA NH2 1 ? 
ATOM   43   N  N   . LYS A 1 5   ? -14.328 -8.237  -4.221  1.000 23.330 ? 5   LYS AAA N   1 ? 
ATOM   44   C  CA  . LYS A 1 5   ? -15.291 -7.492  -3.369  1.000 24.497 ? 5   LYS AAA CA  1 ? 
ATOM   45   C  C   . LYS A 1 5   ? -14.789 -7.481  -1.936  1.000 23.000 ? 5   LYS AAA C   1 ? 
ATOM   46   O  O   . LYS A 1 5   ? -14.863 -6.420  -1.285  1.000 22.762 ? 5   LYS AAA O   1 ? 
ATOM   47   C  CB  . LYS A 1 5   ? -16.669 -8.158  -3.425  1.000 29.169 ? 5   LYS AAA CB  1 ? 
ATOM   48   C  CG  . LYS A 1 5   ? -17.762 -7.488  -2.605  1.000 33.520 ? 5   LYS AAA CG  1 ? 
ATOM   49   C  CD  . LYS A 1 5   ? -19.108 -8.149  -2.893  1.000 38.431 ? 5   LYS AAA CD  1 ? 
ATOM   50   C  CE  . LYS A 1 5   ? -20.271 -7.552  -2.133  1.000 43.136 ? 5   LYS AAA CE  1 ? 
ATOM   51   N  NZ  . LYS A 1 5   ? -21.569 -8.046  -2.669  1.000 45.042 ? 5   LYS AAA NZ  1 ? 
ATOM   52   N  N   . GLN A 1 6   ? -14.351 -8.601  -1.406  1.000 20.689 ? 6   GLN AAA N   1 ? 
ATOM   53   C  CA  . GLN A 1 6   ? -13.858 -8.715  -0.034  1.000 21.128 ? 6   GLN AAA CA  1 ? 
ATOM   54   C  C   . GLN A 1 6   ? -12.598 -7.847  0.086   1.000 19.764 ? 6   GLN AAA C   1 ? 
ATOM   55   O  O   . GLN A 1 6   ? -12.384 -7.236  1.138   1.000 19.875 ? 6   GLN AAA O   1 ? 
ATOM   56   C  CB  . GLN A 1 6   ? -13.556 -10.163 0.325   1.000 22.460 ? 6   GLN AAA CB  1 ? 
ATOM   57   C  CG  . GLN A 1 6   ? -14.803 -11.004 0.571   1.000 24.911 ? 6   GLN AAA CG  1 ? 
ATOM   58   C  CD  . GLN A 1 6   ? -14.545 -12.491 0.580   1.000 27.644 ? 6   GLN AAA CD  1 ? 
ATOM   59   O  OE1 . GLN A 1 6   ? -13.538 -12.984 0.092   1.000 25.263 ? 6   GLN AAA OE1 1 ? 
ATOM   60   N  NE2 . GLN A 1 6   ? -15.489 -13.239 1.143   1.000 35.964 ? 6   GLN AAA NE2 1 ? 
ATOM   61   N  N   . LEU A 1 7   ? -11.681 -7.934  -0.861  1.000 18.496 ? 7   LEU AAA N   1 ? 
ATOM   62   C  CA  . LEU A 1 7   ? -10.444 -7.123  -0.791  1.000 17.684 ? 7   LEU AAA CA  1 ? 
ATOM   63   C  C   . LEU A 1 7   ? -10.807 -5.627  -0.756  1.000 18.023 ? 7   LEU AAA C   1 ? 
ATOM   64   O  O   . LEU A 1 7   ? -10.225 -4.910  0.065   1.000 18.452 ? 7   LEU AAA O   1 ? 
ATOM   65   C  CB  . LEU A 1 7   ? -9.588  -7.489  -1.989  1.000 18.996 ? 7   LEU AAA CB  1 ? 
ATOM   66   C  CG  . LEU A 1 7   ? -8.365  -6.602  -2.156  1.000 22.064 ? 7   LEU AAA CG  1 ? 
ATOM   67   C  CD1 . LEU A 1 7   ? -7.394  -6.769  -1.019  1.000 24.649 ? 7   LEU AAA CD1 1 ? 
ATOM   68   C  CD2 . LEU A 1 7   ? -7.732  -6.886  -3.495  1.000 22.840 ? 7   LEU AAA CD2 1 ? 
ATOM   69   N  N   A ILE A 1 8   ? -11.743 -5.168  -1.569  0.500 17.392 ? 8   ILE AAA N   1 ? 
ATOM   70   N  N   B ILE A 1 8   ? -11.701 -5.170  -1.619  0.500 18.001 ? 8   ILE AAA N   1 ? 
ATOM   71   C  CA  A ILE A 1 8   ? -12.144 -3.729  -1.578  0.500 18.583 ? 8   ILE AAA CA  1 ? 
ATOM   72   C  CA  B ILE A 1 8   ? -12.054 -3.721  -1.727  0.500 19.919 ? 8   ILE AAA CA  1 ? 
ATOM   73   C  C   A ILE A 1 8   ? -12.737 -3.399  -0.212  0.500 19.459 ? 8   ILE AAA C   1 ? 
ATOM   74   C  C   B ILE A 1 8   ? -12.742 -3.309  -0.433  0.500 20.185 ? 8   ILE AAA C   1 ? 
ATOM   75   O  O   A ILE A 1 8   ? -12.402 -2.347  0.375   0.500 18.068 ? 8   ILE AAA O   1 ? 
ATOM   76   O  O   B ILE A 1 8   ? -12.563 -2.167  0.030   0.500 19.785 ? 8   ILE AAA O   1 ? 
ATOM   77   C  CB  A ILE A 1 8   ? -13.130 -3.413  -2.715  0.500 19.810 ? 8   ILE AAA CB  1 ? 
ATOM   78   C  CB  B ILE A 1 8   ? -12.927 -3.445  -2.956  0.500 21.496 ? 8   ILE AAA CB  1 ? 
ATOM   79   C  CG1 A ILE A 1 8   ? -12.510 -3.650  -4.096  0.500 21.106 ? 8   ILE AAA CG1 1 ? 
ATOM   80   C  CG1 B ILE A 1 8   ? -12.102 -3.565  -4.239  0.500 22.480 ? 8   ILE AAA CG1 1 ? 
ATOM   81   C  CG2 A ILE A 1 8   ? -13.672 -1.991  -2.574  0.500 20.267 ? 8   ILE AAA CG2 1 ? 
ATOM   82   C  CG2 B ILE A 1 8   ? -13.618 -2.088  -2.848  0.500 22.536 ? 8   ILE AAA CG2 1 ? 
ATOM   83   C  CD1 A ILE A 1 8   ? -11.304 -2.803  -4.400  0.500 21.617 ? 8   ILE AAA CD1 1 ? 
ATOM   84   C  CD1 B ILE A 1 8   ? -12.204 -4.917  -4.921  0.500 25.138 ? 8   ILE AAA CD1 1 ? 
ATOM   85   N  N   A ASN A 1 9   ? -13.619 -4.251  0.294   0.700 19.216 ? 9   ASN AAA N   1 ? 
ATOM   86   N  N   B ASN A 1 9   ? -13.499 -4.237  0.154   0.300 18.918 ? 9   ASN AAA N   1 ? 
ATOM   87   C  CA  A ASN A 1 9   ? -14.199 -4.000  1.639   0.700 21.422 ? 9   ASN AAA CA  1 ? 
ATOM   88   C  CA  B ASN A 1 9   ? -14.195 -3.985  1.440   0.300 19.516 ? 9   ASN AAA CA  1 ? 
ATOM   89   C  C   A ASN A 1 9   ? -13.068 -3.821  2.654   0.700 19.139 ? 9   ASN AAA C   1 ? 
ATOM   90   C  C   B ASN A 1 9   ? -13.142 -3.816  2.547   0.300 18.848 ? 9   ASN AAA C   1 ? 
ATOM   91   O  O   A ASN A 1 9   ? -13.068 -2.906  3.521   0.700 20.376 ? 9   ASN AAA O   1 ? 
ATOM   92   O  O   B ASN A 1 9   ? -13.342 -2.827  3.307   0.300 20.045 ? 9   ASN AAA O   1 ? 
ATOM   93   C  CB  A ASN A 1 9   ? -15.075 -5.167  2.069   0.700 23.602 ? 9   ASN AAA CB  1 ? 
ATOM   94   C  CB  B ASN A 1 9   ? -15.266 -5.033  1.764   0.300 19.886 ? 9   ASN AAA CB  1 ? 
ATOM   95   C  CG  A ASN A 1 9   ? -16.385 -5.210  1.323   0.700 29.169 ? 9   ASN AAA CG  1 ? 
ATOM   96   C  CG  B ASN A 1 9   ? -15.929 -4.751  3.098   0.300 22.365 ? 9   ASN AAA CG  1 ? 
ATOM   97   O  OD1 A ASN A 1 9   ? -16.789 -4.239  0.680   0.700 33.738 ? 9   ASN AAA OD1 1 ? 
ATOM   98   O  OD1 B ASN A 1 9   ? -16.698 -3.799  3.209   0.300 25.976 ? 9   ASN AAA OD1 1 ? 
ATOM   99   N  ND2 A ASN A 1 9   ? -17.091 -6.326  1.441   0.700 36.772 ? 9   ASN AAA ND2 1 ? 
ATOM   100  N  ND2 B ASN A 1 9   ? -15.547 -5.495  4.125   0.300 23.301 ? 9   ASN AAA ND2 1 ? 
ATOM   101  N  N   . SER A 1 10  ? -12.121 -4.703  2.653   1.000 19.948 ? 10  SER AAA N   1 ? 
ATOM   102  C  CA  . SER A 1 10  ? -10.980 -4.600  3.594   1.000 20.787 ? 10  SER AAA CA  1 ? 
ATOM   103  C  C   . SER A 1 10  ? -10.222 -3.284  3.373   1.000 19.586 ? 10  SER AAA C   1 ? 
ATOM   104  O  O   . SER A 1 10  ? -9.852  -2.615  4.356   1.000 21.101 ? 10  SER AAA O   1 ? 
ATOM   105  C  CB  . SER A 1 10  ? -10.041 -5.764  3.470   1.000 23.014 ? 10  SER AAA CB  1 ? 
ATOM   106  O  OG  . SER A 1 10  ? -8.926  -5.653  4.303   1.000 33.270 ? 10  SER AAA OG  1 ? 
ATOM   107  N  N   . MET A 1 11  ? -9.936  -2.943  2.139   1.000 18.057 ? 11  MET AAA N   1 ? 
ATOM   108  C  CA  . MET A 1 11  ? -9.213  -1.680  1.863   1.000 17.108 ? 11  MET AAA CA  1 ? 
ATOM   109  C  C   . MET A 1 11  ? -10.041 -0.488  2.309   1.000 16.689 ? 11  MET AAA C   1 ? 
ATOM   110  O  O   . MET A 1 11  ? -9.465  0.450   2.825   1.000 17.566 ? 11  MET AAA O   1 ? 
ATOM   111  C  CB  . MET A 1 11  ? -8.933  -1.643  0.377   1.000 18.427 ? 11  MET AAA CB  1 ? 
ATOM   112  C  CG  . MET A 1 11  ? -7.862  -2.630  -0.051  1.000 17.809 ? 11  MET AAA CG  1 ? 
ATOM   113  S  SD  . MET A 1 11  ? -7.106  -2.179  -1.625  1.000 23.553 ? 11  MET AAA SD  1 ? 
ATOM   114  C  CE  . MET A 1 11  ? -8.510  -2.842  -2.464  1.000 22.478 ? 11  MET AAA CE  1 ? 
ATOM   115  N  N   . ASP A 1 12  ? -11.331 -0.507  2.090   1.000 16.873 ? 12  ASP AAA N   1 ? 
ATOM   116  C  CA  . ASP A 1 12  ? -12.212 0.602   2.510   1.000 17.820 ? 12  ASP AAA CA  1 ? 
ATOM   117  C  C   . ASP A 1 12  ? -12.144 0.734   4.029   1.000 17.758 ? 12  ASP AAA C   1 ? 
ATOM   118  O  O   . ASP A 1 12  ? -12.169 1.909   4.542   1.000 18.579 ? 12  ASP AAA O   1 ? 
ATOM   119  C  CB  . ASP A 1 12  ? -13.644 0.424   2.010   1.000 18.767 ? 12  ASP AAA CB  1 ? 
ATOM   120  C  CG  . ASP A 1 12  ? -13.778 0.645   0.510   1.000 20.267 ? 12  ASP AAA CG  1 ? 
ATOM   121  O  OD1 . ASP A 1 12  ? -12.801 1.184   -0.122  1.000 20.846 ? 12  ASP AAA OD1 1 ? 
ATOM   122  O  OD2 . ASP A 1 12  ? -14.843 0.347   -0.056  1.000 21.667 ? 12  ASP AAA OD2 1 ? 
ATOM   123  N  N   . MET A 1 13  ? -12.105 -0.382  4.739   1.000 17.499 ? 13  MET AAA N   1 ? 
ATOM   124  C  CA  . MET A 1 13  ? -12.113 -0.277  6.202   1.000 20.254 ? 13  MET AAA CA  1 ? 
ATOM   125  C  C   . MET A 1 13  ? -10.777 0.320   6.632   1.000 19.366 ? 13  MET AAA C   1 ? 
ATOM   126  O  O   . MET A 1 13  ? -10.731 1.134   7.577   1.000 19.601 ? 13  MET AAA O   1 ? 
ATOM   127  C  CB  . MET A 1 13  ? -12.324 -1.647  6.839   1.000 24.062 ? 13  MET AAA CB  1 ? 
ATOM   128  C  CG  . MET A 1 13  ? -13.785 -2.124  6.733   1.000 28.991 ? 13  MET AAA CG  1 ? 
ATOM   129  S  SD  . MET A 1 13  ? -14.127 -3.705  7.569   1.000 41.793 ? 13  MET AAA SD  1 ? 
ATOM   130  C  CE  . MET A 1 13  ? -13.079 -4.810  6.629   1.000 39.703 ? 13  MET AAA CE  1 ? 
ATOM   131  N  N   A MET A 1 14  ? -9.689  -0.022  5.952   0.500 18.213 ? 14  MET AAA N   1 ? 
ATOM   132  N  N   B MET A 1 14  ? -9.670  -0.031  5.967   0.500 18.543 ? 14  MET AAA N   1 ? 
ATOM   133  C  CA  A MET A 1 14  ? -8.378  0.555   6.318   0.500 17.904 ? 14  MET AAA CA  1 ? 
ATOM   134  C  CA  B MET A 1 14  ? -8.354  0.553   6.330   0.500 18.598 ? 14  MET AAA CA  1 ? 
ATOM   135  C  C   A MET A 1 14  ? -8.371  2.067   6.023   0.500 15.782 ? 14  MET AAA C   1 ? 
ATOM   136  C  C   B MET A 1 14  ? -8.360  2.064   6.023   0.500 16.070 ? 14  MET AAA C   1 ? 
ATOM   137  O  O   A MET A 1 14  ? -7.871  2.830   6.878   0.500 17.350 ? 14  MET AAA O   1 ? 
ATOM   138  O  O   B MET A 1 14  ? -7.870  2.832   6.877   0.500 17.453 ? 14  MET AAA O   1 ? 
ATOM   139  C  CB  A MET A 1 14  ? -7.242  -0.132  5.568   0.500 18.552 ? 14  MET AAA CB  1 ? 
ATOM   140  C  CB  B MET A 1 14  ? -7.168  -0.121  5.628   0.500 19.650 ? 14  MET AAA CB  1 ? 
ATOM   141  C  CG  A MET A 1 14  ? -7.225  -1.628  5.799   0.500 16.969 ? 14  MET AAA CG  1 ? 
ATOM   142  C  CG  B MET A 1 14  ? -6.695  -1.394  6.336   0.500 19.790 ? 14  MET AAA CG  1 ? 
ATOM   143  S  SD  A MET A 1 14  ? -5.944  -2.398  4.797   0.500 20.817 ? 14  MET AAA SD  1 ? 
ATOM   144  S  SD  B MET A 1 14  ? -5.307  -2.218  5.531   0.500 21.504 ? 14  MET AAA SD  1 ? 
ATOM   145  C  CE  A MET A 1 14  ? -5.702  -3.937  5.682   0.500 22.284 ? 14  MET AAA CE  1 ? 
ATOM   146  C  CE  B MET A 1 14  ? -6.361  -3.032  4.332   0.500 20.823 ? 14  MET AAA CE  1 ? 
ATOM   147  N  N   . ARG A 1 15  ? -8.890  2.463   4.874   1.000 15.833 ? 15  ARG AAA N   1 ? 
ATOM   148  C  CA  . ARG A 1 15  ? -8.974  3.897   4.552   1.000 15.861 ? 15  ARG AAA CA  1 ? 
ATOM   149  C  C   . ARG A 1 15  ? -9.765  4.609   5.654   1.000 16.638 ? 15  ARG AAA C   1 ? 
ATOM   150  O  O   . ARG A 1 15  ? -9.388  5.703   6.104   1.000 16.907 ? 15  ARG AAA O   1 ? 
ATOM   151  C  CB  . ARG A 1 15  ? -9.658  4.071   3.213   1.000 15.149 ? 15  ARG AAA CB  1 ? 
ATOM   152  C  CG  . ARG A 1 15  ? -9.845  5.537   2.856   1.000 15.987 ? 15  ARG AAA CG  1 ? 
ATOM   153  C  CD  . ARG A 1 15  ? -10.637 5.793   1.617   1.000 17.157 ? 15  ARG AAA CD  1 ? 
ATOM   154  N  NE  . ARG A 1 15  ? -9.927  5.463   0.391   1.000 18.549 ? 15  ARG AAA NE  1 ? 
ATOM   155  C  CZ  . ARG A 1 15  ? -10.308 5.789   -0.827  1.000 19.058 ? 15  ARG AAA CZ  1 ? 
ATOM   156  N  NH1 . ARG A 1 15  ? -11.356 6.557   -1.034  1.000 17.740 ? 15  ARG AAA NH1 1 ? 
ATOM   157  N  NH2 . ARG A 1 15  ? -9.586  5.318   -1.849  1.000 19.182 ? 15  ARG AAA NH2 1 ? 
ATOM   158  N  N   . SER A 1 16  ? -10.909 4.063   6.070   1.000 16.809 ? 16  SER AAA N   1 ? 
ATOM   159  C  CA  . SER A 1 16  ? -11.787 4.684   7.087   1.000 18.398 ? 16  SER AAA CA  1 ? 
ATOM   160  C  C   . SER A 1 16  ? -11.089 4.866   8.411   1.000 19.311 ? 16  SER AAA C   1 ? 
ATOM   161  O  O   . SER A 1 16  ? -11.384 5.848   9.100   1.000 20.094 ? 16  SER AAA O   1 ? 
ATOM   162  C  CB  . SER A 1 16  ? -13.046 3.897   7.267   1.000 20.377 ? 16  SER AAA CB  1 ? 
ATOM   163  O  OG  . SER A 1 16  ? -13.754 3.763   6.090   1.000 25.823 ? 16  SER AAA OG  1 ? 
ATOM   164  N  N   . ALA A 1 17  ? -10.150 4.003   8.734   1.000 18.600 ? 17  ALA AAA N   1 ? 
ATOM   165  C  CA  . ALA A 1 17  ? -9.408  4.085   10.010  1.000 18.841 ? 17  ALA AAA CA  1 ? 
ATOM   166  C  C   . ALA A 1 17  ? -8.277  5.095   9.900   1.000 18.687 ? 17  ALA AAA C   1 ? 
ATOM   167  O  O   . ALA A 1 17  ? -7.981  5.829   10.837  1.000 21.234 ? 17  ALA AAA O   1 ? 
ATOM   168  C  CB  . ALA A 1 17  ? -8.891  2.712   10.357  1.000 20.938 ? 17  ALA AAA CB  1 ? 
ATOM   169  N  N   . CYS A 1 18  ? -7.590  5.147   8.769   1.000 17.424 ? 18  CYS AAA N   1 ? 
ATOM   170  C  CA  . CYS A 1 18  ? -6.371  5.953   8.615   1.000 17.067 ? 18  CYS AAA CA  1 ? 
ATOM   171  C  C   . CYS A 1 18  ? -6.682  7.356   8.109   1.000 17.187 ? 18  CYS AAA C   1 ? 
ATOM   172  O  O   . CYS A 1 18  ? -5.999  8.319   8.545   1.000 16.685 ? 18  CYS AAA O   1 ? 
ATOM   173  C  CB  . CYS A 1 18  ? -5.418  5.237   7.664   1.000 16.397 ? 18  CYS AAA CB  1 ? 
ATOM   174  S  SG  . CYS A 1 18  ? -4.448  3.948   8.456   1.000 20.637 ? 18  CYS AAA SG  1 ? 
ATOM   175  N  N   . ALA A 1 19  ? -7.572  7.495   7.155   1.000 15.727 ? 19  ALA AAA N   1 ? 
ATOM   176  C  CA  . ALA A 1 19  ? -7.770  8.819   6.522   1.000 15.670 ? 19  ALA AAA CA  1 ? 
ATOM   177  C  C   . ALA A 1 19  ? -8.062  9.918   7.554   1.000 16.974 ? 19  ALA AAA C   1 ? 
ATOM   178  O  O   . ALA A 1 19  ? -7.615  11.063  7.345   1.000 16.961 ? 19  ALA AAA O   1 ? 
ATOM   179  C  CB  . ALA A 1 19  ? -8.827  8.736   5.473   1.000 16.171 ? 19  ALA AAA CB  1 ? 
ATOM   180  N  N   . PRO A 1 20  ? -8.876  9.685   8.616   1.000 17.305 ? 20  PRO AAA N   1 ? 
ATOM   181  C  CA  . PRO A 1 20  ? -9.192  10.825  9.483   1.000 18.512 ? 20  PRO AAA CA  1 ? 
ATOM   182  C  C   . PRO A 1 20  ? -7.966  11.428  10.163  1.000 19.515 ? 20  PRO AAA C   1 ? 
ATOM   183  O  O   . PRO A 1 20  ? -8.080  12.520  10.714  1.000 20.575 ? 20  PRO AAA O   1 ? 
ATOM   184  C  CB  . PRO A 1 20  ? -10.141 10.209  10.530  1.000 19.793 ? 20  PRO AAA CB  1 ? 
ATOM   185  C  CG  . PRO A 1 20  ? -10.780 9.050   9.842   1.000 18.636 ? 20  PRO AAA CG  1 ? 
ATOM   186  C  CD  . PRO A 1 20  ? -9.660  8.496   8.972   1.000 17.719 ? 20  PRO AAA CD  1 ? 
ATOM   187  N  N   . LYS A 1 21  ? -6.836  10.740  10.174  1.000 18.183 ? 21  LYS AAA N   1 ? 
ATOM   188  C  CA  . LYS A 1 21  ? -5.652  11.232  10.891  1.000 19.827 ? 21  LYS AAA CA  1 ? 
ATOM   189  C  C   . LYS A 1 21  ? -4.858  12.179  10.028  1.000 21.331 ? 21  LYS AAA C   1 ? 
ATOM   190  O  O   . LYS A 1 21  ? -3.845  12.709  10.525  1.000 22.484 ? 21  LYS AAA O   1 ? 
ATOM   191  C  CB  . LYS A 1 21  ? -4.776  10.071  11.307  1.000 21.566 ? 21  LYS AAA CB  1 ? 
ATOM   192  C  CG  . LYS A 1 21  ? -5.433  9.068   12.217  1.000 25.157 ? 21  LYS AAA CG  1 ? 
ATOM   193  C  CD  . LYS A 1 21  ? -4.442  7.990   12.545  1.000 31.039 ? 21  LYS AAA CD  1 ? 
ATOM   194  C  CE  . LYS A 1 21  ? -5.039  6.631   12.769  1.000 33.896 ? 21  LYS AAA CE  1 ? 
ATOM   195  N  NZ  . LYS A 1 21  ? -4.086  5.802   13.542  1.000 38.590 ? 21  LYS AAA NZ  1 ? 
ATOM   196  N  N   . PHE A 1 22  ? -5.227  12.355  8.772   1.000 18.582 ? 22  PHE AAA N   1 ? 
ATOM   197  C  CA  . PHE A 1 22  ? -4.419  13.142  7.817   1.000 17.667 ? 22  PHE AAA CA  1 ? 
ATOM   198  C  C   . PHE A 1 22  ? -5.316  14.057  7.000   1.000 18.000 ? 22  PHE AAA C   1 ? 
ATOM   199  O  O   . PHE A 1 22  ? -6.506  13.744  6.784   1.000 18.557 ? 22  PHE AAA O   1 ? 
ATOM   200  C  CB  . PHE A 1 22  ? -3.646  12.209  6.862   1.000 18.664 ? 22  PHE AAA CB  1 ? 
ATOM   201  C  CG  . PHE A 1 22  ? -2.826  11.195  7.578   1.000 18.046 ? 22  PHE AAA CG  1 ? 
ATOM   202  C  CD1 . PHE A 1 22  ? -1.626  11.552  8.162   1.000 20.671 ? 22  PHE AAA CD1 1 ? 
ATOM   203  C  CD2 . PHE A 1 22  ? -3.323  9.937   7.845   1.000 17.897 ? 22  PHE AAA CD2 1 ? 
ATOM   204  C  CE1 . PHE A 1 22  ? -0.911  10.640  8.937   1.000 21.476 ? 22  PHE AAA CE1 1 ? 
ATOM   205  C  CE2 . PHE A 1 22  ? -2.606  9.024   8.589   1.000 20.156 ? 22  PHE AAA CE2 1 ? 
ATOM   206  C  CZ  . PHE A 1 22  ? -1.412  9.379   9.134   1.000 20.973 ? 22  PHE AAA CZ  1 ? 
ATOM   207  N  N   A LYS A 1 23  ? -4.756  15.139  6.484   0.500 18.660 ? 23  LYS AAA N   1 ? 
ATOM   208  N  N   B LYS A 1 23  ? -4.767  15.167  6.501   0.500 18.637 ? 23  LYS AAA N   1 ? 
ATOM   209  C  CA  A LYS A 1 23  ? -5.501  16.082  5.621   0.500 19.537 ? 23  LYS AAA CA  1 ? 
ATOM   210  C  CA  B LYS A 1 23  ? -5.494  16.106  5.602   0.500 19.503 ? 23  LYS AAA CA  1 ? 
ATOM   211  C  C   A LYS A 1 23  ? -5.468  15.534  4.199   0.500 19.394 ? 23  LYS AAA C   1 ? 
ATOM   212  C  C   B LYS A 1 23  ? -5.467  15.529  4.193   0.500 19.314 ? 23  LYS AAA C   1 ? 
ATOM   213  O  O   A LYS A 1 23  ? -4.711  15.997  3.331   0.500 21.318 ? 23  LYS AAA O   1 ? 
ATOM   214  O  O   B LYS A 1 23  ? -4.717  15.988  3.315   0.500 21.089 ? 23  LYS AAA O   1 ? 
ATOM   215  C  CB  A LYS A 1 23  ? -4.934  17.491  5.798   0.500 22.648 ? 23  LYS AAA CB  1 ? 
ATOM   216  C  CB  B LYS A 1 23  ? -4.914  17.530  5.576   0.500 21.818 ? 23  LYS AAA CB  1 ? 
ATOM   217  C  CG  A LYS A 1 23  ? -5.039  17.988  7.228   0.500 23.685 ? 23  LYS AAA CG  1 ? 
ATOM   218  C  CG  B LYS A 1 23  ? -5.746  18.518  4.764   0.500 23.042 ? 23  LYS AAA CG  1 ? 
ATOM   219  C  CD  A LYS A 1 23  ? -4.710  19.454  7.382   0.500 25.712 ? 23  LYS AAA CD  1 ? 
ATOM   220  C  CD  B LYS A 1 23  ? -5.316  19.961  4.787   0.500 25.156 ? 23  LYS AAA CD  1 ? 
ATOM   221  C  CE  A LYS A 1 23  ? -5.218  20.011  8.689   0.500 28.920 ? 23  LYS AAA CE  1 ? 
ATOM   222  C  CE  B LYS A 1 23  ? -6.390  20.799  4.132   0.500 27.250 ? 23  LYS AAA CE  1 ? 
ATOM   223  N  NZ  A LYS A 1 23  ? -4.357  21.115  9.181   0.500 30.999 ? 23  LYS AAA NZ  1 ? 
ATOM   224  N  NZ  B LYS A 1 23  ? -5.888  22.150  3.814   0.500 28.608 ? 23  LYS AAA NZ  1 ? 
ATOM   225  N  N   . VAL A 1 24  ? -6.233  14.468  4.007   1.000 17.811 ? 24  VAL AAA N   1 ? 
ATOM   226  C  CA  . VAL A 1 24  ? -6.328  13.789  2.713   1.000 17.401 ? 24  VAL AAA CA  1 ? 
ATOM   227  C  C   . VAL A 1 24  ? -7.795  13.806  2.287   1.000 17.223 ? 24  VAL AAA C   1 ? 
ATOM   228  O  O   . VAL A 1 24  ? -8.702  13.395  3.074   1.000 18.585 ? 24  VAL AAA O   1 ? 
ATOM   229  C  CB  . VAL A 1 24  ? -5.707  12.381  2.780   1.000 16.456 ? 24  VAL AAA CB  1 ? 
ATOM   230  C  CG1 . VAL A 1 24  ? -4.206  12.455  2.979   1.000 18.641 ? 24  VAL AAA CG1 1 ? 
ATOM   231  C  CG2 . VAL A 1 24  ? -6.317  11.511  3.835   1.000 17.493 ? 24  VAL AAA CG2 1 ? 
ATOM   232  N  N   . SER A 1 25  ? -8.038  14.179  1.056   1.000 15.699 ? 25  SER AAA N   1 ? 
ATOM   233  C  CA  . SER A 1 25  ? -9.384  14.303  0.461   1.000 15.719 ? 25  SER AAA CA  1 ? 
ATOM   234  C  C   . SER A 1 25  ? -9.794  13.079  -0.334  1.000 15.596 ? 25  SER AAA C   1 ? 
ATOM   235  O  O   . SER A 1 25  ? -8.930  12.267  -0.744  1.000 15.362 ? 25  SER AAA O   1 ? 
ATOM   236  C  CB  . SER A 1 25  ? -9.417  15.502  -0.423  1.000 16.703 ? 25  SER AAA CB  1 ? 
ATOM   237  O  OG  . SER A 1 25  ? -8.572  15.210  -1.528  1.000 17.076 ? 25  SER AAA OG  1 ? 
ATOM   238  N  N   . THR A 1 26  ? -11.067 12.936  -0.655  1.000 15.452 ? 26  THR AAA N   1 ? 
ATOM   239  C  CA  . THR A 1 26  ? -11.480 11.837  -1.500  1.000 16.325 ? 26  THR AAA CA  1 ? 
ATOM   240  C  C   . THR A 1 26  ? -10.736 11.928  -2.824  1.000 16.328 ? 26  THR AAA C   1 ? 
ATOM   241  O  O   . THR A 1 26  ? -10.453 10.890  -3.410  1.000 15.860 ? 26  THR AAA O   1 ? 
ATOM   242  C  CB  . THR A 1 26  ? -12.985 11.788  -1.737  1.000 15.477 ? 26  THR AAA CB  1 ? 
ATOM   243  O  OG1 . THR A 1 26  ? -13.467 12.993  -2.296  1.000 18.579 ? 26  THR AAA OG1 1 ? 
ATOM   244  C  CG2 . THR A 1 26  ? -13.743 11.513  -0.445  1.000 18.385 ? 26  THR AAA CG2 1 ? 
ATOM   245  N  N   . GLU A 1 27  ? -10.547 13.132  -3.369  1.000 15.808 ? 27  GLU AAA N   1 ? 
ATOM   246  C  CA  . GLU A 1 27  ? -9.829  13.205  -4.675  1.000 16.259 ? 27  GLU AAA CA  1 ? 
ATOM   247  C  C   . GLU A 1 27  ? -8.447  12.582  -4.514  1.000 15.791 ? 27  GLU AAA C   1 ? 
ATOM   248  O  O   . GLU A 1 27  ? -8.032  11.796  -5.383  1.000 16.471 ? 27  GLU AAA O   1 ? 
ATOM   249  C  CB  . GLU A 1 27  ? -9.677  14.663  -5.093  1.000 18.265 ? 27  GLU AAA CB  1 ? 
ATOM   250  C  CG  . GLU A 1 27  ? -8.913  14.808  -6.409  1.000 22.484 ? 27  GLU AAA CG  1 ? 
ATOM   251  C  CD  . GLU A 1 27  ? -8.440  16.232  -6.684  1.000 28.126 ? 27  GLU AAA CD  1 ? 
ATOM   252  O  OE1 . GLU A 1 27  ? -7.285  16.606  -6.319  1.000 32.333 ? 27  GLU AAA OE1 1 ? 
ATOM   253  O  OE2 . GLU A 1 27  ? -9.260  16.966  -7.259  1.000 31.183 ? 27  GLU AAA OE2 1 ? 
ATOM   254  N  N   A MET A 1 28  ? -7.725  12.942  -3.488  0.500 13.855 ? 28  MET AAA N   1 ? 
ATOM   255  N  N   B MET A 1 28  ? -7.723  12.957  -3.480  0.500 15.795 ? 28  MET AAA N   1 ? 
ATOM   256  C  CA  A MET A 1 28  ? -6.359  12.419  -3.303  0.500 13.839 ? 28  MET AAA CA  1 ? 
ATOM   257  C  CA  B MET A 1 28  ? -6.361  12.446  -3.196  0.500 17.432 ? 28  MET AAA CA  1 ? 
ATOM   258  C  C   A MET A 1 28  ? -6.389  10.902  -3.093  0.500 13.944 ? 28  MET AAA C   1 ? 
ATOM   259  C  C   B MET A 1 28  ? -6.397  10.924  -3.097  0.500 15.595 ? 28  MET AAA C   1 ? 
ATOM   260  O  O   A MET A 1 28  ? -5.482  10.177  -3.581  0.500 14.733 ? 28  MET AAA O   1 ? 
ATOM   261  O  O   B MET A 1 28  ? -5.538  10.238  -3.715  0.500 15.544 ? 28  MET AAA O   1 ? 
ATOM   262  C  CB  A MET A 1 28  ? -5.682  13.063  -2.085  0.500 14.028 ? 28  MET AAA CB  1 ? 
ATOM   263  C  CB  B MET A 1 28  ? -5.864  13.013  -1.863  0.500 21.214 ? 28  MET AAA CB  1 ? 
ATOM   264  C  CG  A MET A 1 28  ? -5.307  14.551  -2.207  0.500 14.202 ? 28  MET AAA CG  1 ? 
ATOM   265  C  CG  B MET A 1 28  ? -4.398  13.340  -1.790  0.500 27.388 ? 28  MET AAA CG  1 ? 
ATOM   266  S  SD  A MET A 1 28  ? -5.161  15.464  -0.648  0.500 16.642 ? 28  MET AAA SD  1 ? 
ATOM   267  S  SD  B MET A 1 28  ? -4.158  14.533  -0.469  0.500 27.056 ? 28  MET AAA SD  1 ? 
ATOM   268  C  CE  A MET A 1 28  ? -3.714  14.720  0.095   0.500 18.413 ? 28  MET AAA CE  1 ? 
ATOM   269  C  CE  B MET A 1 28  ? -5.393  15.696  -1.052  0.500 19.462 ? 28  MET AAA CE  1 ? 
ATOM   270  N  N   . LEU A 1 29  ? -7.311  10.427  -2.277  1.000 14.094 ? 29  LEU AAA N   1 ? 
ATOM   271  C  CA  . LEU A 1 29  ? -7.407  9.006   -1.915  1.000 14.198 ? 29  LEU AAA CA  1 ? 
ATOM   272  C  C   . LEU A 1 29  ? -7.869  8.161   -3.092  1.000 14.330 ? 29  LEU AAA C   1 ? 
ATOM   273  O  O   . LEU A 1 29  ? -7.279  7.097   -3.377  1.000 14.984 ? 29  LEU AAA O   1 ? 
ATOM   274  C  CB  . LEU A 1 29  ? -8.356  8.851   -0.747  1.000 15.434 ? 29  LEU AAA CB  1 ? 
ATOM   275  C  CG  . LEU A 1 29  ? -7.861  9.469   0.548   1.000 15.455 ? 29  LEU AAA CG  1 ? 
ATOM   276  C  CD1 . LEU A 1 29  ? -8.968  9.553   1.583   1.000 17.970 ? 29  LEU AAA CD1 1 ? 
ATOM   277  C  CD2 . LEU A 1 29  ? -6.680  8.684   1.075   1.000 17.148 ? 29  LEU AAA CD2 1 ? 
ATOM   278  N  N   . ASP A 1 30  ? -8.833  8.622   -3.833  1.000 14.175 ? 30  ASP AAA N   1 ? 
ATOM   279  C  CA  . ASP A 1 30  ? -9.319  7.902   -5.010  1.000 14.754 ? 30  ASP AAA CA  1 ? 
ATOM   280  C  C   . ASP A 1 30  ? -8.248  7.886   -6.074  1.000 16.138 ? 30  ASP AAA C   1 ? 
ATOM   281  O  O   . ASP A 1 30  ? -8.032  6.886   -6.754  1.000 15.735 ? 30  ASP AAA O   1 ? 
ATOM   282  C  CB  . ASP A 1 30  ? -10.640 8.490   -5.528  1.000 15.707 ? 30  ASP AAA CB  1 ? 
ATOM   283  C  CG  . ASP A 1 30  ? -11.815 8.257   -4.602  1.000 20.773 ? 30  ASP AAA CG  1 ? 
ATOM   284  O  OD1 . ASP A 1 30  ? -11.760 7.313   -3.774  1.000 21.386 ? 30  ASP AAA OD1 1 ? 
ATOM   285  O  OD2 . ASP A 1 30  ? -12.823 9.018   -4.724  1.000 24.831 ? 30  ASP AAA OD2 1 ? 
ATOM   286  N  N   . ASN A 1 31  ? -7.558  8.996   -6.273  1.000 14.925 ? 31  ASN AAA N   1 ? 
ATOM   287  C  CA  . ASN A 1 31  ? -6.427  9.008   -7.210  1.000 14.717 ? 31  ASN AAA CA  1 ? 
ATOM   288  C  C   . ASN A 1 31  ? -5.361  8.018   -6.765  1.000 14.730 ? 31  ASN AAA C   1 ? 
ATOM   289  O  O   . ASN A 1 31  ? -4.862  7.287   -7.625  1.000 14.967 ? 31  ASN AAA O   1 ? 
ATOM   290  C  CB  . ASN A 1 31  ? -5.879  10.412  -7.343  1.000 15.218 ? 31  ASN AAA CB  1 ? 
ATOM   291  C  CG  . ASN A 1 31  ? -6.650  11.344  -8.236  1.000 16.915 ? 31  ASN AAA CG  1 ? 
ATOM   292  O  OD1 . ASN A 1 31  ? -6.342  12.542  -8.323  1.000 19.021 ? 31  ASN AAA OD1 1 ? 
ATOM   293  N  ND2 . ASN A 1 31  ? -7.722  10.862  -8.814  1.000 19.661 ? 31  ASN AAA ND2 1 ? 
ATOM   294  N  N   . LEU A 1 32  ? -5.035  8.002   -5.493  1.000 14.343 ? 32  LEU AAA N   1 ? 
ATOM   295  C  CA  . LEU A 1 32  ? -3.995  7.058   -5.008  1.000 13.822 ? 32  LEU AAA CA  1 ? 
ATOM   296  C  C   . LEU A 1 32  ? -4.430  5.626   -5.268  1.000 14.222 ? 32  LEU AAA C   1 ? 
ATOM   297  O  O   . LEU A 1 32  ? -3.615  4.809   -5.770  1.000 15.391 ? 32  LEU AAA O   1 ? 
ATOM   298  C  CB  . LEU A 1 32  ? -3.786  7.332   -3.522  1.000 14.880 ? 32  LEU AAA CB  1 ? 
ATOM   299  C  CG  . LEU A 1 32  ? -2.883  6.333   -2.806  1.000 15.902 ? 32  LEU AAA CG  1 ? 
ATOM   300  C  CD1 . LEU A 1 32  ? -1.540  6.182   -3.438  1.000 17.443 ? 32  LEU AAA CD1 1 ? 
ATOM   301  C  CD2 . LEU A 1 32  ? -2.726  6.670   -1.327  1.000 15.703 ? 32  LEU AAA CD2 1 ? 
ATOM   302  N  N   . ARG A 1 33  ? -5.661  5.261   -4.978  1.000 14.139 ? 33  ARG AAA N   1 ? 
ATOM   303  C  CA  . ARG A 1 33  ? -6.117  3.898   -5.281  1.000 14.287 ? 33  ARG AAA CA  1 ? 
ATOM   304  C  C   . ARG A 1 33  ? -6.012  3.623   -6.760  1.000 14.740 ? 33  ARG AAA C   1 ? 
ATOM   305  O  O   . ARG A 1 33  ? -5.715  2.451   -7.133  1.000 15.421 ? 33  ARG AAA O   1 ? 
ATOM   306  C  CB  . ARG A 1 33  ? -7.544  3.714   -4.800  1.000 14.868 ? 33  ARG AAA CB  1 ? 
ATOM   307  C  CG  . ARG A 1 33  ? -8.068  2.309   -5.101  1.000 15.753 ? 33  ARG AAA CG  1 ? 
ATOM   308  C  CD  . ARG A 1 33  ? -9.394  1.944   -4.482  1.000 17.283 ? 33  ARG AAA CD  1 ? 
ATOM   309  N  NE  . ARG A 1 33  ? -9.277  1.949   -3.015  1.000 17.192 ? 33  ARG AAA NE  1 ? 
ATOM   310  C  CZ  . ARG A 1 33  ? -10.286 1.622   -2.191  1.000 17.161 ? 33  ARG AAA CZ  1 ? 
ATOM   311  N  NH1 . ARG A 1 33  ? -11.486 1.347   -2.680  1.000 18.878 ? 33  ARG AAA NH1 1 ? 
ATOM   312  N  NH2 . ARG A 1 33  ? -10.109 1.699   -0.894  1.000 17.237 ? 33  ARG AAA NH2 1 ? 
ATOM   313  N  N   . GLY A 1 34  ? -6.218  4.629   -7.582  1.000 14.569 ? 34  GLY AAA N   1 ? 
ATOM   314  C  CA  . GLY A 1 34  ? -6.047  4.551   -9.049  1.000 15.181 ? 34  GLY AAA CA  1 ? 
ATOM   315  C  C   . GLY A 1 34  ? -4.632  4.709   -9.568  1.000 15.523 ? 34  GLY AAA C   1 ? 
ATOM   316  O  O   . GLY A 1 34  ? -4.431  4.715   -10.788 1.000 16.319 ? 34  GLY AAA O   1 ? 
ATOM   317  N  N   . GLY A 1 35  ? -3.624  4.711   -8.693  1.000 15.133 ? 35  GLY AAA N   1 ? 
ATOM   318  C  CA  . GLY A 1 35  ? -2.224  4.778   -9.128  1.000 15.613 ? 35  GLY AAA CA  1 ? 
ATOM   319  C  C   . GLY A 1 35  ? -1.708  6.157   -9.459  1.000 15.890 ? 35  GLY AAA C   1 ? 
ATOM   320  O  O   . GLY A 1 35  ? -0.656  6.246   -10.129 1.000 17.621 ? 35  GLY AAA O   1 ? 
ATOM   321  N  N   A ILE A 1 36  ? -2.349  7.207   -8.968  0.500 16.184 ? 36  ILE AAA N   1 ? 
ATOM   322  N  N   B ILE A 1 36  ? -2.349  7.204   -8.959  0.500 15.807 ? 36  ILE AAA N   1 ? 
ATOM   323  C  CA  A ILE A 1 36  ? -1.925  8.620   -9.157  0.500 17.456 ? 36  ILE AAA CA  1 ? 
ATOM   324  C  CA  B ILE A 1 36  ? -1.953  8.627   -9.146  0.500 16.652 ? 36  ILE AAA CA  1 ? 
ATOM   325  C  C   A ILE A 1 36  ? -1.543  9.176   -7.789  0.500 15.906 ? 36  ILE AAA C   1 ? 
ATOM   326  C  C   B ILE A 1 36  ? -1.544  9.172   -7.781  0.500 15.548 ? 36  ILE AAA C   1 ? 
ATOM   327  O  O   A ILE A 1 36  ? -2.377  9.112   -6.866  0.500 16.914 ? 36  ILE AAA O   1 ? 
ATOM   328  O  O   B ILE A 1 36  ? -2.365  9.104   -6.849  0.500 16.751 ? 36  ILE AAA O   1 ? 
ATOM   329  C  CB  A ILE A 1 36  ? -3.020  9.449   -9.851  0.500 18.934 ? 36  ILE AAA CB  1 ? 
ATOM   330  C  CB  B ILE A 1 36  ? -3.095  9.437   -9.785  0.500 17.374 ? 36  ILE AAA CB  1 ? 
ATOM   331  C  CG1 A ILE A 1 36  ? -3.244  8.988   -11.295 0.500 20.928 ? 36  ILE AAA CG1 1 ? 
ATOM   332  C  CG1 B ILE A 1 36  ? -3.479  8.862   -11.151 0.500 18.238 ? 36  ILE AAA CG1 1 ? 
ATOM   333  C  CG2 A ILE A 1 36  ? -2.695  10.931  -9.781  0.500 21.326 ? 36  ILE AAA CG2 1 ? 
ATOM   334  C  CG2 B ILE A 1 36  ? -2.735  10.909  -9.877  0.500 19.590 ? 36  ILE AAA CG2 1 ? 
ATOM   335  C  CD1 A ILE A 1 36  ? -2.088  9.249   -12.260 0.500 24.319 ? 36  ILE AAA CD1 1 ? 
ATOM   336  C  CD1 B ILE A 1 36  ? -4.776  9.409   -11.706 0.500 19.512 ? 36  ILE AAA CD1 1 ? 
ATOM   337  N  N   . PHE A 1 37  ? -0.325  9.685   -7.650  1.000 16.797 ? 37  PHE AAA N   1 ? 
ATOM   338  C  CA  . PHE A 1 37  ? 0.286   9.943   -6.338  1.000 16.799 ? 37  PHE AAA CA  1 ? 
ATOM   339  C  C   . PHE A 1 37  ? 0.472   11.438  -6.144  1.000 17.806 ? 37  PHE AAA C   1 ? 
ATOM   340  O  O   . PHE A 1 37  ? 1.476   11.977  -6.647  1.000 21.635 ? 37  PHE AAA O   1 ? 
ATOM   341  C  CB  . PHE A 1 37  ? 1.614   9.189   -6.224  1.000 17.454 ? 37  PHE AAA CB  1 ? 
ATOM   342  C  CG  . PHE A 1 37  ? 1.459   7.698   -6.140  1.000 16.254 ? 37  PHE AAA CG  1 ? 
ATOM   343  C  CD1 . PHE A 1 37  ? 1.130   6.908   -7.232  1.000 17.104 ? 37  PHE AAA CD1 1 ? 
ATOM   344  C  CD2 . PHE A 1 37  ? 1.649   7.077   -4.934  1.000 17.125 ? 37  PHE AAA CD2 1 ? 
ATOM   345  C  CE1 . PHE A 1 37  ? 0.978   5.537   -7.102  1.000 16.194 ? 37  PHE AAA CE1 1 ? 
ATOM   346  C  CE2 . PHE A 1 37  ? 1.502   5.709   -4.810  1.000 17.429 ? 37  PHE AAA CE2 1 ? 
ATOM   347  C  CZ  . PHE A 1 37  ? 1.135   4.949   -5.900  1.000 16.666 ? 37  PHE AAA CZ  1 ? 
ATOM   348  N  N   . ALA A 1 38  ? -0.369  12.114  -5.426  1.000 16.313 ? 38  ALA AAA N   1 ? 
ATOM   349  C  CA  . ALA A 1 38  ? -0.124  13.543  -5.123  1.000 16.505 ? 38  ALA AAA CA  1 ? 
ATOM   350  C  C   . ALA A 1 38  ? 1.122   13.639  -4.239  1.000 16.652 ? 38  ALA AAA C   1 ? 
ATOM   351  O  O   . ALA A 1 38  ? 1.237   12.990  -3.214  1.000 16.048 ? 38  ALA AAA O   1 ? 
ATOM   352  C  CB  . ALA A 1 38  ? -1.313  14.124  -4.450  1.000 17.266 ? 38  ALA AAA CB  1 ? 
ATOM   353  N  N   . GLU A 1 39  ? 1.993   14.602  -4.609  1.000 17.124 ? 39  GLU AAA N   1 ? 
ATOM   354  C  CA  . GLU A 1 39  ? 3.152   14.961  -3.760  1.000 17.259 ? 39  GLU AAA CA  1 ? 
ATOM   355  C  C   . GLU A 1 39  ? 2.665   15.822  -2.627  1.000 16.712 ? 39  GLU AAA C   1 ? 
ATOM   356  O  O   . GLU A 1 39  ? 2.700   17.097  -2.710  1.000 18.765 ? 39  GLU AAA O   1 ? 
ATOM   357  C  CB  . GLU A 1 39  ? 4.261   15.495  -4.655  1.000 17.268 ? 39  GLU AAA CB  1 ? 
ATOM   358  C  CG  . GLU A 1 39  ? 5.023   14.411  -5.313  1.000 19.558 ? 39  GLU AAA CG  1 ? 
ATOM   359  C  CD  . GLU A 1 39  ? 6.100   13.713  -4.490  1.000 18.100 ? 39  GLU AAA CD  1 ? 
ATOM   360  O  OE1 . GLU A 1 39  ? 6.736   12.779  -5.040  1.000 20.952 ? 39  GLU AAA OE1 1 ? 
ATOM   361  O  OE2 . GLU A 1 39  ? 6.353   14.138  -3.382  1.000 18.958 ? 39  GLU AAA OE2 1 ? 
ATOM   362  N  N   . ASP A 1 40  ? 2.224   15.222  -1.551  1.000 15.772 ? 40  ASP AAA N   1 ? 
ATOM   363  C  CA  . ASP A 1 40  ? 1.605   15.862  -0.403  1.000 16.983 ? 40  ASP AAA CA  1 ? 
ATOM   364  C  C   . ASP A 1 40  ? 2.018   15.043  0.805   1.000 17.040 ? 40  ASP AAA C   1 ? 
ATOM   365  O  O   . ASP A 1 40  ? 1.781   13.815  0.809   1.000 16.895 ? 40  ASP AAA O   1 ? 
ATOM   366  C  CB  . ASP A 1 40  ? 0.096   15.876  -0.628  1.000 18.632 ? 40  ASP AAA CB  1 ? 
ATOM   367  C  CG  . ASP A 1 40  ? -0.677  16.481  0.509   1.000 22.540 ? 40  ASP AAA CG  1 ? 
ATOM   368  O  OD1 . ASP A 1 40  ? -0.559  15.944  1.589   1.000 28.362 ? 40  ASP AAA OD1 1 ? 
ATOM   369  O  OD2 . ASP A 1 40  ? -1.516  17.375  0.287   1.000 24.764 ? 40  ASP AAA OD2 1 ? 
ATOM   370  N  N   A ARG A 1 41  ? 2.643   15.666  1.781   0.500 17.719 ? 41  ARG AAA N   1 ? 
ATOM   371  N  N   B ARG A 1 41  ? 2.629   15.629  1.820   0.500 16.585 ? 41  ARG AAA N   1 ? 
ATOM   372  C  CA  A ARG A 1 41  ? 3.153   14.990  2.983   0.500 18.195 ? 41  ARG AAA CA  1 ? 
ATOM   373  C  CA  B ARG A 1 41  ? 3.157   14.843  2.956   0.500 16.377 ? 41  ARG AAA CA  1 ? 
ATOM   374  C  C   A ARG A 1 41  ? 2.047   14.232  3.714   0.500 17.826 ? 41  ARG AAA C   1 ? 
ATOM   375  C  C   B ARG A 1 41  ? 2.022   14.205  3.764   0.500 16.948 ? 41  ARG AAA C   1 ? 
ATOM   376  O  O   A ARG A 1 41  ? 2.358   13.159  4.260   0.500 17.345 ? 41  ARG AAA O   1 ? 
ATOM   377  O  O   B ARG A 1 41  ? 2.246   13.172  4.405   0.500 16.366 ? 41  ARG AAA O   1 ? 
ATOM   378  C  CB  A ARG A 1 41  ? 3.774   16.030  3.926   0.500 19.459 ? 41  ARG AAA CB  1 ? 
ATOM   379  C  CB  B ARG A 1 41  ? 4.056   15.701  3.862   0.500 16.542 ? 41  ARG AAA CB  1 ? 
ATOM   380  C  CG  A ARG A 1 41  ? 4.234   15.490  5.276   0.500 22.857 ? 41  ARG AAA CG  1 ? 
ATOM   381  C  CG  B ARG A 1 41  ? 5.374   16.073  3.202   0.500 18.225 ? 41  ARG AAA CG  1 ? 
ATOM   382  C  CD  A ARG A 1 41  ? 5.460   14.609  5.179   0.500 24.891 ? 41  ARG AAA CD  1 ? 
ATOM   383  C  CD  B ARG A 1 41  ? 6.558   16.231  4.120   0.500 20.753 ? 41  ARG AAA CD  1 ? 
ATOM   384  N  NE  A ARG A 1 41  ? 5.837   14.062  6.482   0.500 27.660 ? 41  ARG AAA NE  1 ? 
ATOM   385  N  NE  B ARG A 1 41  ? 6.707   15.050  4.957   0.500 19.926 ? 41  ARG AAA NE  1 ? 
ATOM   386  C  CZ  A ARG A 1 41  ? 6.794   13.151  6.668   0.500 24.872 ? 41  ARG AAA CZ  1 ? 
ATOM   387  C  CZ  B ARG A 1 41  ? 7.290   13.901  4.580   0.500 21.156 ? 41  ARG AAA CZ  1 ? 
ATOM   388  N  NH1 A ARG A 1 41  ? 7.471   12.708  5.627   0.500 28.933 ? 41  ARG AAA NH1 1 ? 
ATOM   389  N  NH1 B ARG A 1 41  ? 7.785   13.695  3.351   0.500 18.878 ? 41  ARG AAA NH1 1 ? 
ATOM   390  N  NH2 A ARG A 1 41  ? 7.048   12.693  7.885   0.500 25.015 ? 41  ARG AAA NH2 1 ? 
ATOM   391  N  NH2 B ARG A 1 41  ? 7.307   12.923  5.467   0.500 20.953 ? 41  ARG AAA NH2 1 ? 
ATOM   392  N  N   . GLU A 1 42  ? 0.852   14.805  3.814   1.000 17.157 ? 42  GLU AAA N   1 ? 
ATOM   393  C  CA  . GLU A 1 42  ? -0.282  14.152  4.476   1.000 17.176 ? 42  GLU AAA CA  1 ? 
ATOM   394  C  C   . GLU A 1 42  ? -0.597  12.829  3.763   1.000 17.291 ? 42  GLU AAA C   1 ? 
ATOM   395  O  O   . GLU A 1 42  ? -0.839  11.844  4.455   1.000 17.404 ? 42  GLU AAA O   1 ? 
ATOM   396  C  CB  . GLU A 1 42  ? -1.444  15.123  4.498   1.000 19.078 ? 42  GLU AAA CB  1 ? 
ATOM   397  C  CG  . GLU A 1 42  ? -1.216  16.357  5.342   1.000 22.526 ? 42  GLU AAA CG  1 ? 
ATOM   398  C  CD  . GLU A 1 42  ? -1.118  16.017  6.799   1.000 23.154 ? 42  GLU AAA CD  1 ? 
ATOM   399  O  OE1 . GLU A 1 42  ? -0.080  16.383  7.403   1.000 32.987 ? 42  GLU AAA OE1 1 ? 
ATOM   400  O  OE2 . GLU A 1 42  ? -2.021  15.396  7.364   1.000 23.594 ? 42  GLU AAA OE2 1 ? 
ATOM   401  N  N   . LEU A 1 43  ? -0.583  12.833  2.444   1.000 16.210 ? 43  LEU AAA N   1 ? 
ATOM   402  C  CA  . LEU A 1 43  ? -0.793  11.586  1.682   1.000 14.723 ? 43  LEU AAA CA  1 ? 
ATOM   403  C  C   . LEU A 1 43  ? 0.373   10.611  1.873   1.000 14.999 ? 43  LEU AAA C   1 ? 
ATOM   404  O  O   . LEU A 1 43  ? 0.112   9.397   2.056   1.000 15.001 ? 43  LEU AAA O   1 ? 
ATOM   405  C  CB  . LEU A 1 43  ? -1.007  11.872  0.220   1.000 14.865 ? 43  LEU AAA CB  1 ? 
ATOM   406  C  CG  . LEU A 1 43  ? -1.576  10.688  -0.577  1.000 15.173 ? 43  LEU AAA CG  1 ? 
ATOM   407  C  CD1 . LEU A 1 43  ? -2.970  10.262  -0.094  1.000 15.950 ? 43  LEU AAA CD1 1 ? 
ATOM   408  C  CD2 . LEU A 1 43  ? -1.592  11.010  -2.043  1.000 16.219 ? 43  LEU AAA CD2 1 ? 
ATOM   409  N  N   . LYS A 1 44  ? 1.605   11.071  1.901   1.000 15.577 ? 44  LYS AAA N   1 ? 
ATOM   410  C  CA  . LYS A 1 44  ? 2.722   10.151  2.234   1.000 14.456 ? 44  LYS AAA CA  1 ? 
ATOM   411  C  C   . LYS A 1 44  ? 2.477   9.510   3.576   1.000 15.309 ? 44  LYS AAA C   1 ? 
ATOM   412  O  O   . LYS A 1 44  ? 2.640   8.288   3.691   1.000 15.762 ? 44  LYS AAA O   1 ? 
ATOM   413  C  CB  . LYS A 1 44  ? 4.045   10.936  2.233   1.000 16.171 ? 44  LYS AAA CB  1 ? 
ATOM   414  C  CG  . LYS A 1 44  ? 4.397   11.487  0.877   1.000 16.157 ? 44  LYS AAA CG  1 ? 
ATOM   415  C  CD  . LYS A 1 44  ? 5.775   12.126  0.852   1.000 16.780 ? 44  LYS AAA CD  1 ? 
ATOM   416  C  CE  . LYS A 1 44  ? 6.252   12.292  -0.557  1.000 17.313 ? 44  LYS AAA CE  1 ? 
ATOM   417  N  NZ  . LYS A 1 44  ? 7.601   12.932  -0.701  1.000 18.063 ? 44  LYS AAA NZ  1 ? 
ATOM   418  N  N   . CYS A 1 45  ? 2.191   10.245  4.609   1.000 15.748 ? 45  CYS AAA N   1 ? 
ATOM   419  C  CA  . CYS A 1 45  ? 2.035   9.609   5.921   1.000 16.885 ? 45  CYS AAA CA  1 ? 
ATOM   420  C  C   . CYS A 1 45  ? 0.761   8.778   6.031   1.000 16.295 ? 45  CYS AAA C   1 ? 
ATOM   421  O  O   . CYS A 1 45  ? 0.792   7.779   6.751   1.000 16.469 ? 45  CYS AAA O   1 ? 
ATOM   422  C  CB  . CYS A 1 45  ? 2.221   10.657  7.005   1.000 20.799 ? 45  CYS AAA CB  1 ? 
ATOM   423  S  SG  . CYS A 1 45  ? 3.952   11.251  7.141   1.000 24.438 ? 45  CYS AAA SG  1 ? 
ATOM   424  N  N   . TYR A 1 46  ? -0.270  9.079   5.259   1.000 15.159 ? 46  TYR AAA N   1 ? 
ATOM   425  C  CA  . TYR A 1 46  ? -1.418  8.151   5.143   1.000 14.597 ? 46  TYR AAA CA  1 ? 
ATOM   426  C  C   . TYR A 1 46  ? -0.919  6.814   4.606   1.000 14.068 ? 46  TYR AAA C   1 ? 
ATOM   427  O  O   . TYR A 1 46  ? -1.366  5.770   5.169   1.000 14.559 ? 46  TYR AAA O   1 ? 
ATOM   428  C  CB  . TYR A 1 46  ? -2.454  8.774   4.221   1.000 14.583 ? 46  TYR AAA CB  1 ? 
ATOM   429  C  CG  . TYR A 1 46  ? -3.509  7.812   3.767   1.000 14.146 ? 46  TYR AAA CG  1 ? 
ATOM   430  C  CD1 . TYR A 1 46  ? -4.590  7.534   4.568   1.000 15.242 ? 46  TYR AAA CD1 1 ? 
ATOM   431  C  CD2 . TYR A 1 46  ? -3.410  7.150   2.546   1.000 14.354 ? 46  TYR AAA CD2 1 ? 
ATOM   432  C  CE1 . TYR A 1 46  ? -5.575  6.644   4.194   1.000 14.810 ? 46  TYR AAA CE1 1 ? 
ATOM   433  C  CE2 . TYR A 1 46  ? -4.394  6.274   2.140   1.000 15.306 ? 46  TYR AAA CE2 1 ? 
ATOM   434  C  CZ  . TYR A 1 46  ? -5.468  6.010   2.968   1.000 14.828 ? 46  TYR AAA CZ  1 ? 
ATOM   435  O  OH  . TYR A 1 46  ? -6.455  5.140   2.597   1.000 15.044 ? 46  TYR AAA OH  1 ? 
ATOM   436  N  N   . THR A 1 47  ? -0.036  6.808   3.610   1.000 13.881 ? 47  THR AAA N   1 ? 
ATOM   437  C  CA  . THR A 1 47  ? 0.415   5.481   3.111   1.000 14.280 ? 47  THR AAA CA  1 ? 
ATOM   438  C  C   . THR A 1 47  ? 1.128   4.696   4.193   1.000 14.624 ? 47  THR AAA C   1 ? 
ATOM   439  O  O   . THR A 1 47  ? 1.071   3.452   4.219   1.000 14.873 ? 47  THR AAA O   1 ? 
ATOM   440  C  CB  . THR A 1 47  ? 1.294   5.525   1.864   1.000 14.203 ? 47  THR AAA CB  1 ? 
ATOM   441  O  OG1 . THR A 1 47  ? 2.578   6.116   2.127   1.000 14.868 ? 47  THR AAA OG1 1 ? 
ATOM   442  C  CG2 . THR A 1 47  ? 0.692   6.277   0.698   1.000 15.686 ? 47  THR AAA CG2 1 ? 
ATOM   443  N  N   A MET A 1 48  ? 1.834   5.400   5.079   0.500 14.890 ? 48  MET AAA N   1 ? 
ATOM   444  N  N   B MET A 1 48  ? 1.792   5.393   5.113   0.500 15.980 ? 48  MET AAA N   1 ? 
ATOM   445  C  CA  A MET A 1 48  ? 2.547   4.720   6.165   0.500 14.329 ? 48  MET AAA CA  1 ? 
ATOM   446  C  CA  B MET A 1 48  ? 2.552   4.676   6.145   0.500 16.724 ? 48  MET AAA CA  1 ? 
ATOM   447  C  C   A MET A 1 48  ? 1.544   4.186   7.184   0.500 15.156 ? 48  MET AAA C   1 ? 
ATOM   448  C  C   B MET A 1 48  ? 1.570   4.197   7.217   0.500 16.316 ? 48  MET AAA C   1 ? 
ATOM   449  O  O   A MET A 1 48  ? 1.697   3.053   7.683   0.500 16.229 ? 48  MET AAA O   1 ? 
ATOM   450  O  O   B MET A 1 48  ? 1.712   3.070   7.716   0.500 16.736 ? 48  MET AAA O   1 ? 
ATOM   451  C  CB  A MET A 1 48  ? 3.494   5.686   6.847   0.500 15.232 ? 48  MET AAA CB  1 ? 
ATOM   452  C  CB  B MET A 1 48  ? 3.660   5.565   6.694   0.500 20.102 ? 48  MET AAA CB  1 ? 
ATOM   453  C  CG  A MET A 1 48  ? 4.167   4.965   7.977   0.500 15.769 ? 48  MET AAA CG  1 ? 
ATOM   454  C  CG  B MET A 1 48  ? 4.688   4.757   7.437   0.500 24.158 ? 48  MET AAA CG  1 ? 
ATOM   455  S  SD  A MET A 1 48  ? 5.582   5.802   8.683   0.500 18.568 ? 48  MET AAA SD  1 ? 
ATOM   456  S  SD  B MET A 1 48  ? 4.247   4.800   9.138   0.500 32.078 ? 48  MET AAA SD  1 ? 
ATOM   457  C  CE  A MET A 1 48  ? 4.774   6.859   9.882   0.500 22.614 ? 48  MET AAA CE  1 ? 
ATOM   458  C  CE  B MET A 1 48  ? 5.103   6.345   9.381   0.500 20.779 ? 48  MET AAA CE  1 ? 
ATOM   459  N  N   . CYS A 1 49  ? 0.511   4.936   7.505   1.000 16.235 ? 49  CYS AAA N   1 ? 
ATOM   460  C  CA  . CYS A 1 49  ? -0.565  4.437   8.376   1.000 16.356 ? 49  CYS AAA CA  1 ? 
ATOM   461  C  C   . CYS A 1 49  ? -1.160  3.164   7.810   1.000 16.276 ? 49  CYS AAA C   1 ? 
ATOM   462  O  O   . CYS A 1 49  ? -1.422  2.202   8.553   1.000 16.558 ? 49  CYS AAA O   1 ? 
ATOM   463  C  CB  . CYS A 1 49  ? -1.645  5.504   8.514   1.000 18.069 ? 49  CYS AAA CB  1 ? 
ATOM   464  S  SG  . CYS A 1 49  ? -2.987  5.145   9.672   1.000 22.186 ? 49  CYS AAA SG  1 ? 
ATOM   465  N  N   . ILE A 1 50  ? -1.448  3.160   6.522   1.000 15.366 ? 50  ILE AAA N   1 ? 
ATOM   466  C  CA  . ILE A 1 50  ? -2.024  1.960   5.890   1.000 15.409 ? 50  ILE AAA CA  1 ? 
ATOM   467  C  C   . ILE A 1 50  ? -1.024  0.806   5.968   1.000 15.484 ? 50  ILE AAA C   1 ? 
ATOM   468  O  O   . ILE A 1 50  ? -1.459  -0.302  6.349   1.000 16.782 ? 50  ILE AAA O   1 ? 
ATOM   469  C  CB  . ILE A 1 50  ? -2.412  2.262   4.444   1.000 15.038 ? 50  ILE AAA CB  1 ? 
ATOM   470  C  CG1 . ILE A 1 50  ? -3.555  3.274   4.352   1.000 15.724 ? 50  ILE AAA CG1 1 ? 
ATOM   471  C  CG2 . ILE A 1 50  ? -2.701  0.983   3.693   1.000 15.483 ? 50  ILE AAA CG2 1 ? 
ATOM   472  C  CD1 . ILE A 1 50  ? -4.842  2.806   4.903   1.000 16.166 ? 50  ILE AAA CD1 1 ? 
ATOM   473  N  N   . ALA A 1 51  ? 0.225   1.040   5.661   1.000 15.175 ? 51  ALA AAA N   1 ? 
ATOM   474  C  CA  . ALA A 1 51  ? 1.238   -0.026  5.672   1.000 17.585 ? 51  ALA AAA CA  1 ? 
ATOM   475  C  C   . ALA A 1 51  ? 1.276   -0.601  7.075   1.000 19.391 ? 51  ALA AAA C   1 ? 
ATOM   476  O  O   . ALA A 1 51  ? 1.384   -1.876  7.215   1.000 20.714 ? 51  ALA AAA O   1 ? 
ATOM   477  C  CB  . ALA A 1 51  ? 2.566   0.497   5.261   1.000 17.982 ? 51  ALA AAA CB  1 ? 
ATOM   478  N  N   . GLN A 1 52  ? 1.226   0.221   8.094   1.000 17.869 ? 52  GLN AAA N   1 ? 
ATOM   479  C  CA  . GLN A 1 52  ? 1.252   -0.268  9.488   1.000 21.500 ? 52  GLN AAA CA  1 ? 
ATOM   480  C  C   . GLN A 1 52  ? 0.019   -1.139  9.697   1.000 23.648 ? 52  GLN AAA C   1 ? 
ATOM   481  O  O   . GLN A 1 52  ? 0.156   -2.293  10.153  1.000 25.464 ? 52  GLN AAA O   1 ? 
ATOM   482  C  CB  . GLN A 1 52  ? 1.209   0.901   10.454  1.000 23.887 ? 52  GLN AAA CB  1 ? 
ATOM   483  C  CG  . GLN A 1 52  ? 2.536   1.607   10.560  1.000 26.579 ? 52  GLN AAA CG  1 ? 
ATOM   484  C  CD  . GLN A 1 52  ? 2.532   2.856   11.402  1.000 32.761 ? 52  GLN AAA CD  1 ? 
ATOM   485  O  OE1 . GLN A 1 52  ? 1.565   3.614   11.469  1.000 38.302 ? 52  GLN AAA OE1 1 ? 
ATOM   486  N  NE2 . GLN A 1 52  ? 3.649   3.079   12.081  1.000 40.367 ? 52  GLN AAA NE2 1 ? 
ATOM   487  N  N   A MET A 1 53  ? -1.170  -0.586  9.445   0.500 21.101 ? 53  MET AAA N   1 ? 
ATOM   488  N  N   B MET A 1 53  ? -1.174  -0.648  9.386   0.500 20.846 ? 53  MET AAA N   1 ? 
ATOM   489  C  CA  A MET A 1 53  ? -2.463  -1.300  9.590   0.500 23.327 ? 53  MET AAA CA  1 ? 
ATOM   490  C  CA  B MET A 1 53  ? -2.426  -1.387  9.691   0.500 22.499 ? 53  MET AAA CA  1 ? 
ATOM   491  C  C   A MET A 1 53  ? -2.338  -2.697  8.993   0.500 21.486 ? 53  MET AAA C   1 ? 
ATOM   492  C  C   B MET A 1 53  ? -2.501  -2.691  8.872   0.500 21.680 ? 53  MET AAA C   1 ? 
ATOM   493  O  O   A MET A 1 53  ? -2.792  -3.667  9.670   0.500 22.729 ? 53  MET AAA O   1 ? 
ATOM   494  O  O   B MET A 1 53  ? -3.251  -3.658  9.238   0.500 22.456 ? 53  MET AAA O   1 ? 
ATOM   495  C  CB  A MET A 1 53  ? -3.567  -0.548  8.842   0.500 23.629 ? 53  MET AAA CB  1 ? 
ATOM   496  C  CB  B MET A 1 53  ? -3.611  -0.467  9.386   0.500 22.320 ? 53  MET AAA CB  1 ? 
ATOM   497  C  CG  A MET A 1 53  ? -4.970  -0.882  9.261   0.500 27.346 ? 53  MET AAA CG  1 ? 
ATOM   498  C  CG  B MET A 1 53  ? -4.917  -1.019  9.877   0.500 24.259 ? 53  MET AAA CG  1 ? 
ATOM   499  S  SD  A MET A 1 53  ? -5.906  0.678   9.387   0.500 25.770 ? 53  MET AAA SD  1 ? 
ATOM   500  S  SD  B MET A 1 53  ? -6.268  0.063   9.347   0.500 26.164 ? 53  MET AAA SD  1 ? 
ATOM   501  C  CE  A MET A 1 53  ? -5.470  1.094   11.064  0.500 27.747 ? 53  MET AAA CE  1 ? 
ATOM   502  C  CE  B MET A 1 53  ? -7.641  -0.882  9.993   0.500 27.414 ? 53  MET AAA CE  1 ? 
ATOM   503  N  N   . ALA A 1 54  ? -1.741  -2.790  7.799   1.000 21.652 ? 54  ALA AAA N   1 ? 
ATOM   504  C  CA  . ALA A 1 54  ? -1.738  -3.976  6.908   1.000 24.810 ? 54  ALA AAA CA  1 ? 
ATOM   505  C  C   . ALA A 1 54  ? -0.691  -4.974  7.399   1.000 25.785 ? 54  ALA AAA C   1 ? 
ATOM   506  O  O   . ALA A 1 54  ? -0.616  -6.055  6.763   1.000 29.225 ? 54  ALA AAA O   1 ? 
ATOM   507  C  CB  . ALA A 1 54  ? -1.499  -3.578  5.464   1.000 26.954 ? 54  ALA AAA CB  1 ? 
ATOM   508  N  N   . GLY A 1 55  ? 0.097   -4.609  8.417   1.000 23.859 ? 55  GLY AAA N   1 ? 
ATOM   509  C  CA  . GLY A 1 55  ? 1.089   -5.525  9.022   1.000 26.723 ? 55  GLY AAA CA  1 ? 
ATOM   510  C  C   . GLY A 1 55  ? 2.310   -5.686  8.128   1.000 29.461 ? 55  GLY AAA C   1 ? 
ATOM   511  O  O   . GLY A 1 55  ? 2.942   -6.775  8.128   1.000 30.181 ? 55  GLY AAA O   1 ? 
ATOM   512  N  N   . THR A 1 56  ? 2.728   -4.634  7.436   1.000 23.657 ? 56  THR AAA N   1 ? 
ATOM   513  C  CA  . THR A 1 56  ? 3.842   -4.726  6.457   1.000 23.315 ? 56  THR AAA CA  1 ? 
ATOM   514  C  C   . THR A 1 56  ? 5.096   -4.052  7.008   1.000 21.259 ? 56  THR AAA C   1 ? 
ATOM   515  O  O   . THR A 1 56  ? 6.098   -4.125  6.323   1.000 23.759 ? 56  THR AAA O   1 ? 
ATOM   516  C  CB  . THR A 1 56  ? 3.503   -4.153  5.072   1.000 21.419 ? 56  THR AAA CB  1 ? 
ATOM   517  O  OG1 . THR A 1 56  ? 3.254   -2.772  5.255   1.000 20.538 ? 56  THR AAA OG1 1 ? 
ATOM   518  C  CG2 . THR A 1 56  ? 2.341   -4.817  4.353   1.000 23.992 ? 56  THR AAA CG2 1 ? 
ATOM   519  N  N   A MET A 1 57  ? 4.996   -3.347  8.127   0.500 20.031 ? 57  MET AAA N   1 ? 
ATOM   520  N  N   B MET A 1 57  ? 5.030   -3.402  8.155   0.500 20.823 ? 57  MET AAA N   1 ? 
ATOM   521  C  CA  A MET A 1 57  ? 6.078   -2.511  8.694   0.500 21.532 ? 57  MET AAA CA  1 ? 
ATOM   522  C  CA  B MET A 1 57  ? 6.163   -2.600  8.653   0.500 22.839 ? 57  MET AAA CA  1 ? 
ATOM   523  C  C   A MET A 1 57  ? 6.789   -3.277  9.822   0.500 21.120 ? 57  MET AAA C   1 ? 
ATOM   524  C  C   B MET A 1 57  ? 6.735   -3.135  9.956   0.500 21.892 ? 57  MET AAA C   1 ? 
ATOM   525  O  O   A MET A 1 57  ? 6.229   -4.284  10.349  0.500 21.868 ? 57  MET AAA O   1 ? 
ATOM   526  O  O   B MET A 1 57  ? 5.991   -3.655  10.821  0.500 22.411 ? 57  MET AAA O   1 ? 
ATOM   527  C  CB  A MET A 1 57  ? 5.533   -1.181  9.218   0.500 21.372 ? 57  MET AAA CB  1 ? 
ATOM   528  C  CB  B MET A 1 57  ? 5.735   -1.171  8.918   0.500 23.782 ? 57  MET AAA CB  1 ? 
ATOM   529  C  CG  A MET A 1 57  ? 4.861   -0.310  8.125   0.500 20.926 ? 57  MET AAA CG  1 ? 
ATOM   530  C  CG  B MET A 1 57  ? 5.017   -0.593  7.732   0.500 23.765 ? 57  MET AAA CG  1 ? 
ATOM   531  S  SD  A MET A 1 57  ? 5.973   0.158   6.760   0.500 19.347 ? 57  MET AAA SD  1 ? 
ATOM   532  S  SD  B MET A 1 57  ? 5.282   1.156   7.697   0.500 26.232 ? 57  MET AAA SD  1 ? 
ATOM   533  C  CE  A MET A 1 57  ? 6.958   1.438   7.558   0.500 22.049 ? 57  MET AAA CE  1 ? 
ATOM   534  C  CE  B MET A 1 57  ? 6.999   1.249   7.189   0.500 27.855 ? 57  MET AAA CE  1 ? 
ATOM   535  N  N   . ASN A 1 58  ? 8.009   -2.830  10.124  1.000 20.949 ? 58  ASN AAA N   1 ? 
ATOM   536  C  CA  . ASN A 1 58  ? 8.741   -3.203  11.357  1.000 20.816 ? 58  ASN AAA CA  1 ? 
ATOM   537  C  C   . ASN A 1 58  ? 8.855   -1.972  12.261  1.000 21.596 ? 58  ASN AAA C   1 ? 
ATOM   538  O  O   . ASN A 1 58  ? 8.498   -0.833  11.933  1.000 24.422 ? 58  ASN AAA O   1 ? 
ATOM   539  C  CB  . ASN A 1 58  ? 10.059  -3.860  10.977  1.000 19.996 ? 58  ASN AAA CB  1 ? 
ATOM   540  C  CG  . ASN A 1 58  ? 11.135  -2.937  10.486  1.000 21.296 ? 58  ASN AAA CG  1 ? 
ATOM   541  O  OD1 . ASN A 1 58  ? 11.090  -1.740  10.693  1.000 20.907 ? 58  ASN AAA OD1 1 ? 
ATOM   542  N  ND2 . ASN A 1 58  ? 12.114  -3.476  9.758   1.000 24.434 ? 58  ASN AAA ND2 1 ? 
ATOM   543  N  N   . LYS A 1 59  ? 9.358   -2.177  13.481  1.000 23.027 ? 59  LYS AAA N   1 ? 
ATOM   544  C  CA  . LYS A 1 59  ? 9.350   -1.125  14.515  1.000 24.702 ? 59  LYS AAA CA  1 ? 
ATOM   545  C  C   . LYS A 1 59  ? 10.492  -0.144  14.261  1.000 24.112 ? 59  LYS AAA C   1 ? 
ATOM   546  O  O   . LYS A 1 59  ? 10.439  0.970   14.818  1.000 29.751 ? 59  LYS AAA O   1 ? 
ATOM   547  C  CB  . LYS A 1 59  ? 9.394   -1.724  15.924  1.000 27.782 ? 59  LYS AAA CB  1 ? 
ATOM   548  C  CG  . LYS A 1 59  ? 8.077   -2.356  16.334  1.000 30.588 ? 59  LYS AAA CG  1 ? 
ATOM   549  C  CD  . LYS A 1 59  ? 7.959   -2.545  17.823  1.000 30.355 ? 59  LYS AAA CD  1 ? 
ATOM   550  C  CE  . LYS A 1 59  ? 6.583   -2.934  18.318  1.000 33.277 ? 59  LYS AAA CE  1 ? 
ATOM   551  N  NZ  . LYS A 1 59  ? 6.575   -2.961  19.807  1.000 35.485 ? 59  LYS AAA NZ  1 ? 
ATOM   552  N  N   . LYS A 1 60  ? 11.424  -0.451  13.367  1.000 23.766 ? 60  LYS AAA N   1 ? 
ATOM   553  C  CA  . LYS A 1 60  ? 12.467  0.520   12.964  1.000 26.304 ? 60  LYS AAA CA  1 ? 
ATOM   554  C  C   . LYS A 1 60  ? 11.874  1.534   11.971  1.000 26.500 ? 60  LYS AAA C   1 ? 
ATOM   555  O  O   . LYS A 1 60  ? 12.591  2.504   11.664  1.000 29.849 ? 60  LYS AAA O   1 ? 
ATOM   556  C  CB  . LYS A 1 60  ? 13.648  -0.175  12.292  1.000 31.275 ? 60  LYS AAA CB  1 ? 
ATOM   557  C  CG  . LYS A 1 60  ? 14.787  -0.630  13.183  1.000 36.025 ? 60  LYS AAA CG  1 ? 
ATOM   558  C  CD  . LYS A 1 60  ? 15.793  -1.465  12.412  1.000 39.825 ? 60  LYS AAA CD  1 ? 
ATOM   559  C  CE  . LYS A 1 60  ? 16.667  -0.655  11.487  1.000 44.105 ? 60  LYS AAA CE  1 ? 
ATOM   560  N  NZ  . LYS A 1 60  ? 17.615  0.193   12.241  1.000 50.202 ? 60  LYS AAA NZ  1 ? 
ATOM   561  N  N   . GLY A 1 61  ? 10.642  1.338   11.487  1.000 25.169 ? 61  GLY AAA N   1 ? 
ATOM   562  C  CA  . GLY A 1 61  ? 10.020  2.240   10.489  1.000 23.208 ? 61  GLY AAA CA  1 ? 
ATOM   563  C  C   . GLY A 1 61  ? 10.397  1.873   9.054   1.000 22.008 ? 61  GLY AAA C   1 ? 
ATOM   564  O  O   . GLY A 1 61  ? 10.245  2.732   8.157   1.000 22.690 ? 61  GLY AAA O   1 ? 
ATOM   565  N  N   . GLU A 1 62  ? 10.795  0.628   8.819   1.000 21.213 ? 62  GLU AAA N   1 ? 
ATOM   566  C  CA  . GLU A 1 62  ? 11.049  0.083   7.470   1.000 22.306 ? 62  GLU AAA CA  1 ? 
ATOM   567  C  C   . GLU A 1 62  ? 9.892   -0.820  7.077   1.000 20.004 ? 62  GLU AAA C   1 ? 
ATOM   568  O  O   . GLU A 1 62  ? 9.140   -1.369  7.909   1.000 19.929 ? 62  GLU AAA O   1 ? 
ATOM   569  C  CB  . GLU A 1 62  ? 12.341  -0.750  7.476   1.000 24.010 ? 62  GLU AAA CB  1 ? 
ATOM   570  C  CG  . GLU A 1 62  ? 13.555  -0.039  8.038   1.000 26.991 ? 62  GLU AAA CG  1 ? 
ATOM   571  C  CD  . GLU A 1 62  ? 14.732  -0.936  8.395   1.000 30.365 ? 62  GLU AAA CD  1 ? 
ATOM   572  O  OE1 . GLU A 1 62  ? 15.863  -0.413  8.471   1.000 39.295 ? 62  GLU AAA OE1 1 ? 
ATOM   573  O  OE2 . GLU A 1 62  ? 14.523  -2.146  8.607   1.000 30.904 ? 62  GLU AAA OE2 1 ? 
ATOM   574  N  N   . ILE A 1 63  ? 9.780   -1.067  5.792   1.000 20.679 ? 63  ILE AAA N   1 ? 
ATOM   575  C  CA  . ILE A 1 63  ? 8.896   -2.114  5.291   1.000 18.229 ? 63  ILE AAA CA  1 ? 
ATOM   576  C  C   . ILE A 1 63  ? 9.564   -3.473  5.487   1.000 18.325 ? 63  ILE AAA C   1 ? 
ATOM   577  O  O   . ILE A 1 63  ? 10.692  -3.640  5.063   1.000 19.192 ? 63  ILE AAA O   1 ? 
ATOM   578  C  CB  . ILE A 1 63  ? 8.586   -1.844  3.818   1.000 18.213 ? 63  ILE AAA CB  1 ? 
ATOM   579  C  CG1 . ILE A 1 63  ? 7.897   -0.488  3.658   1.000 20.834 ? 63  ILE AAA CG1 1 ? 
ATOM   580  C  CG2 . ILE A 1 63  ? 7.771   -2.981  3.255   1.000 22.561 ? 63  ILE AAA CG2 1 ? 
ATOM   581  C  CD1 . ILE A 1 63  ? 7.892   0.007   2.228   1.000 22.054 ? 63  ILE AAA CD1 1 ? 
ATOM   582  N  N   . ASN A 1 64  ? 8.834   -4.382  6.058   1.000 18.704 ? 64  ASN AAA N   1 ? 
ATOM   583  C  CA  . ASN A 1 64  ? 9.227   -5.792  6.174   1.000 19.404 ? 64  ASN AAA CA  1 ? 
ATOM   584  C  C   . ASN A 1 64  ? 8.768   -6.504  4.894   1.000 17.981 ? 64  ASN AAA C   1 ? 
ATOM   585  O  O   . ASN A 1 64  ? 7.582   -6.854  4.805   1.000 19.678 ? 64  ASN AAA O   1 ? 
ATOM   586  C  CB  . ASN A 1 64  ? 8.623   -6.373  7.438   1.000 20.892 ? 64  ASN AAA CB  1 ? 
ATOM   587  C  CG  . ASN A 1 64  ? 9.104   -7.778  7.690   1.000 21.793 ? 64  ASN AAA CG  1 ? 
ATOM   588  O  OD1 . ASN A 1 64  ? 9.392   -8.523  6.761   1.000 23.444 ? 64  ASN AAA OD1 1 ? 
ATOM   589  N  ND2 . ASN A 1 64  ? 9.225   -8.118  8.975   1.000 26.839 ? 64  ASN AAA ND2 1 ? 
ATOM   590  N  N   . VAL A 1 65  ? 9.673   -6.729  3.973   1.000 19.656 ? 65  VAL AAA N   1 ? 
ATOM   591  C  CA  . VAL A 1 65  ? 9.343   -7.320  2.656   1.000 22.506 ? 65  VAL AAA CA  1 ? 
ATOM   592  C  C   . VAL A 1 65  ? 8.855   -8.764  2.862   1.000 23.659 ? 65  VAL AAA C   1 ? 
ATOM   593  O  O   . VAL A 1 65  ? 7.871   -9.138  2.276   1.000 22.970 ? 65  VAL AAA O   1 ? 
ATOM   594  C  CB  . VAL A 1 65  ? 10.544  -7.136  1.719   1.000 25.695 ? 65  VAL AAA CB  1 ? 
ATOM   595  C  CG1 . VAL A 1 65  ? 10.301  -7.820  0.387   1.000 28.705 ? 65  VAL AAA CG1 1 ? 
ATOM   596  C  CG2 . VAL A 1 65  ? 10.844  -5.655  1.508   1.000 25.366 ? 65  VAL AAA CG2 1 ? 
ATOM   597  N  N   A GLN A 1 66  ? 9.541   -9.545  3.705   0.500 25.605 ? 66  GLN AAA N   1 ? 
ATOM   598  N  N   B GLN A 1 66  ? 9.507   -9.557  3.707   0.500 25.297 ? 66  GLN AAA N   1 ? 
ATOM   599  C  CA  A GLN A 1 66  ? 9.140   -10.943 4.032   0.500 27.774 ? 66  GLN AAA CA  1 ? 
ATOM   600  C  CA  B GLN A 1 66  ? 9.074   -10.966 3.913   0.500 27.122 ? 66  GLN AAA CA  1 ? 
ATOM   601  C  C   A GLN A 1 66  ? 7.677   -10.971 4.482   0.500 27.066 ? 66  GLN AAA C   1 ? 
ATOM   602  C  C   B GLN A 1 66  ? 7.650   -10.993 4.491   0.500 26.767 ? 66  GLN AAA C   1 ? 
ATOM   603  O  O   A GLN A 1 66  ? 6.901   -11.764 3.930   0.500 27.177 ? 66  GLN AAA O   1 ? 
ATOM   604  O  O   B GLN A 1 66  ? 6.838   -11.791 4.010   0.500 25.543 ? 66  GLN AAA O   1 ? 
ATOM   605  C  CB  A GLN A 1 66  ? 10.005  -11.562 5.137   0.500 31.702 ? 66  GLN AAA CB  1 ? 
ATOM   606  C  CB  B GLN A 1 66  ? 10.085  -11.744 4.756   0.500 30.789 ? 66  GLN AAA CB  1 ? 
ATOM   607  C  CG  A GLN A 1 66  ? 9.494   -12.922 5.613   0.500 33.633 ? 66  GLN AAA CG  1 ? 
ATOM   608  C  CG  B GLN A 1 66  ? 11.340  -12.126 3.985   0.500 33.024 ? 66  GLN AAA CG  1 ? 
ATOM   609  C  CD  A GLN A 1 66  ? 10.479  -13.664 6.489   0.500 37.056 ? 66  GLN AAA CD  1 ? 
ATOM   610  C  CD  B GLN A 1 66  ? 11.052  -12.725 2.626   0.500 34.124 ? 66  GLN AAA CD  1 ? 
ATOM   611  O  OE1 A GLN A 1 66  ? 10.909  -13.177 7.534   0.500 38.684 ? 66  GLN AAA OE1 1 ? 
ATOM   612  O  OE1 B GLN A 1 66  ? 10.309  -13.700 2.489   0.500 35.750 ? 66  GLN AAA OE1 1 ? 
ATOM   613  N  NE2 A GLN A 1 66  ? 10.845  -14.866 6.070   0.500 37.557 ? 66  GLN AAA NE2 1 ? 
ATOM   614  N  NE2 B GLN A 1 66  ? 11.662  -12.155 1.599   0.500 32.831 ? 66  GLN AAA NE2 1 ? 
ATOM   615  N  N   . LYS A 1 67  ? 7.293   -10.128 5.446   1.000 25.623 ? 67  LYS AAA N   1 ? 
ATOM   616  C  CA  . LYS A 1 67  ? 5.909   -10.111 5.976   1.000 24.575 ? 67  LYS AAA CA  1 ? 
ATOM   617  C  C   . LYS A 1 67  ? 4.934   -9.695  4.876   1.000 23.554 ? 67  LYS AAA C   1 ? 
ATOM   618  O  O   . LYS A 1 67  ? 3.806   -10.220 4.822   1.000 25.693 ? 67  LYS AAA O   1 ? 
ATOM   619  C  CB  . LYS A 1 67  ? 5.693   -9.154  7.159   1.000 28.023 ? 67  LYS AAA CB  1 ? 
ATOM   620  C  CG  . LYS A 1 67  ? 5.934   -9.719  8.555   1.000 31.262 ? 67  LYS AAA CG  1 ? 
ATOM   621  C  CD  . LYS A 1 67  ? 5.314   -8.871  9.652   1.000 34.982 ? 67  LYS AAA CD  1 ? 
ATOM   622  C  CE  . LYS A 1 67  ? 3.859   -9.199  9.926   1.000 38.636 ? 67  LYS AAA CE  1 ? 
ATOM   623  N  NZ  . LYS A 1 67  ? 3.278   -8.262  10.922  1.000 40.519 ? 67  LYS AAA NZ  1 ? 
ATOM   624  N  N   . THR A 1 68  ? 5.307   -8.710  4.054   1.000 21.375 ? 68  THR AAA N   1 ? 
ATOM   625  C  CA  . THR A 1 68  ? 4.425   -8.231  2.979   1.000 21.032 ? 68  THR AAA CA  1 ? 
ATOM   626  C  C   . THR A 1 68  ? 4.140   -9.399  2.024   1.000 21.321 ? 68  THR AAA C   1 ? 
ATOM   627  O  O   . THR A 1 68  ? 2.964   -9.551  1.654   1.000 22.108 ? 68  THR AAA O   1 ? 
ATOM   628  C  CB  . THR A 1 68  ? 5.028   -7.035  2.243   1.000 20.328 ? 68  THR AAA CB  1 ? 
ATOM   629  O  OG1 . THR A 1 68  ? 5.324   -5.982  3.181   1.000 20.804 ? 68  THR AAA OG1 1 ? 
ATOM   630  C  CG2 . THR A 1 68  ? 4.112   -6.443  1.216   1.000 21.254 ? 68  THR AAA CG2 1 ? 
ATOM   631  N  N   . LEU A 1 69  ? 5.183   -10.106 1.577   1.000 20.455 ? 69  LEU AAA N   1 ? 
ATOM   632  C  CA  . LEU A 1 69  ? 5.006   -11.272 0.666   1.000 22.395 ? 69  LEU AAA CA  1 ? 
ATOM   633  C  C   . LEU A 1 69  ? 4.020   -12.274 1.296   1.000 24.811 ? 69  LEU AAA C   1 ? 
ATOM   634  O  O   . LEU A 1 69  ? 3.125   -12.788 0.594   1.000 24.517 ? 69  LEU AAA O   1 ? 
ATOM   635  C  CB  . LEU A 1 69  ? 6.384   -11.861 0.371   1.000 23.259 ? 69  LEU AAA CB  1 ? 
ATOM   636  C  CG  . LEU A 1 69  ? 7.300   -10.962 -0.473  1.000 23.079 ? 69  LEU AAA CG  1 ? 
ATOM   637  C  CD1 . LEU A 1 69  ? 8.703   -11.528 -0.520  1.000 25.722 ? 69  LEU AAA CD1 1 ? 
ATOM   638  C  CD2 . LEU A 1 69  ? 6.779   -10.818 -1.894  1.000 22.797 ? 69  LEU AAA CD2 1 ? 
ATOM   639  N  N   . ALA A 1 70  ? 4.075   -12.489 2.611   1.000 24.536 ? 70  ALA AAA N   1 ? 
ATOM   640  C  CA  . ALA A 1 70  ? 3.211   -13.502 3.260   1.000 25.347 ? 70  ALA AAA CA  1 ? 
ATOM   641  C  C   . ALA A 1 70  ? 1.756   -13.042 3.276   1.000 27.439 ? 70  ALA AAA C   1 ? 
ATOM   642  O  O   . ALA A 1 70  ? 0.835   -13.885 3.085   1.000 30.579 ? 70  ALA AAA O   1 ? 
ATOM   643  C  CB  . ALA A 1 70  ? 3.715   -13.792 4.650   1.000 27.036 ? 70  ALA AAA CB  1 ? 
ATOM   644  N  N   A GLN A 1 71  ? 1.536   -11.742 3.439   0.500 26.078 ? 71  GLN AAA N   1 ? 
ATOM   645  N  N   B GLN A 1 71  ? 1.496   -11.763 3.524   0.500 29.590 ? 71  GLN AAA N   1 ? 
ATOM   646  C  CA  A GLN A 1 71  ? 0.181   -11.137 3.400   0.500 24.577 ? 71  GLN AAA CA  1 ? 
ATOM   647  C  CA  B GLN A 1 71  ? 0.109   -11.232 3.596   0.500 30.945 ? 71  GLN AAA CA  1 ? 
ATOM   648  C  C   A GLN A 1 71  ? -0.419  -11.304 1.992   0.500 26.341 ? 71  GLN AAA C   1 ? 
ATOM   649  C  C   B GLN A 1 71  ? -0.576  -11.383 2.232   0.500 31.549 ? 71  GLN AAA C   1 ? 
ATOM   650  O  O   A GLN A 1 71  ? -1.612  -11.623 1.900   0.500 26.517 ? 71  GLN AAA O   1 ? 
ATOM   651  O  O   B GLN A 1 71  ? -1.764  -11.720 2.196   0.500 36.624 ? 71  GLN AAA O   1 ? 
ATOM   652  C  CB  A GLN A 1 71  ? 0.209   -9.667  3.827   0.500 26.420 ? 71  GLN AAA CB  1 ? 
ATOM   653  C  CB  B GLN A 1 71  ? 0.107   -9.775  4.045   0.500 35.053 ? 71  GLN AAA CB  1 ? 
ATOM   654  C  CG  A GLN A 1 71  ? 0.537   -9.452  5.300   0.500 28.095 ? 71  GLN AAA CG  1 ? 
ATOM   655  C  CG  B GLN A 1 71  ? 0.290   -9.628  5.544   0.500 39.981 ? 71  GLN AAA CG  1 ? 
ATOM   656  C  CD  A GLN A 1 71  ? -0.568  -9.880  6.243   0.500 29.627 ? 71  GLN AAA CD  1 ? 
ATOM   657  C  CD  B GLN A 1 71  ? 1.236   -8.502  5.856   0.500 42.844 ? 71  GLN AAA CD  1 ? 
ATOM   658  O  OE1 A GLN A 1 71  ? -1.404  -9.083  6.673   0.500 29.162 ? 71  GLN AAA OE1 1 ? 
ATOM   659  O  OE1 B GLN A 1 71  ? 1.242   -7.481  5.174   0.500 46.148 ? 71  GLN AAA OE1 1 ? 
ATOM   660  N  NE2 A GLN A 1 71  ? -0.568  -11.158 6.583   0.500 31.215 ? 71  GLN AAA NE2 1 ? 
ATOM   661  N  NE2 B GLN A 1 71  ? 2.059   -8.693  6.875   0.500 45.507 ? 71  GLN AAA NE2 1 ? 
ATOM   662  N  N   A MET A 1 72  ? 0.367   -11.138 0.923   0.600 26.443 ? 72  MET AAA N   1 ? 
ATOM   663  N  N   B MET A 1 72  ? 0.177   -11.156 1.148   0.400 27.443 ? 72  MET AAA N   1 ? 
ATOM   664  C  CA  A MET A 1 72  ? -0.135  -11.280 -0.469  0.600 28.180 ? 72  MET AAA CA  1 ? 
ATOM   665  C  CA  B MET A 1 72  ? -0.304  -11.228 -0.261  0.400 26.329 ? 72  MET AAA CA  1 ? 
ATOM   666  C  C   A MET A 1 72  ? -0.694  -12.689 -0.636  0.600 28.563 ? 72  MET AAA C   1 ? 
ATOM   667  C  C   B MET A 1 72  ? -0.726  -12.673 -0.579  0.400 27.869 ? 72  MET AAA C   1 ? 
ATOM   668  O  O   A MET A 1 72  ? -1.822  -12.836 -1.134  0.600 30.076 ? 72  MET AAA O   1 ? 
ATOM   669  O  O   B MET A 1 72  ? -1.798  -12.848 -1.182  0.400 28.707 ? 72  MET AAA O   1 ? 
ATOM   670  C  CB  A MET A 1 72  ? 0.991   -11.044 -1.474  0.600 27.087 ? 72  MET AAA CB  1 ? 
ATOM   671  C  CB  B MET A 1 72  ? 0.781   -10.755 -1.239  0.400 23.785 ? 72  MET AAA CB  1 ? 
ATOM   672  C  CG  A MET A 1 72  ? 1.477   -9.632  -1.450  0.600 28.587 ? 72  MET AAA CG  1 ? 
ATOM   673  C  CG  B MET A 1 72  ? 0.868   -9.241  -1.381  0.400 21.502 ? 72  MET AAA CG  1 ? 
ATOM   674  S  SD  A MET A 1 72  ? 0.135   -8.456  -1.690  0.600 29.144 ? 72  MET AAA SD  1 ? 
ATOM   675  S  SD  B MET A 1 72  ? 2.419   -8.798  -2.221  0.400 25.058 ? 72  MET AAA SD  1 ? 
ATOM   676  C  CE  A MET A 1 72  ? -0.184  -7.961  0.000   0.600 29.511 ? 72  MET AAA CE  1 ? 
ATOM   677  C  CE  B MET A 1 72  ? 3.362   -10.198 -1.640  0.400 29.278 ? 72  MET AAA CE  1 ? 
ATOM   678  N  N   . ASP A 1 73  ? 0.044   -13.683 -0.153  1.000 31.181 ? 73  ASP AAA N   1 ? 
ATOM   679  C  CA  . ASP A 1 73  ? -0.404  -15.102 -0.194  1.000 32.680 ? 73  ASP AAA CA  1 ? 
ATOM   680  C  C   . ASP A 1 73  ? -1.741  -15.256 0.532   1.000 38.810 ? 73  ASP AAA C   1 ? 
ATOM   681  O  O   . ASP A 1 73  ? -2.687  -15.831 -0.049  1.000 39.664 ? 73  ASP AAA O   1 ? 
ATOM   682  C  CB  . ASP A 1 73  ? 0.654   -16.025 0.394   1.000 34.617 ? 73  ASP AAA CB  1 ? 
ATOM   683  C  CG  . ASP A 1 73  ? 1.840   -16.203 -0.524  1.000 41.759 ? 73  ASP AAA CG  1 ? 
ATOM   684  O  OD1 . ASP A 1 73  ? 1.632   -16.108 -1.749  1.000 44.702 ? 73  ASP AAA OD1 1 ? 
ATOM   685  O  OD2 . ASP A 1 73  ? 2.947   -16.429 -0.013  1.000 49.168 ? 73  ASP AAA OD2 1 ? 
ATOM   686  N  N   . ALA A 1 74  ? -1.829  -14.730 1.750   1.000 37.137 ? 74  ALA AAA N   1 ? 
ATOM   687  C  CA  . ALA A 1 74  ? -3.001  -14.921 2.640   1.000 39.269 ? 74  ALA AAA CA  1 ? 
ATOM   688  C  C   . ALA A 1 74  ? -4.245  -14.285 2.018   1.000 41.588 ? 74  ALA AAA C   1 ? 
ATOM   689  O  O   . ALA A 1 74  ? -5.332  -14.896 2.117   1.000 42.861 ? 74  ALA AAA O   1 ? 
ATOM   690  C  CB  . ALA A 1 74  ? -2.727  -14.326 4.002   1.000 39.576 ? 74  ALA AAA CB  1 ? 
ATOM   691  N  N   . MET A 1 75  ? -4.097  -13.094 1.426   1.000 42.296 ? 75  MET AAA N   1 ? 
ATOM   692  C  CA  . MET A 1 75  ? -5.196  -12.099 1.303   1.000 41.846 ? 75  MET AAA CA  1 ? 
ATOM   693  C  C   . MET A 1 75  ? -5.642  -11.954 -0.152  1.000 40.315 ? 75  MET AAA C   1 ? 
ATOM   694  O  O   . MET A 1 75  ? -6.854  -11.950 -0.405  1.000 40.325 ? 75  MET AAA O   1 ? 
ATOM   695  C  CB  . MET A 1 75  ? -4.754  -10.725 1.819   1.000 48.569 ? 75  MET AAA CB  1 ? 
ATOM   696  C  CG  . MET A 1 75  ? -4.454  -10.676 3.317   1.000 54.110 ? 75  MET AAA CG  1 ? 
ATOM   697  S  SD  . MET A 1 75  ? -5.917  -10.915 4.361   1.000 62.505 ? 75  MET AAA SD  1 ? 
ATOM   698  C  CE  . MET A 1 75  ? -5.849  -12.681 4.660   1.000 59.690 ? 75  MET AAA CE  1 ? 
ATOM   699  N  N   . LEU A 1 76  ? -4.703  -11.779 -1.072  1.000 33.354 ? 76  LEU AAA N   1 ? 
ATOM   700  C  CA  . LEU A 1 76  ? -5.007  -11.295 -2.434  1.000 30.526 ? 76  LEU AAA CA  1 ? 
ATOM   701  C  C   . LEU A 1 76  ? -5.645  -12.397 -3.260  1.000 30.271 ? 76  LEU AAA C   1 ? 
ATOM   702  O  O   . LEU A 1 76  ? -5.172  -13.535 -3.286  1.000 32.232 ? 76  LEU AAA O   1 ? 
ATOM   703  C  CB  . LEU A 1 76  ? -3.714  -10.844 -3.116  1.000 27.035 ? 76  LEU AAA CB  1 ? 
ATOM   704  C  CG  . LEU A 1 76  ? -3.079  -9.553  -2.633  1.000 29.682 ? 76  LEU AAA CG  1 ? 
ATOM   705  C  CD1 . LEU A 1 76  ? -1.979  -9.176  -3.625  1.000 28.746 ? 76  LEU AAA CD1 1 ? 
ATOM   706  C  CD2 . LEU A 1 76  ? -4.120  -8.454  -2.499  1.000 31.044 ? 76  LEU AAA CD2 1 ? 
ATOM   707  N  N   . PRO A 1 77  ? -6.663  -12.045 -4.067  1.000 28.553 ? 77  PRO AAA N   1 ? 
ATOM   708  C  CA  . PRO A 1 77  ? -7.203  -13.008 -5.024  1.000 30.221 ? 77  PRO AAA CA  1 ? 
ATOM   709  C  C   . PRO A 1 77  ? -6.024  -13.589 -5.795  1.000 32.442 ? 77  PRO AAA C   1 ? 
ATOM   710  O  O   . PRO A 1 77  ? -5.120  -12.838 -6.202  1.000 29.473 ? 77  PRO AAA O   1 ? 
ATOM   711  C  CB  . PRO A 1 77  ? -8.149  -12.167 -5.890  1.000 32.369 ? 77  PRO AAA CB  1 ? 
ATOM   712  C  CG  . PRO A 1 77  ? -8.513  -10.962 -5.020  1.000 32.925 ? 77  PRO AAA CG  1 ? 
ATOM   713  C  CD  . PRO A 1 77  ? -7.301  -10.721 -4.137  1.000 31.579 ? 77  PRO AAA CD  1 ? 
ATOM   714  N  N   . PRO A 1 78  ? -5.962  -14.928 -5.997  1.000 35.796 ? 78  PRO AAA N   1 ? 
ATOM   715  C  CA  . PRO A 1 78  ? -4.813  -15.571 -6.645  1.000 38.462 ? 78  PRO AAA CA  1 ? 
ATOM   716  C  C   . PRO A 1 78  ? -4.261  -14.806 -7.858  1.000 43.571 ? 78  PRO AAA C   1 ? 
ATOM   717  O  O   . PRO A 1 78  ? -3.059  -14.623 -7.970  1.000 48.559 ? 78  PRO AAA O   1 ? 
ATOM   718  C  CB  . PRO A 1 78  ? -5.401  -16.909 -7.129  1.000 37.623 ? 78  PRO AAA CB  1 ? 
ATOM   719  C  CG  . PRO A 1 78  ? -6.482  -17.210 -6.129  1.000 34.937 ? 78  PRO AAA CG  1 ? 
ATOM   720  C  CD  . PRO A 1 78  ? -7.036  -15.874 -5.677  1.000 39.174 ? 78  PRO AAA CD  1 ? 
ATOM   721  N  N   A ASP A 1 79  ? -5.166  -14.348 -8.729  0.500 47.592 ? 79  ASP AAA N   1 ? 
ATOM   722  N  N   B ASP A 1 79  ? -5.173  -14.384 -8.743  0.500 47.150 ? 79  ASP AAA N   1 ? 
ATOM   723  C  CA  A ASP A 1 79  ? -4.861  -13.668 -10.015 0.500 47.207 ? 79  ASP AAA CA  1 ? 
ATOM   724  C  CA  B ASP A 1 79  ? -4.897  -13.637 -9.999  0.500 46.207 ? 79  ASP AAA CA  1 ? 
ATOM   725  C  C   A ASP A 1 79  ? -4.014  -12.408 -9.760  0.500 46.344 ? 79  ASP AAA C   1 ? 
ATOM   726  C  C   B ASP A 1 79  ? -3.955  -12.462 -9.710  0.500 46.046 ? 79  ASP AAA C   1 ? 
ATOM   727  O  O   A ASP A 1 79  ? -3.194  -12.066 -10.636 0.500 52.356 ? 79  ASP AAA O   1 ? 
ATOM   728  O  O   B ASP A 1 79  ? -3.009  -12.251 -10.491 0.500 53.137 ? 79  ASP AAA O   1 ? 
ATOM   729  C  CB  A ASP A 1 79  ? -6.166  -13.384 -10.765 0.500 47.972 ? 79  ASP AAA CB  1 ? 
ATOM   730  C  CB  B ASP A 1 79  ? -6.206  -13.168 -10.641 0.500 45.785 ? 79  ASP AAA CB  1 ? 
ATOM   731  C  CG  A ASP A 1 79  ? -6.025  -13.357 -12.278 0.500 46.189 ? 79  ASP AAA CG  1 ? 
ATOM   732  C  CG  B ASP A 1 79  ? -7.252  -12.680 -9.650  0.500 44.218 ? 79  ASP AAA CG  1 ? 
ATOM   733  O  OD1 A ASP A 1 79  ? -4.905  -13.108 -12.752 0.500 47.927 ? 79  ASP AAA OD1 1 ? 
ATOM   734  O  OD1 B ASP A 1 79  ? -8.161  -13.458 -9.353  0.500 37.518 ? 79  ASP AAA OD1 1 ? 
ATOM   735  O  OD2 A ASP A 1 79  ? -7.042  -13.566 -12.966 0.500 44.974 ? 79  ASP AAA OD2 1 ? 
ATOM   736  O  OD2 B ASP A 1 79  ? -7.154  -11.520 -9.196  0.500 42.290 ? 79  ASP AAA OD2 1 ? 
ATOM   737  N  N   . MET A 1 80  ? -4.198  -11.743 -8.611  1.000 39.000 ? 80  MET AAA N   1 ? 
ATOM   738  C  CA  . MET A 1 80  ? -3.391  -10.571 -8.201  1.000 37.923 ? 80  MET AAA CA  1 ? 
ATOM   739  C  C   . MET A 1 80  ? -2.056  -10.996 -7.544  1.000 41.127 ? 80  MET AAA C   1 ? 
ATOM   740  O  O   . MET A 1 80  ? -1.203  -10.120 -7.442  1.000 31.817 ? 80  MET AAA O   1 ? 
ATOM   741  C  CB  . MET A 1 80  ? -4.202  -9.683  -7.245  1.000 35.002 ? 80  MET AAA CB  1 ? 
ATOM   742  C  CG  . MET A 1 80  ? -5.358  -8.988  -7.923  1.000 38.379 ? 80  MET AAA CG  1 ? 
ATOM   743  S  SD  . MET A 1 80  ? -6.371  -7.996  -6.795  1.000 40.129 ? 80  MET AAA SD  1 ? 
ATOM   744  C  CE  . MET A 1 80  ? -5.113  -6.993  -6.012  1.000 40.094 ? 80  MET AAA CE  1 ? 
ATOM   745  N  N   . ARG A 1 81  ? -1.831  -12.276 -7.193  1.000 36.542 ? 81  ARG AAA N   1 ? 
ATOM   746  C  CA  . ARG A 1 81  ? -0.860  -12.700 -6.132  1.000 34.391 ? 81  ARG AAA CA  1 ? 
ATOM   747  C  C   . ARG A 1 81  ? 0.581   -12.821 -6.658  1.000 31.999 ? 81  ARG AAA C   1 ? 
ATOM   748  O  O   . ARG A 1 81  ? 1.446   -12.197 -6.027  1.000 27.049 ? 81  ARG AAA O   1 ? 
ATOM   749  C  CB  . ARG A 1 81  ? -1.324  -14.004 -5.485  1.000 39.601 ? 81  ARG AAA CB  1 ? 
ATOM   750  C  CG  . ARG A 1 81  ? -0.379  -14.575 -4.443  1.000 41.044 ? 81  ARG AAA CG  1 ? 
ATOM   751  C  CD  . ARG A 1 81  ? -0.984  -15.877 -3.953  1.000 46.224 ? 81  ARG AAA CD  1 ? 
ATOM   752  N  NE  . ARG A 1 81  ? -1.292  -16.750 -5.082  1.000 49.894 ? 81  ARG AAA NE  1 ? 
ATOM   753  C  CZ  . ARG A 1 81  ? -2.290  -17.636 -5.147  1.000 49.989 ? 81  ARG AAA CZ  1 ? 
ATOM   754  N  NH1 . ARG A 1 81  ? -2.437  -18.354 -6.249  1.000 53.060 ? 81  ARG AAA NH1 1 ? 
ATOM   755  N  NH2 . ARG A 1 81  ? -3.147  -17.785 -4.149  1.000 48.767 ? 81  ARG AAA NH2 1 ? 
ATOM   756  N  N   . ASP A 1 82  ? 0.865   -13.643 -7.687  1.000 26.755 ? 82  ASP AAA N   1 ? 
ATOM   757  C  CA  . ASP A 1 82  ? 2.200   -13.708 -8.328  1.000 26.777 ? 82  ASP AAA CA  1 ? 
ATOM   758  C  C   . ASP A 1 82  ? 2.560   -12.291 -8.805  1.000 20.412 ? 82  ASP AAA C   1 ? 
ATOM   759  O  O   . ASP A 1 82  ? 3.712   -11.894 -8.596  1.000 23.734 ? 82  ASP AAA O   1 ? 
ATOM   760  C  CB  . ASP A 1 82  ? 2.268   -14.732 -9.462  1.000 28.392 ? 82  ASP AAA CB  1 ? 
ATOM   761  C  CG  . ASP A 1 82  ? 2.296   -16.188 -9.019  1.000 34.863 ? 82  ASP AAA CG  1 ? 
ATOM   762  O  OD1 . ASP A 1 82  ? 2.230   -16.472 -7.787  1.000 37.566 ? 82  ASP AAA OD1 1 ? 
ATOM   763  O  OD2 . ASP A 1 82  ? 2.383   -17.041 -9.927  1.000 38.906 ? 82  ASP AAA OD2 1 ? 
ATOM   764  N  N   . LYS A 1 83  ? 1.639   -11.537 -9.363  1.000 23.501 ? 83  LYS AAA N   1 ? 
ATOM   765  C  CA  . LYS A 1 83  ? 1.989   -10.192 -9.896  1.000 21.455 ? 83  LYS AAA CA  1 ? 
ATOM   766  C  C   . LYS A 1 83  ? 2.365   -9.257  -8.748  1.000 22.072 ? 83  LYS AAA C   1 ? 
ATOM   767  O  O   . LYS A 1 83  ? 3.369   -8.540  -8.855  1.000 20.810 ? 83  LYS AAA O   1 ? 
ATOM   768  C  CB  . LYS A 1 83  ? 0.866   -9.595  -10.741 1.000 25.137 ? 83  LYS AAA CB  1 ? 
ATOM   769  C  CG  . LYS A 1 83  ? 0.766   -10.313 -12.072 1.000 25.892 ? 83  LYS AAA CG  1 ? 
ATOM   770  C  CD  . LYS A 1 83  ? -0.070  -9.655  -13.133 1.000 32.468 ? 83  LYS AAA CD  1 ? 
ATOM   771  C  CE  . LYS A 1 83  ? -0.077  -10.511 -14.384 1.000 36.074 ? 83  LYS AAA CE  1 ? 
ATOM   772  N  NZ  . LYS A 1 83  ? -0.897  -9.940  -15.478 1.000 36.304 ? 83  LYS AAA NZ  1 ? 
ATOM   773  N  N   . ALA A 1 84  ? 1.599   -9.254  -7.668  1.000 21.165 ? 84  ALA AAA N   1 ? 
ATOM   774  C  CA  . ALA A 1 84  ? 1.925   -8.447  -6.484  1.000 20.022 ? 84  ALA AAA CA  1 ? 
ATOM   775  C  C   . ALA A 1 84  ? 3.264   -8.882  -5.916  1.000 20.899 ? 84  ALA AAA C   1 ? 
ATOM   776  O  O   . ALA A 1 84  ? 4.079   -8.013  -5.590  1.000 20.170 ? 84  ALA AAA O   1 ? 
ATOM   777  C  CB  . ALA A 1 84  ? 0.800   -8.486  -5.472  1.000 24.370 ? 84  ALA AAA CB  1 ? 
ATOM   778  N  N   . LYS A 1 85  ? 3.546   -10.145 -5.760  1.000 19.457 ? 85  LYS AAA N   1 ? 
ATOM   779  C  CA  . LYS A 1 85  ? 4.826   -10.591 -5.196  1.000 22.514 ? 85  LYS AAA CA  1 ? 
ATOM   780  C  C   . LYS A 1 85  ? 5.994   -10.220 -6.106  1.000 20.468 ? 85  LYS AAA C   1 ? 
ATOM   781  O  O   . LYS A 1 85  ? 7.034   -9.884  -5.602  1.000 20.814 ? 85  LYS AAA O   1 ? 
ATOM   782  C  CB  . LYS A 1 85  ? 4.775   -12.080 -4.898  1.000 24.335 ? 85  LYS AAA CB  1 ? 
ATOM   783  C  CG  . LYS A 1 85  ? 3.760   -12.393 -3.804  1.000 24.701 ? 85  LYS AAA CG  1 ? 
ATOM   784  C  CD  . LYS A 1 85  ? 3.490   -13.855 -3.601  1.000 30.586 ? 85  LYS AAA CD  1 ? 
ATOM   785  C  CE  . LYS A 1 85  ? 4.771   -14.601 -3.329  1.000 32.994 ? 85  LYS AAA CE  1 ? 
ATOM   786  N  NZ  . LYS A 1 85  ? 4.523   -15.906 -2.662  1.000 35.989 ? 85  LYS AAA NZ  1 ? 
ATOM   787  N  N   . GLU A 1 86  ? 5.808   -10.335 -7.423  1.000 20.965 ? 86  GLU AAA N   1 ? 
ATOM   788  C  CA  . GLU A 1 86  ? 6.882   -9.979  -8.357  1.000 21.018 ? 86  GLU AAA CA  1 ? 
ATOM   789  C  C   . GLU A 1 86  ? 7.113   -8.478  -8.268  1.000 17.715 ? 86  GLU AAA C   1 ? 
ATOM   790  O  O   . GLU A 1 86  ? 8.261   -8.030  -8.297  1.000 19.232 ? 86  GLU AAA O   1 ? 
ATOM   791  C  CB  . GLU A 1 86  ? 6.569   -10.537 -9.738  1.000 24.614 ? 86  GLU AAA CB  1 ? 
ATOM   792  C  CG  . GLU A 1 86  ? 6.779   -12.043 -9.726  1.000 26.827 ? 86  GLU AAA CG  1 ? 
ATOM   793  C  CD  . GLU A 1 86  ? 6.294   -12.914 -10.867 1.000 32.877 ? 86  GLU AAA CD  1 ? 
ATOM   794  O  OE1 . GLU A 1 86  ? 6.221   -12.400 -11.973 1.000 28.578 ? 86  GLU AAA OE1 1 ? 
ATOM   795  O  OE2 . GLU A 1 86  ? 5.961   -14.115 -10.600 1.000 40.365 ? 86  GLU AAA OE2 1 ? 
ATOM   796  N  N   . ALA A 1 87  ? 6.077   -7.679  -8.109  1.000 17.351 ? 87  ALA AAA N   1 ? 
ATOM   797  C  CA  . ALA A 1 87  ? 6.191   -6.215  -7.992  1.000 17.876 ? 87  ALA AAA CA  1 ? 
ATOM   798  C  C   . ALA A 1 87  ? 6.931   -5.911  -6.695  1.000 17.192 ? 87  ALA AAA C   1 ? 
ATOM   799  O  O   . ALA A 1 87  ? 7.842   -5.075  -6.689  1.000 18.285 ? 87  ALA AAA O   1 ? 
ATOM   800  C  CB  . ALA A 1 87  ? 4.828   -5.566  -8.015  1.000 17.957 ? 87  ALA AAA CB  1 ? 
ATOM   801  N  N   . ILE A 1 88  ? 6.573   -6.547  -5.607  1.000 17.412 ? 88  ILE AAA N   1 ? 
ATOM   802  C  CA  . ILE A 1 88  ? 7.235   -6.280  -4.301  1.000 18.357 ? 88  ILE AAA CA  1 ? 
ATOM   803  C  C   . ILE A 1 88  ? 8.730   -6.571  -4.416  1.000 18.827 ? 88  ILE AAA C   1 ? 
ATOM   804  O  O   . ILE A 1 88  ? 9.573   -5.768  -3.959  1.000 19.261 ? 88  ILE AAA O   1 ? 
ATOM   805  C  CB  . ILE A 1 88  ? 6.575   -7.129  -3.203  1.000 20.276 ? 88  ILE AAA CB  1 ? 
ATOM   806  C  CG1 . ILE A 1 88  ? 5.181   -6.595  -2.899  1.000 20.171 ? 88  ILE AAA CG1 1 ? 
ATOM   807  C  CG2 . ILE A 1 88  ? 7.427   -7.232  -1.949  1.000 21.356 ? 88  ILE AAA CG2 1 ? 
ATOM   808  C  CD1 . ILE A 1 88  ? 4.328   -7.575  -2.177  1.000 22.345 ? 88  ILE AAA CD1 1 ? 
ATOM   809  N  N   . HIS A 1 89  ? 9.093   -7.712  -4.974  1.000 20.724 ? 89  HIS AAA N   1 ? 
ATOM   810  C  CA  . HIS A 1 89  ? 10.512  -8.065  -5.148  1.000 20.277 ? 89  HIS AAA CA  1 ? 
ATOM   811  C  C   . HIS A 1 89  ? 11.180  -6.997  -6.006  1.000 20.879 ? 89  HIS AAA C   1 ? 
ATOM   812  O  O   . HIS A 1 89  ? 12.321  -6.590  -5.682  1.000 23.615 ? 89  HIS AAA O   1 ? 
ATOM   813  C  CB  . HIS A 1 89  ? 10.653  -9.438  -5.817  1.000 23.499 ? 89  HIS AAA CB  1 ? 
ATOM   814  C  CG  . HIS A 1 89  ? 12.075  -9.870  -5.802  1.000 27.370 ? 89  HIS AAA CG  1 ? 
ATOM   815  N  ND1 . HIS A 1 89  ? 12.884  -9.794  -6.933  1.000 36.350 ? 89  HIS AAA ND1 1 ? 
ATOM   816  C  CD2 . HIS A 1 89  ? 12.861  -10.281 -4.785  1.000 29.480 ? 89  HIS AAA CD2 1 ? 
ATOM   817  C  CE1 . HIS A 1 89  ? 14.104  -10.199 -6.612  1.000 32.707 ? 89  HIS AAA CE1 1 ? 
ATOM   818  N  NE2 . HIS A 1 89  ? 14.112  -10.505 -5.313  1.000 32.466 ? 89  HIS AAA NE2 1 ? 
ATOM   819  N  N   . SER A 1 90  ? 10.560  -6.549  -7.094  1.000 19.034 ? 90  SER AAA N   1 ? 
ATOM   820  C  CA  . SER A 1 90  ? 11.192  -5.581  -8.004  1.000 20.182 ? 90  SER AAA CA  1 ? 
ATOM   821  C  C   . SER A 1 90  ? 11.453  -4.277  -7.271  1.000 20.372 ? 90  SER AAA C   1 ? 
ATOM   822  O  O   . SER A 1 90  ? 12.377  -3.518  -7.676  1.000 23.111 ? 90  SER AAA O   1 ? 
ATOM   823  C  CB  . SER A 1 90  ? 10.276  -5.354  -9.166  1.000 22.281 ? 90  SER AAA CB  1 ? 
ATOM   824  O  OG  . SER A 1 90  ? 10.767  -4.340  -10.049 1.000 27.374 ? 90  SER AAA OG  1 ? 
ATOM   825  N  N   . CYS A 1 91  ? 10.629  -3.941  -6.295  1.000 18.607 ? 91  CYS AAA N   1 ? 
ATOM   826  C  CA  . CYS A 1 91  ? 10.612  -2.622  -5.647  1.000 18.995 ? 91  CYS AAA CA  1 ? 
ATOM   827  C  C   . CYS A 1 91  ? 11.297  -2.621  -4.277  1.000 18.200 ? 91  CYS AAA C   1 ? 
ATOM   828  O  O   . CYS A 1 91  ? 11.243  -1.615  -3.550  1.000 19.460 ? 91  CYS AAA O   1 ? 
ATOM   829  C  CB  . CYS A 1 91  ? 9.171   -2.148  -5.495  1.000 18.674 ? 91  CYS AAA CB  1 ? 
ATOM   830  S  SG  . CYS A 1 91  ? 8.352   -1.867  -7.077  1.000 18.511 ? 91  CYS AAA SG  1 ? 
ATOM   831  N  N   A ARG A 1 92  ? 11.938  -3.715  -3.902  0.500 19.551 ? 92  ARG AAA N   1 ? 
ATOM   832  N  N   B ARG A 1 92  ? 11.949  -3.738  -3.944  0.500 21.350 ? 92  ARG AAA N   1 ? 
ATOM   833  C  CA  A ARG A 1 92  ? 12.486  -3.864  -2.531  0.500 22.329 ? 92  ARG AAA CA  1 ? 
ATOM   834  C  CA  B ARG A 1 92  ? 12.673  -3.982  -2.665  0.500 25.775 ? 92  ARG AAA CA  1 ? 
ATOM   835  C  C   A ARG A 1 92  ? 13.711  -2.929  -2.323  0.500 21.514 ? 92  ARG AAA C   1 ? 
ATOM   836  C  C   B ARG A 1 92  ? 13.677  -2.880  -2.342  0.500 23.565 ? 92  ARG AAA C   1 ? 
ATOM   837  O  O   A ARG A 1 92  ? 14.009  -2.677  -1.159  0.500 27.705 ? 92  ARG AAA O   1 ? 
ATOM   838  O  O   B ARG A 1 92  ? 13.829  -2.560  -1.156  0.500 30.255 ? 92  ARG AAA O   1 ? 
ATOM   839  C  CB  A ARG A 1 92  ? 12.766  -5.358  -2.301  0.500 20.483 ? 92  ARG AAA CB  1 ? 
ATOM   840  C  CB  B ARG A 1 92  ? 13.532  -5.243  -2.752  0.500 26.783 ? 92  ARG AAA CB  1 ? 
ATOM   841  C  CG  A ARG A 1 92  ? 14.037  -5.803  -3.013  0.500 22.230 ? 92  ARG AAA CG  1 ? 
ATOM   842  C  CG  B ARG A 1 92  ? 12.758  -6.526  -2.546  0.500 28.570 ? 92  ARG AAA CG  1 ? 
ATOM   843  C  CD  A ARG A 1 92  ? 14.272  -7.286  -3.218  0.500 24.385 ? 92  ARG AAA CD  1 ? 
ATOM   844  C  CD  B ARG A 1 92  ? 13.745  -7.672  -2.501  0.500 30.296 ? 92  ARG AAA CD  1 ? 
ATOM   845  N  NE  A ARG A 1 92  ? 15.565  -7.513  -3.858  0.500 27.927 ? 92  ARG AAA NE  1 ? 
ATOM   846  N  NE  B ARG A 1 92  ? 14.038  -7.993  -1.118  0.500 31.542 ? 92  ARG AAA NE  1 ? 
ATOM   847  C  CZ  A ARG A 1 92  ? 15.851  -7.354  -5.152  0.500 29.932 ? 92  ARG AAA CZ  1 ? 
ATOM   848  C  CZ  B ARG A 1 92  ? 13.537  -9.046  -0.484  0.500 30.616 ? 92  ARG AAA CZ  1 ? 
ATOM   849  N  NH1 A ARG A 1 92  ? 14.928  -6.995  -6.029  0.500 30.708 ? 92  ARG AAA NH1 1 ? 
ATOM   850  N  NH1 B ARG A 1 92  ? 12.738  -9.883  -1.122  0.500 32.472 ? 92  ARG AAA NH1 1 ? 
ATOM   851  N  NH2 A ARG A 1 92  ? 17.076  -7.590  -5.578  0.500 31.443 ? 92  ARG AAA NH2 1 ? 
ATOM   852  N  NH2 B ARG A 1 92  ? 13.825  -9.257  0.782   0.500 32.324 ? 92  ARG AAA NH2 1 ? 
ATOM   853  N  N   . ASP A 1 93  ? 14.367  -2.385  -3.356  1.000 24.882 ? 93  ASP AAA N   1 ? 
ATOM   854  C  CA  . ASP A 1 93  ? 15.511  -1.434  -3.169  1.000 28.819 ? 93  ASP AAA CA  1 ? 
ATOM   855  C  C   . ASP A 1 93  ? 14.987  -0.003  -2.897  1.000 29.100 ? 93  ASP AAA C   1 ? 
ATOM   856  O  O   . ASP A 1 93  ? 15.747  0.863   -2.413  1.000 26.979 ? 93  ASP AAA O   1 ? 
ATOM   857  C  CB  . ASP A 1 93  ? 16.523  -1.567  -4.319  1.000 32.987 ? 93  ASP AAA CB  1 ? 
ATOM   858  C  CG  . ASP A 1 93  ? 17.261  -2.901  -4.302  1.000 38.417 ? 93  ASP AAA CG  1 ? 
ATOM   859  O  OD1 . ASP A 1 93  ? 17.509  -3.420  -3.189  1.000 41.374 ? 93  ASP AAA OD1 1 ? 
ATOM   860  O  OD2 . ASP A 1 93  ? 17.562  -3.424  -5.399  1.000 49.037 ? 93  ASP AAA OD2 1 ? 
ATOM   861  N  N   . VAL A 1 94  ? 13.704  0.313   -3.103  1.000 20.810 ? 94  VAL AAA N   1 ? 
ATOM   862  C  CA  . VAL A 1 94  ? 13.266  1.729   -3.104  1.000 18.037 ? 94  VAL AAA CA  1 ? 
ATOM   863  C  C   . VAL A 1 94  ? 13.389  2.326   -1.710  1.000 18.048 ? 94  VAL AAA C   1 ? 
ATOM   864  O  O   . VAL A 1 94  ? 13.867  3.463   -1.575  1.000 19.290 ? 94  VAL AAA O   1 ? 
ATOM   865  C  CB  . VAL A 1 94  ? 11.833  1.826   -3.671  1.000 18.270 ? 94  VAL AAA CB  1 ? 
ATOM   866  C  CG1 . VAL A 1 94  ? 11.307  3.218   -3.529  1.000 19.051 ? 94  VAL AAA CG1 1 ? 
ATOM   867  C  CG2 . VAL A 1 94  ? 11.832  1.402   -5.116  1.000 20.648 ? 94  VAL AAA CG2 1 ? 
ATOM   868  N  N   . GLN A 1 95  ? 12.984  1.609   -0.677  1.000 16.693 ? 95  GLN AAA N   1 ? 
ATOM   869  C  CA  . GLN A 1 95  ? 12.874  2.213   0.666   1.000 18.224 ? 95  GLN AAA CA  1 ? 
ATOM   870  C  C   . GLN A 1 95  ? 14.245  2.652   1.188   1.000 18.291 ? 95  GLN AAA C   1 ? 
ATOM   871  O  O   . GLN A 1 95  ? 14.283  3.586   1.977   1.000 18.859 ? 95  GLN AAA O   1 ? 
ATOM   872  C  CB  . GLN A 1 95  ? 12.153  1.284   1.635   1.000 18.439 ? 95  GLN AAA CB  1 ? 
ATOM   873  C  CG  . GLN A 1 95  ? 12.837  -0.053  1.858   1.000 18.053 ? 95  GLN AAA CG  1 ? 
ATOM   874  C  CD  . GLN A 1 95  ? 12.210  -0.815  3.018   1.000 20.605 ? 95  GLN AAA CD  1 ? 
ATOM   875  O  OE1 . GLN A 1 95  ? 11.719  -0.198  3.948   1.000 27.653 ? 95  GLN AAA OE1 1 ? 
ATOM   876  N  NE2 . GLN A 1 95  ? 12.118  -2.111  2.904   1.000 21.608 ? 95  GLN AAA NE2 1 ? 
ATOM   877  N  N   . GLY A 1 96  ? 15.289  1.946   0.781   1.000 18.510 ? 96  GLY AAA N   1 ? 
ATOM   878  C  CA  . GLY A 1 96  ? 16.662  2.241   1.245   1.000 19.780 ? 96  GLY AAA CA  1 ? 
ATOM   879  C  C   . GLY A 1 96  ? 17.088  3.608   0.804   1.000 23.026 ? 96  GLY AAA C   1 ? 
ATOM   880  O  O   . GLY A 1 96  ? 18.082  4.129   1.385   1.000 26.445 ? 96  GLY AAA O   1 ? 
ATOM   881  N  N   . ARG A 1 97  ? 16.429  4.230   -0.161  1.000 20.934 ? 97  ARG AAA N   1 ? 
ATOM   882  C  CA  . ARG A 1 97  ? 16.833  5.545   -0.705  1.000 22.414 ? 97  ARG AAA CA  1 ? 
ATOM   883  C  C   . ARG A 1 97  ? 16.250  6.656   0.140   1.000 22.090 ? 97  ARG AAA C   1 ? 
ATOM   884  O  O   . ARG A 1 97  ? 16.597  7.824   -0.169  1.000 27.108 ? 97  ARG AAA O   1 ? 
ATOM   885  C  CB  . ARG A 1 97  ? 16.343  5.676   -2.142  1.000 24.914 ? 97  ARG AAA CB  1 ? 
ATOM   886  C  CG  . ARG A 1 97  ? 16.870  4.606   -3.072  1.000 29.037 ? 97  ARG AAA CG  1 ? 
ATOM   887  C  CD  . ARG A 1 97  ? 16.308  4.760   -4.463  1.000 34.492 ? 97  ARG AAA CD  1 ? 
ATOM   888  N  NE  . ARG A 1 97  ? 16.652  3.600   -5.251  1.000 39.874 ? 97  ARG AAA NE  1 ? 
ATOM   889  C  CZ  . ARG A 1 97  ? 15.894  3.074   -6.199  1.000 39.569 ? 97  ARG AAA CZ  1 ? 
ATOM   890  N  NH1 . ARG A 1 97  ? 14.722  3.606   -6.509  1.000 43.793 ? 97  ARG AAA NH1 1 ? 
ATOM   891  N  NH2 . ARG A 1 97  ? 16.336  2.011   -6.842  1.000 45.273 ? 97  ARG AAA NH2 1 ? 
ATOM   892  N  N   . TYR A 1 98  ? 15.401  6.409   1.142   1.000 21.113 ? 98  TYR AAA N   1 ? 
ATOM   893  C  CA  . TYR A 1 98  ? 14.687  7.452   1.875   1.000 21.411 ? 98  TYR AAA CA  1 ? 
ATOM   894  C  C   . TYR A 1 98  ? 14.884  7.299   3.377   1.000 22.313 ? 98  TYR AAA C   1 ? 
ATOM   895  O  O   . TYR A 1 98  ? 14.623  6.221   3.915   1.000 23.297 ? 98  TYR AAA O   1 ? 
ATOM   896  C  CB  . TYR A 1 98  ? 13.196  7.373   1.536   1.000 19.725 ? 98  TYR AAA CB  1 ? 
ATOM   897  C  CG  . TYR A 1 98  ? 12.935  7.612   0.081   1.000 19.702 ? 98  TYR AAA CG  1 ? 
ATOM   898  C  CD1 . TYR A 1 98  ? 12.953  8.890   -0.447  1.000 21.196 ? 98  TYR AAA CD1 1 ? 
ATOM   899  C  CD2 . TYR A 1 98  ? 12.739  6.576   -0.800  1.000 21.855 ? 98  TYR AAA CD2 1 ? 
ATOM   900  C  CE1 . TYR A 1 98  ? 12.761  9.130   -1.787  1.000 21.260 ? 98  TYR AAA CE1 1 ? 
ATOM   901  C  CE2 . TYR A 1 98  ? 12.541  6.794   -2.141  1.000 21.463 ? 98  TYR AAA CE2 1 ? 
ATOM   902  C  CZ  . TYR A 1 98  ? 12.540  8.075   -2.636  1.000 22.156 ? 98  TYR AAA CZ  1 ? 
ATOM   903  O  OH  . TYR A 1 98  ? 12.307  8.260   -3.958  1.000 24.935 ? 98  TYR AAA OH  1 ? 
ATOM   904  N  N   . LYS A 1 99  ? 15.265  8.369   4.075   1.000 22.945 ? 99  LYS AAA N   1 ? 
ATOM   905  C  CA  . LYS A 1 99  ? 15.413  8.312   5.547   1.000 23.067 ? 99  LYS AAA CA  1 ? 
ATOM   906  C  C   . LYS A 1 99  ? 14.060  8.303   6.245   1.000 22.898 ? 99  LYS AAA C   1 ? 
ATOM   907  O  O   . LYS A 1 99  ? 13.931  7.664   7.286   1.000 24.950 ? 99  LYS AAA O   1 ? 
ATOM   908  C  CB  . LYS A 1 99  ? 16.273  9.463   6.085   1.000 27.698 ? 99  LYS AAA CB  1 ? 
ATOM   909  C  CG  . LYS A 1 99  ? 17.763  9.311   5.807   1.000 35.114 ? 99  LYS AAA CG  1 ? 
ATOM   910  C  CD  . LYS A 1 99  ? 18.575  10.453  6.405   1.000 40.631 ? 99  LYS AAA CD  1 ? 
ATOM   911  C  CE  . LYS A 1 99  ? 20.070  10.279  6.244   1.000 44.988 ? 99  LYS AAA CE  1 ? 
ATOM   912  N  NZ  . LYS A 1 99  ? 20.607  9.295   7.213   1.000 50.860 ? 99  LYS AAA NZ  1 ? 
ATOM   913  N  N   . ASP A 1 100 ? 13.083  9.039   5.678   1.000 22.340 ? 100 ASP AAA N   1 ? 
ATOM   914  C  CA  . ASP A 1 100 ? 11.795  9.247   6.356   1.000 21.993 ? 100 ASP AAA CA  1 ? 
ATOM   915  C  C   . ASP A 1 100 ? 10.873  8.073   6.026   1.000 18.050 ? 100 ASP AAA C   1 ? 
ATOM   916  O  O   . ASP A 1 100 ? 10.742  7.729   4.816   1.000 19.489 ? 100 ASP AAA O   1 ? 
ATOM   917  C  CB  . ASP A 1 100 ? 11.189  10.577  5.925   1.000 23.415 ? 100 ASP AAA CB  1 ? 
ATOM   918  C  CG  . ASP A 1 100 ? 9.811   10.788  6.477   1.000 26.611 ? 100 ASP AAA CG  1 ? 
ATOM   919  O  OD1 . ASP A 1 100 ? 8.866   10.309  5.803   1.000 24.559 ? 100 ASP AAA OD1 1 ? 
ATOM   920  O  OD2 . ASP A 1 100 ? 9.661   11.398  7.557   1.000 29.463 ? 100 ASP AAA OD2 1 ? 
ATOM   921  N  N   . SER A 1 101 ? 10.222  7.535   6.995   1.000 19.136 ? 101 SER AAA N   1 ? 
ATOM   922  C  CA  . SER A 1 101 ? 9.373   6.322   6.824   1.000 18.621 ? 101 SER AAA CA  1 ? 
ATOM   923  C  C   . SER A 1 101 ? 8.176   6.622   5.913   1.000 19.718 ? 101 SER AAA C   1 ? 
ATOM   924  O  O   . SER A 1 101 ? 7.717   5.687   5.202   1.000 18.214 ? 101 SER AAA O   1 ? 
ATOM   925  C  CB  . SER A 1 101 ? 8.930   5.797   8.123   1.000 19.838 ? 101 SER AAA CB  1 ? 
ATOM   926  O  OG  . SER A 1 101 ? 10.027  5.259   8.869   1.000 22.652 ? 101 SER AAA OG  1 ? 
ATOM   927  N  N   . CYS A 1 102 ? 7.584   7.804   5.932   1.000 18.184 ? 102 CYS AAA N   1 ? 
ATOM   928  C  CA  . CYS A 1 102 ? 6.442   8.114   5.039   1.000 18.357 ? 102 CYS AAA CA  1 ? 
ATOM   929  C  C   . CYS A 1 102 ? 6.933   8.193   3.610   1.000 17.575 ? 102 CYS AAA C   1 ? 
ATOM   930  O  O   . CYS A 1 102 ? 6.211   7.738   2.694   1.000 17.489 ? 102 CYS AAA O   1 ? 
ATOM   931  C  CB  . CYS A 1 102 ? 5.755   9.410   5.441   1.000 20.099 ? 102 CYS AAA CB  1 ? 
ATOM   932  S  SG  . CYS A 1 102 ? 5.171   9.405   7.150   1.000 21.340 ? 102 CYS AAA SG  1 ? 
ATOM   933  N  N   . ASP A 1 103 ? 8.119   8.686   3.296   1.000 17.643 ? 103 ASP AAA N   1 ? 
ATOM   934  C  CA  . ASP A 1 103 ? 8.729   8.619   1.975   1.000 17.285 ? 103 ASP AAA CA  1 ? 
ATOM   935  C  C   . ASP A 1 103 ? 8.921   7.149   1.630   1.000 16.450 ? 103 ASP AAA C   1 ? 
ATOM   936  O  O   . ASP A 1 103 ? 8.681   6.744   0.475   1.000 16.876 ? 103 ASP AAA O   1 ? 
ATOM   937  C  CB  . ASP A 1 103 ? 10.049  9.382   1.907   1.000 20.500 ? 103 ASP AAA CB  1 ? 
ATOM   938  C  CG  . ASP A 1 103 ? 9.870   10.878  1.906   1.000 21.263 ? 103 ASP AAA CG  1 ? 
ATOM   939  O  OD1 . ASP A 1 103 ? 8.825   11.415  1.506   1.000 20.305 ? 103 ASP AAA OD1 1 ? 
ATOM   940  O  OD2 . ASP A 1 103 ? 10.879  11.567  2.301   1.000 22.467 ? 103 ASP AAA OD2 1 ? 
ATOM   941  N  N   . LYS A 1 104 ? 9.441   6.330   2.553   1.000 16.691 ? 104 LYS AAA N   1 ? 
ATOM   942  C  CA  . LYS A 1 104 ? 9.708   4.917   2.220   1.000 16.774 ? 104 LYS AAA CA  1 ? 
ATOM   943  C  C   . LYS A 1 104 ? 8.422   4.268   1.737   1.000 15.198 ? 104 LYS AAA C   1 ? 
ATOM   944  O  O   . LYS A 1 104 ? 8.465   3.562   0.711   1.000 15.367 ? 104 LYS AAA O   1 ? 
ATOM   945  C  CB  . LYS A 1 104 ? 10.202  4.114   3.426   1.000 17.337 ? 104 LYS AAA CB  1 ? 
ATOM   946  C  CG  . LYS A 1 104 ? 11.573  4.516   3.931   1.000 17.754 ? 104 LYS AAA CG  1 ? 
ATOM   947  C  CD  . LYS A 1 104 ? 11.936  3.683   5.166   1.000 18.866 ? 104 LYS AAA CD  1 ? 
ATOM   948  C  CE  . LYS A 1 104 ? 13.271  4.047   5.797   1.000 19.376 ? 104 LYS AAA CE  1 ? 
ATOM   949  N  NZ  . LYS A 1 104 ? 14.386  3.673   4.933   1.000 21.086 ? 104 LYS AAA NZ  1 ? 
ATOM   950  N  N   . THR A 1 105 ? 7.334   4.436   2.471   1.000 14.616 ? 105 THR AAA N   1 ? 
ATOM   951  C  CA  . THR A 1 105 ? 6.077   3.740   2.077   1.000 15.146 ? 105 THR AAA CA  1 ? 
ATOM   952  C  C   . THR A 1 105 ? 5.480   4.383   0.839   1.000 14.818 ? 105 THR AAA C   1 ? 
ATOM   953  O  O   . THR A 1 105 ? 5.022   3.635   -0.060  1.000 15.199 ? 105 THR AAA O   1 ? 
ATOM   954  C  CB  . THR A 1 105 ? 5.083   3.679   3.210   1.000 16.111 ? 105 THR AAA CB  1 ? 
ATOM   955  O  OG1 . THR A 1 105 ? 4.751   4.984   3.659   1.000 16.043 ? 105 THR AAA OG1 1 ? 
ATOM   956  C  CG2 . THR A 1 105 ? 5.633   2.897   4.405   1.000 16.530 ? 105 THR AAA CG2 1 ? 
ATOM   957  N  N   . PHE A 1 106 ? 5.507   5.688   0.706   1.000 14.953 ? 106 PHE AAA N   1 ? 
ATOM   958  C  CA  . PHE A 1 106 ? 4.884   6.352   -0.457  1.000 14.416 ? 106 PHE AAA CA  1 ? 
ATOM   959  C  C   . PHE A 1 106 ? 5.610   5.924   -1.709  1.000 14.195 ? 106 PHE AAA C   1 ? 
ATOM   960  O  O   . PHE A 1 106 ? 4.977   5.551   -2.732  1.000 14.543 ? 106 PHE AAA O   1 ? 
ATOM   961  C  CB  . PHE A 1 106 ? 4.943   7.859   -0.240  1.000 14.844 ? 106 PHE AAA CB  1 ? 
ATOM   962  C  CG  . PHE A 1 106 ? 4.366   8.705   -1.353  1.000 15.657 ? 106 PHE AAA CG  1 ? 
ATOM   963  C  CD1 . PHE A 1 106 ? 3.010   8.969   -1.371  1.000 15.689 ? 106 PHE AAA CD1 1 ? 
ATOM   964  C  CD2 . PHE A 1 106 ? 5.190   9.215   -2.332  1.000 16.144 ? 106 PHE AAA CD2 1 ? 
ATOM   965  C  CE1 . PHE A 1 106 ? 2.505   9.858   -2.319  1.000 17.094 ? 106 PHE AAA CE1 1 ? 
ATOM   966  C  CE2 . PHE A 1 106 ? 4.684   10.111  -3.268  1.000 17.397 ? 106 PHE AAA CE2 1 ? 
ATOM   967  C  CZ  . PHE A 1 106 ? 3.335   10.385  -3.259  1.000 16.882 ? 106 PHE AAA CZ  1 ? 
ATOM   968  N  N   . TYR A 1 107 ? 6.946   6.055   -1.749  1.000 15.585 ? 107 TYR AAA N   1 ? 
ATOM   969  C  CA  . TYR A 1 107 ? 7.701   5.782   -2.982  1.000 15.995 ? 107 TYR AAA CA  1 ? 
ATOM   970  C  C   . TYR A 1 107 ? 7.741   4.290   -3.280  1.000 15.641 ? 107 TYR AAA C   1 ? 
ATOM   971  O  O   . TYR A 1 107 ? 7.763   3.881   -4.438  1.000 16.023 ? 107 TYR AAA O   1 ? 
ATOM   972  C  CB  . TYR A 1 107 ? 9.087   6.427   -2.950  1.000 17.328 ? 107 TYR AAA CB  1 ? 
ATOM   973  C  CG  . TYR A 1 107 ? 8.980   7.924   -3.033  1.000 18.065 ? 107 TYR AAA CG  1 ? 
ATOM   974  C  CD1 . TYR A 1 107 ? 8.444   8.520   -4.172  1.000 19.112 ? 107 TYR AAA CD1 1 ? 
ATOM   975  C  CD2 . TYR A 1 107 ? 9.338   8.741   -1.990  1.000 17.638 ? 107 TYR AAA CD2 1 ? 
ATOM   976  C  CE1 . TYR A 1 107 ? 8.318   9.891   -4.270  1.000 19.764 ? 107 TYR AAA CE1 1 ? 
ATOM   977  C  CE2 . TYR A 1 107 ? 9.218   10.118  -2.053  1.000 18.592 ? 107 TYR AAA CE2 1 ? 
ATOM   978  C  CZ  . TYR A 1 107 ? 8.677   10.680  -3.195  1.000 19.523 ? 107 TYR AAA CZ  1 ? 
ATOM   979  O  OH  . TYR A 1 107 ? 8.527   12.053  -3.233  1.000 20.771 ? 107 TYR AAA OH  1 ? 
ATOM   980  N  N   . SER A 1 108 ? 7.731   3.456   -2.243  1.000 14.790 ? 108 SER AAA N   1 ? 
ATOM   981  C  CA  . SER A 1 108 ? 7.630   1.990   -2.469  1.000 15.397 ? 108 SER AAA CA  1 ? 
ATOM   982  C  C   . SER A 1 108 ? 6.285   1.657   -3.120  1.000 14.665 ? 108 SER AAA C   1 ? 
ATOM   983  O  O   . SER A 1 108 ? 6.235   0.818   -4.036  1.000 15.378 ? 108 SER AAA O   1 ? 
ATOM   984  C  CB  . SER A 1 108 ? 7.848   1.227   -1.215  1.000 15.169 ? 108 SER AAA CB  1 ? 
ATOM   985  O  OG  . SER A 1 108 ? 9.187   1.392   -0.716  1.000 16.138 ? 108 SER AAA OG  1 ? 
ATOM   986  N  N   . THR A 1 109 ? 5.219   2.278   -2.641  1.000 14.265 ? 109 THR AAA N   1 ? 
ATOM   987  C  CA  . THR A 1 109 ? 3.861   2.054   -3.209  1.000 14.499 ? 109 THR AAA CA  1 ? 
ATOM   988  C  C   . THR A 1 109 ? 3.830   2.556   -4.662  1.000 14.572 ? 109 THR AAA C   1 ? 
ATOM   989  O  O   . THR A 1 109 ? 3.235   1.872   -5.512  1.000 15.644 ? 109 THR AAA O   1 ? 
ATOM   990  C  CB  . THR A 1 109 ? 2.826   2.694   -2.314  1.000 15.107 ? 109 THR AAA CB  1 ? 
ATOM   991  O  OG1 . THR A 1 109 ? 2.901   2.121   -1.001  1.000 15.512 ? 109 THR AAA OG1 1 ? 
ATOM   992  C  CG2 . THR A 1 109 ? 1.425   2.513   -2.872  1.000 14.280 ? 109 THR AAA CG2 1 ? 
ATOM   993  N  N   . LYS A 1 110 ? 4.418   3.702   -4.915  1.000 14.580 ? 110 LYS AAA N   1 ? 
ATOM   994  C  CA  . LYS A 1 110 ? 4.431   4.240   -6.277  1.000 16.080 ? 110 LYS AAA CA  1 ? 
ATOM   995  C  C   . LYS A 1 110 ? 5.170   3.285   -7.200  1.000 16.051 ? 110 LYS AAA C   1 ? 
ATOM   996  O  O   . LYS A 1 110 ? 4.759   3.065   -8.361  1.000 17.094 ? 110 LYS AAA O   1 ? 
ATOM   997  C  CB  . LYS A 1 110 ? 5.069   5.622   -6.243  1.000 17.534 ? 110 LYS AAA CB  1 ? 
ATOM   998  C  CG  . LYS A 1 110 ? 5.029   6.319   -7.591  1.000 18.122 ? 110 LYS AAA CG  1 ? 
ATOM   999  C  CD  . LYS A 1 110 ? 5.371   7.781   -7.531  1.000 22.170 ? 110 LYS AAA CD  1 ? 
ATOM   1000 C  CE  . LYS A 1 110 ? 5.027   8.436   -8.860  1.000 24.841 ? 110 LYS AAA CE  1 ? 
ATOM   1001 N  NZ  . LYS A 1 110 ? 5.450   9.857   -8.963  1.000 27.815 ? 110 LYS AAA NZ  1 ? 
ATOM   1002 N  N   . CYS A 1 111 ? 6.232   2.660   -6.738  1.000 15.956 ? 111 CYS AAA N   1 ? 
ATOM   1003 C  CA  . CYS A 1 111 ? 6.953   1.666   -7.534  1.000 15.875 ? 111 CYS AAA CA  1 ? 
ATOM   1004 C  C   . CYS A 1 111 ? 6.079   0.486   -7.842  1.000 16.434 ? 111 CYS AAA C   1 ? 
ATOM   1005 O  O   . CYS A 1 111 ? 6.064   -0.020  -8.981  1.000 16.559 ? 111 CYS AAA O   1 ? 
ATOM   1006 C  CB  . CYS A 1 111 ? 8.195   1.177   -6.776  1.000 18.405 ? 111 CYS AAA CB  1 ? 
ATOM   1007 S  SG  . CYS A 1 111 ? 9.219   -0.062  -7.601  1.000 20.797 ? 111 CYS AAA SG  1 ? 
ATOM   1008 N  N   . LEU A 1 112 ? 5.261   0.042   -6.903  1.000 16.022 ? 112 LEU AAA N   1 ? 
ATOM   1009 C  CA  . LEU A 1 112 ? 4.330   -1.082  -7.162  1.000 16.067 ? 112 LEU AAA CA  1 ? 
ATOM   1010 C  C   . LEU A 1 112 ? 3.358   -0.663  -8.246  1.000 15.723 ? 112 LEU AAA C   1 ? 
ATOM   1011 O  O   . LEU A 1 112 ? 3.056   -1.480  -9.126  1.000 17.263 ? 112 LEU AAA O   1 ? 
ATOM   1012 C  CB  . LEU A 1 112 ? 3.534   -1.489  -5.914  1.000 17.384 ? 112 LEU AAA CB  1 ? 
ATOM   1013 C  CG  . LEU A 1 112 ? 4.328   -1.953  -4.732  1.000 17.764 ? 112 LEU AAA CG  1 ? 
ATOM   1014 C  CD1 . LEU A 1 112 ? 3.360   -2.193  -3.577  1.000 19.623 ? 112 LEU AAA CD1 1 ? 
ATOM   1015 C  CD2 . LEU A 1 112 ? 5.077   -3.195  -5.062  1.000 17.883 ? 112 LEU AAA CD2 1 ? 
ATOM   1016 N  N   . ALA A 1 113 ? 2.814   0.519   -8.177  1.000 15.805 ? 113 ALA AAA N   1 ? 
ATOM   1017 C  CA  . ALA A 1 113 ? 1.832   1.000   -9.169  1.000 16.408 ? 113 ALA AAA CA  1 ? 
ATOM   1018 C  C   . ALA A 1 113 ? 2.488   1.024   -10.531 1.000 18.136 ? 113 ALA AAA C   1 ? 
ATOM   1019 O  O   . ALA A 1 113 ? 1.849   0.594   -11.531 1.000 18.851 ? 113 ALA AAA O   1 ? 
ATOM   1020 C  CB  . ALA A 1 113 ? 1.317   2.370   -8.755  1.000 15.714 ? 113 ALA AAA CB  1 ? 
ATOM   1021 N  N   . GLU A 1 114 ? 3.672   1.552   -10.640 1.000 18.607 ? 114 GLU AAA N   1 ? 
ATOM   1022 C  CA  . GLU A 1 114 ? 4.352   1.678   -11.950 1.000 19.541 ? 114 GLU AAA CA  1 ? 
ATOM   1023 C  C   . GLU A 1 114 ? 4.681   0.298   -12.474 1.000 19.855 ? 114 GLU AAA C   1 ? 
ATOM   1024 O  O   . GLU A 1 114 ? 4.733   0.142   -13.722 1.000 22.552 ? 114 GLU AAA O   1 ? 
ATOM   1025 C  CB  . GLU A 1 114 ? 5.533   2.599   -11.790 1.000 21.789 ? 114 GLU AAA CB  1 ? 
ATOM   1026 C  CG  . GLU A 1 114 ? 5.115   4.006   -11.464 1.000 25.880 ? 114 GLU AAA CG  1 ? 
ATOM   1027 C  CD  . GLU A 1 114 ? 6.246   4.997   -11.318 1.000 33.226 ? 114 GLU AAA CD  1 ? 
ATOM   1028 O  OE1 . GLU A 1 114 ? 7.389   4.562   -11.092 1.000 39.152 ? 114 GLU AAA OE1 1 ? 
ATOM   1029 O  OE2 . GLU A 1 114 ? 5.970   6.194   -11.423 1.000 35.810 ? 114 GLU AAA OE2 1 ? 
ATOM   1030 N  N   . TYR A 1 115 ? 4.888   -0.689  -11.641 1.000 18.977 ? 115 TYR AAA N   1 ? 
ATOM   1031 C  CA  . TYR A 1 115 ? 5.206   -2.046  -12.123 1.000 19.624 ? 115 TYR AAA CA  1 ? 
ATOM   1032 C  C   . TYR A 1 115 ? 4.071   -2.560  -12.977 1.000 21.349 ? 115 TYR AAA C   1 ? 
ATOM   1033 O  O   . TYR A 1 115 ? 4.340   -3.219  -14.021 1.000 22.147 ? 115 TYR AAA O   1 ? 
ATOM   1034 C  CB  . TYR A 1 115 ? 5.447   -2.963  -10.935 1.000 19.718 ? 115 TYR AAA CB  1 ? 
ATOM   1035 C  CG  . TYR A 1 115 ? 5.863   -4.353  -11.317 1.000 19.278 ? 115 TYR AAA CG  1 ? 
ATOM   1036 C  CD1 . TYR A 1 115 ? 7.213   -4.641  -11.413 1.000 21.036 ? 115 TYR AAA CD1 1 ? 
ATOM   1037 C  CD2 . TYR A 1 115 ? 4.984   -5.393  -11.462 1.000 20.996 ? 115 TYR AAA CD2 1 ? 
ATOM   1038 C  CE1 . TYR A 1 115 ? 7.635   -5.915  -11.753 1.000 21.490 ? 115 TYR AAA CE1 1 ? 
ATOM   1039 C  CE2 . TYR A 1 115 ? 5.388   -6.672  -11.830 1.000 22.012 ? 115 TYR AAA CE2 1 ? 
ATOM   1040 C  CZ  . TYR A 1 115 ? 6.737   -6.939  -11.907 1.000 21.565 ? 115 TYR AAA CZ  1 ? 
ATOM   1041 O  OH  . TYR A 1 115 ? 7.199   -8.181  -12.210 1.000 25.106 ? 115 TYR AAA OH  1 ? 
ATOM   1042 N  N   . ASP A 1 116 ? 2.828   -2.426  -12.549 1.000 18.555 ? 116 ASP AAA N   1 ? 
ATOM   1043 C  CA  . ASP A 1 116 ? 1.678   -2.866  -13.362 1.000 20.013 ? 116 ASP AAA CA  1 ? 
ATOM   1044 C  C   . ASP A 1 116 ? 0.496   -2.056  -12.857 1.000 18.093 ? 116 ASP AAA C   1 ? 
ATOM   1045 O  O   . ASP A 1 116 ? -0.136  -2.417  -11.891 1.000 18.394 ? 116 ASP AAA O   1 ? 
ATOM   1046 C  CB  . ASP A 1 116 ? 1.458   -4.370  -13.243 1.000 22.357 ? 116 ASP AAA CB  1 ? 
ATOM   1047 C  CG  . ASP A 1 116 ? 0.323   -4.895  -14.114 1.000 24.242 ? 116 ASP AAA CG  1 ? 
ATOM   1048 O  OD1 . ASP A 1 116 ? -0.504  -4.085  -14.578 1.000 26.886 ? 116 ASP AAA OD1 1 ? 
ATOM   1049 O  OD2 . ASP A 1 116 ? 0.272   -6.129  -14.350 1.000 29.308 ? 116 ASP AAA OD2 1 ? 
ATOM   1050 N  N   . ARG A 1 117 ? 0.129   -1.049  -13.618 1.000 17.247 ? 117 ARG AAA N   1 ? 
ATOM   1051 C  CA  . ARG A 1 117 ? -0.964  -0.155  -13.211 1.000 17.172 ? 117 ARG AAA CA  1 ? 
ATOM   1052 C  C   . ARG A 1 117 ? -2.272  -0.889  -13.288 1.000 18.115 ? 117 ARG AAA C   1 ? 
ATOM   1053 O  O   . ARG A 1 117 ? -3.205  -0.501  -12.577 1.000 19.171 ? 117 ARG AAA O   1 ? 
ATOM   1054 C  CB  . ARG A 1 117 ? -1.028  1.062   -14.122 1.000 17.546 ? 117 ARG AAA CB  1 ? 
ATOM   1055 C  CG  . ARG A 1 117 ? 0.091   2.041   -13.904 1.000 18.086 ? 117 ARG AAA CG  1 ? 
ATOM   1056 C  CD  . ARG A 1 117 ? -0.098  2.867   -12.630 1.000 17.628 ? 117 ARG AAA CD  1 ? 
ATOM   1057 N  NE  . ARG A 1 117 ? -1.312  3.643   -12.562 1.000 18.270 ? 117 ARG AAA NE  1 ? 
ATOM   1058 C  CZ  . ARG A 1 117 ? -1.542  4.805   -13.174 1.000 18.465 ? 117 ARG AAA CZ  1 ? 
ATOM   1059 N  NH1 . ARG A 1 117 ? -0.598  5.373   -13.898 1.000 20.605 ? 117 ARG AAA NH1 1 ? 
ATOM   1060 N  NH2 . ARG A 1 117 ? -2.672  5.447   -12.977 1.000 18.940 ? 117 ARG AAA NH2 1 ? 
ATOM   1061 N  N   . ASP A 1 118 ? -2.431  -1.901  -14.128 1.000 18.456 ? 118 ASP AAA N   1 ? 
ATOM   1062 C  CA  . ASP A 1 118 ? -3.746  -2.532  -14.302 1.000 20.463 ? 118 ASP AAA CA  1 ? 
ATOM   1063 C  C   . ASP A 1 118 ? -4.117  -3.336  -13.061 1.000 20.423 ? 118 ASP AAA C   1 ? 
ATOM   1064 O  O   . ASP A 1 118 ? -5.326  -3.448  -12.766 1.000 22.935 ? 118 ASP AAA O   1 ? 
ATOM   1065 C  CB  . ASP A 1 118 ? -3.805  -3.393  -15.565 1.000 21.942 ? 118 ASP AAA CB  1 ? 
ATOM   1066 C  CG  . ASP A 1 118 ? -3.961  -2.558  -16.827 1.000 28.193 ? 118 ASP AAA CG  1 ? 
ATOM   1067 O  OD1 . ASP A 1 118 ? -4.241  -1.366  -16.711 1.000 26.571 ? 118 ASP AAA OD1 1 ? 
ATOM   1068 O  OD2 . ASP A 1 118 ? -3.900  -3.171  -17.932 1.000 36.072 ? 118 ASP AAA OD2 1 ? 
ATOM   1069 N  N   . VAL A 1 119 ? -3.137  -3.869  -12.365 1.000 19.473 ? 119 VAL AAA N   1 ? 
ATOM   1070 C  CA  . VAL A 1 119 ? -3.453  -4.749  -11.197 1.000 19.887 ? 119 VAL AAA CA  1 ? 
ATOM   1071 C  C   . VAL A 1 119 ? -3.321  -3.957  -9.905  1.000 18.377 ? 119 VAL AAA C   1 ? 
ATOM   1072 O  O   . VAL A 1 119 ? -3.888  -4.386  -8.910  1.000 19.298 ? 119 VAL AAA O   1 ? 
ATOM   1073 C  CB  . VAL A 1 119 ? -2.588  -6.008  -11.244 1.000 22.794 ? 119 VAL AAA CB  1 ? 
ATOM   1074 C  CG1 . VAL A 1 119 ? -2.767  -6.711  -12.587 1.000 26.766 ? 119 VAL AAA CG1 1 ? 
ATOM   1075 C  CG2 . VAL A 1 119 ? -1.143  -5.687  -10.997 1.000 24.359 ? 119 VAL AAA CG2 1 ? 
ATOM   1076 N  N   . PHE A 1 120 ? -2.582  -2.863  -9.899  1.000 17.075 ? 120 PHE AAA N   1 ? 
ATOM   1077 C  CA  . PHE A 1 120 ? -2.363  -2.063  -8.665  1.000 15.838 ? 120 PHE AAA CA  1 ? 
ATOM   1078 C  C   . PHE A 1 120 ? -3.701  -1.626  -8.060  1.000 16.054 ? 120 PHE AAA C   1 ? 
ATOM   1079 O  O   . PHE A 1 120 ? -4.596  -1.163  -8.772  1.000 16.576 ? 120 PHE AAA O   1 ? 
ATOM   1080 C  CB  . PHE A 1 120 ? -1.555  -0.827  -9.026  1.000 15.971 ? 120 PHE AAA CB  1 ? 
ATOM   1081 C  CG  . PHE A 1 120 ? -1.325  0.033   -7.796  1.000 15.795 ? 120 PHE AAA CG  1 ? 
ATOM   1082 C  CD1 . PHE A 1 120 ? -0.361  -0.310  -6.875  1.000 16.973 ? 120 PHE AAA CD1 1 ? 
ATOM   1083 C  CD2 . PHE A 1 120 ? -2.090  1.173   -7.575  1.000 15.833 ? 120 PHE AAA CD2 1 ? 
ATOM   1084 C  CE1 . PHE A 1 120 ? -0.128  0.467   -5.759  1.000 16.308 ? 120 PHE AAA CE1 1 ? 
ATOM   1085 C  CE2 . PHE A 1 120 ? -1.882  1.947   -6.442  1.000 15.299 ? 120 PHE AAA CE2 1 ? 
ATOM   1086 C  CZ  . PHE A 1 120 ? -0.911  1.585   -5.552  1.000 15.405 ? 120 PHE AAA CZ  1 ? 
ATOM   1087 N  N   . LEU A 1 121 ? -3.772  -1.711  -6.748  1.000 15.774 ? 121 LEU AAA N   1 ? 
ATOM   1088 C  CA  . LEU A 1 121 ? -4.812  -1.080  -5.929  1.000 16.887 ? 121 LEU AAA CA  1 ? 
ATOM   1089 C  C   . LEU A 1 121 ? -4.133  -0.644  -4.640  1.000 17.214 ? 121 LEU AAA C   1 ? 
ATOM   1090 O  O   . LEU A 1 121 ? -3.171  -1.267  -4.200  1.000 19.216 ? 121 LEU AAA O   1 ? 
ATOM   1091 C  CB  . LEU A 1 121 ? -5.912  -2.082  -5.620  1.000 20.578 ? 121 LEU AAA CB  1 ? 
ATOM   1092 C  CG  . LEU A 1 121 ? -6.909  -2.383  -6.718  1.000 22.880 ? 121 LEU AAA CG  1 ? 
ATOM   1093 C  CD1 . LEU A 1 121 ? -7.809  -3.536  -6.267  1.000 24.379 ? 121 LEU AAA CD1 1 ? 
ATOM   1094 C  CD2 . LEU A 1 121 ? -7.739  -1.170  -7.141  1.000 22.373 ? 121 LEU AAA CD2 1 ? 
ATOM   1095 N  N   . PHE A 1 122 ? -4.712  0.311   -3.945  1.000 17.152 ? 122 PHE AAA N   1 ? 
ATOM   1096 C  CA  . PHE A 1 122 ? -4.254  0.754   -2.611  1.000 15.472 ? 122 PHE AAA CA  1 ? 
ATOM   1097 C  C   . PHE A 1 122 ? -5.469  1.188   -1.830  1.000 15.901 ? 122 PHE AAA C   1 ? 
ATOM   1098 O  O   . PHE A 1 122 ? -6.373  1.781   -2.396  1.000 16.283 ? 122 PHE AAA O   1 ? 
ATOM   1099 C  CB  . PHE A 1 122 ? -3.232  1.866   -2.746  1.000 16.205 ? 122 PHE AAA CB  1 ? 
ATOM   1100 C  CG  . PHE A 1 122 ? -2.432  2.097   -1.494  1.000 16.048 ? 122 PHE AAA CG  1 ? 
ATOM   1101 C  CD1 . PHE A 1 122 ? -1.386  1.260   -1.173  1.000 17.680 ? 122 PHE AAA CD1 1 ? 
ATOM   1102 C  CD2 . PHE A 1 122 ? -2.776  3.085   -0.576  1.000 16.133 ? 122 PHE AAA CD2 1 ? 
ATOM   1103 C  CE1 . PHE A 1 122 ? -0.673  1.406   0.005   1.000 17.950 ? 122 PHE AAA CE1 1 ? 
ATOM   1104 C  CE2 . PHE A 1 122 ? -2.041  3.225   0.595   1.000 15.408 ? 122 PHE AAA CE2 1 ? 
ATOM   1105 C  CZ  . PHE A 1 122 ? -1.008  2.394   0.881   1.000 16.487 ? 122 PHE AAA CZ  1 ? 
ATOM   1106 N  N   . PRO A 1 123 ? -5.492  0.967   -0.509  1.000 15.918 ? 123 PRO AAA N   1 ? 
ATOM   1107 C  CA  . PRO A 1 123 ? -6.602  1.451   0.289   1.000 16.016 ? 123 PRO AAA CA  1 ? 
ATOM   1108 C  C   . PRO A 1 123 ? -6.900  2.935   0.198   1.000 18.032 ? 123 PRO AAA C   1 ? 
ATOM   1109 O  O   . PRO A 1 123 ? -8.061  3.309   0.065   1.000 18.062 ? 123 PRO AAA O   1 ? 
ATOM   1110 C  CB  . PRO A 1 123 ? -6.162  1.100   1.701   1.000 17.540 ? 123 PRO AAA CB  1 ? 
ATOM   1111 C  CG  . PRO A 1 123 ? -5.410  -0.106  1.540   1.000 17.039 ? 123 PRO AAA CG  1 ? 
ATOM   1112 C  CD  . PRO A 1 123 ? -4.568  0.171   0.305   1.000 16.226 ? 123 PRO AAA CD  1 ? 
ATOM   1113 O  OXT . PRO A 1 123 ? -5.925  3.745   0.334   1.000 18.774 ? 123 PRO AAA OXT 1 ? 
HETATM 1114 C  C1  . PGR B 2 .   ? -3.554  2.837   12.958  1.000 47.865 ? 201 PGR AAA C1  1 ? 
HETATM 1115 C  C2  . PGR B 2 .   ? -2.137  3.197   12.556  1.000 49.092 ? 201 PGR AAA C2  1 ? 
HETATM 1116 C  C3  . PGR B 2 .   ? -1.240  3.394   13.744  1.000 47.680 ? 201 PGR AAA C3  1 ? 
HETATM 1117 O  O1  . PGR B 2 .   ? -4.523  3.539   12.179  1.000 49.825 ? 201 PGR AAA O1  1 ? 
HETATM 1118 O  O2  . PGR B 2 .   ? -1.612  2.172   11.709  1.000 45.289 ? 201 PGR AAA O2  1 ? 
HETATM 1119 C  C1  . MPD C 3 .   ? 0.709   -4.861  -2.751  1.000 53.813 ? 202 MPD AAA C1  1 ? 
HETATM 1120 C  C2  . MPD C 3 .   ? -0.602  -4.288  -3.273  1.000 60.616 ? 202 MPD AAA C2  1 ? 
HETATM 1121 O  O2  . MPD C 3 .   ? -1.600  -4.526  -2.263  1.000 66.180 ? 202 MPD AAA O2  1 ? 
HETATM 1122 C  CM  . MPD C 3 .   ? -0.533  -2.774  -3.419  1.000 60.943 ? 202 MPD AAA CM  1 ? 
HETATM 1123 C  C3  . MPD C 3 .   ? -1.082  -5.024  -4.533  1.000 57.598 ? 202 MPD AAA C3  1 ? 
HETATM 1124 C  C4  . MPD C 3 .   ? -0.967  -4.380  -5.903  1.000 53.644 ? 202 MPD AAA C4  1 ? 
HETATM 1125 O  O4  . MPD C 3 .   ? 0.318   -4.587  -6.518  1.000 48.933 ? 202 MPD AAA O4  1 ? 
HETATM 1126 C  C5  . MPD C 3 .   ? -2.029  -4.936  -6.796  1.000 54.718 ? 202 MPD AAA C5  1 ? 
HETATM 1127 C  C1  . PEG D 4 .   ? 10.480  -1.406  -10.201 1.000 34.626 ? 203 PEG AAA C1  1 ? 
HETATM 1128 O  O1  . PEG D 4 .   ? 9.889   -2.568  -10.706 1.000 32.979 ? 203 PEG AAA O1  1 ? 
HETATM 1129 C  C2  . PEG D 4 .   ? 11.994  -1.439  -9.976  1.000 41.570 ? 203 PEG AAA C2  1 ? 
HETATM 1130 O  O2  . PEG D 4 .   ? 12.369  -0.083  -9.815  1.000 50.976 ? 203 PEG AAA O2  1 ? 
HETATM 1131 C  C3  . PEG D 4 .   ? 12.662  0.228   -8.448  1.000 49.257 ? 203 PEG AAA C3  1 ? 
HETATM 1132 C  C4  . PEG D 4 .   ? 14.036  0.786   -8.434  1.000 50.484 ? 203 PEG AAA C4  1 ? 
HETATM 1133 O  O4  . PEG D 4 .   ? 14.644  0.246   -7.241  1.000 49.587 ? 203 PEG AAA O4  1 ? 
HETATM 1134 C  C4  A IPB E 5 .   ? 4.865   -1.993  0.346   0.400 30.436 ? 204 IPB AAA C4  1 ? 
HETATM 1135 C  C4  B IPB E 5 .   ? 4.710   -1.740  -0.050  0.600 27.834 ? 204 IPB AAA C4  1 ? 
HETATM 1136 C  C5  A IPB E 5 .   ? 5.389   -3.229  0.717   0.400 25.642 ? 204 IPB AAA C5  1 ? 
HETATM 1137 C  C5  B IPB E 5 .   ? 5.341   -1.361  -1.235  0.600 22.899 ? 204 IPB AAA C5  1 ? 
HETATM 1138 C  C6  A IPB E 5 .   ? 6.463   -3.768  0.039   0.400 30.537 ? 204 IPB AAA C6  1 ? 
HETATM 1139 C  C6  B IPB E 5 .   ? 6.469   -2.002  -1.681  0.600 25.008 ? 204 IPB AAA C6  1 ? 
HETATM 1140 C  C1  A IPB E 5 .   ? 7.070   -3.092  -1.003  0.400 29.874 ? 204 IPB AAA C1  1 ? 
HETATM 1141 C  C1  B IPB E 5 .   ? 7.056   -3.005  -0.938  0.600 24.610 ? 204 IPB AAA C1  1 ? 
HETATM 1142 C  C2  A IPB E 5 .   ? 6.556   -1.855  -1.369  0.400 31.428 ? 204 IPB AAA C2  1 ? 
HETATM 1143 C  C2  B IPB E 5 .   ? 6.447   -3.381  0.255   0.600 28.526 ? 204 IPB AAA C2  1 ? 
HETATM 1144 C  C3  A IPB E 5 .   ? 5.476   -1.313  -0.701  0.400 29.483 ? 204 IPB AAA C3  1 ? 
HETATM 1145 C  C3  B IPB E 5 .   ? 5.297   -2.759  0.710   0.600 26.725 ? 204 IPB AAA C3  1 ? 
HETATM 1146 C  C8  A IPB E 5 .   ? 3.707   -1.341  1.060   0.400 28.678 ? 204 IPB AAA C8  1 ? 
HETATM 1147 C  C8  B IPB E 5 .   ? 3.464   -1.028  0.427   0.600 28.485 ? 204 IPB AAA C8  1 ? 
HETATM 1148 C  C7  A IPB E 5 .   ? 8.257   -3.664  -1.730  0.400 32.390 ? 204 IPB AAA C7  1 ? 
HETATM 1149 C  C7  B IPB E 5 .   ? 8.322   -3.671  -1.403  0.600 25.888 ? 204 IPB AAA C7  1 ? 
HETATM 1150 O  O   A IPB E 5 .   ? 4.974   -0.094  -1.023  0.400 32.790 ? 204 IPB AAA O   1 ? 
HETATM 1151 O  O   B IPB E 5 .   ? 4.737   -3.111  1.907   0.600 36.242 ? 204 IPB AAA O   1 ? 
HETATM 1152 C  C9  A IPB E 5 .   ? 4.084   0.063   1.520   0.400 28.977 ? 204 IPB AAA C9  1 ? 
HETATM 1153 C  C9  B IPB E 5 .   ? 2.356   -1.963  0.924   0.600 33.157 ? 204 IPB AAA C9  1 ? 
HETATM 1154 C  C10 A IPB E 5 .   ? 2.458   -1.272  0.185   0.400 29.353 ? 204 IPB AAA C10 1 ? 
HETATM 1155 C  C10 B IPB E 5 .   ? 3.812   0.006   1.493   0.600 29.754 ? 204 IPB AAA C10 1 ? 
HETATM 1156 NA NA  . NA  F 6 .   ? 5.396   -10.143 -12.826 1.000 46.136 ? 205 NA  AAA NA  1 ? 
HETATM 1157 NA NA  . NA  G 6 .   ? 13.948  -3.719  1.268   1.000 49.922 ? 206 NA  AAA NA  1 ? 
HETATM 1158 O  O   . HOH H 7 .   ? 5.785   10.987  -6.870  1.000 28.005 ? 301 HOH AAA O   1 ? 
HETATM 1159 O  O   . HOH H 7 .   ? -0.703  -12.936 -10.343 1.000 33.686 ? 302 HOH AAA O   1 ? 
HETATM 1160 O  O   . HOH H 7 .   ? -11.362 4.933   -4.121  1.000 31.387 ? 303 HOH AAA O   1 ? 
HETATM 1161 O  O   . HOH H 7 .   ? 1.104   -17.194 -5.341  1.000 45.127 ? 304 HOH AAA O   1 ? 
HETATM 1162 O  O   . HOH H 7 .   ? -4.041  -19.905 -7.331  1.000 39.545 ? 305 HOH AAA O   1 ? 
HETATM 1163 O  O   . HOH H 7 .   ? -16.467 -1.906  -0.109  1.000 33.033 ? 306 HOH AAA O   1 ? 
HETATM 1164 O  O   . HOH H 7 .   ? -3.908  -15.697 -2.801  1.000 36.741 ? 307 HOH AAA O   1 ? 
HETATM 1165 O  O   . HOH H 7 .   ? -11.772 16.478  -7.490  1.000 33.908 ? 308 HOH AAA O   1 ? 
HETATM 1166 O  O   . HOH H 7 .   ? -1.556  -7.446  -15.680 1.000 35.832 ? 309 HOH AAA O   1 ? 
HETATM 1167 O  O   . HOH H 7 .   ? -5.379  15.131  -5.372  1.000 29.776 ? 310 HOH AAA O   1 ? 
HETATM 1168 O  O   . HOH H 7 .   ? -1.840  -0.063  13.044  1.000 43.349 ? 311 HOH AAA O   1 ? 
HETATM 1169 O  O   . HOH H 7 .   ? -13.626 13.241  -4.905  1.000 22.460 ? 312 HOH AAA O   1 ? 
HETATM 1170 O  O   . HOH H 7 .   ? 13.954  -1.989  -6.047  1.000 32.102 ? 313 HOH AAA O   1 ? 
HETATM 1171 O  O   . HOH H 7 .   ? 4.937   -16.406 -11.377 1.000 31.719 ? 314 HOH AAA O   1 ? 
HETATM 1172 O  O   . HOH H 7 .   ? -0.861  -16.051 -8.296  1.000 33.752 ? 315 HOH AAA O   1 ? 
HETATM 1173 O  O   . HOH H 7 .   ? -5.912  5.824   -1.297  1.000 31.976 ? 316 HOH AAA O   1 ? 
HETATM 1174 O  O   . HOH H 7 .   ? -9.357  6.597   12.959  1.000 34.885 ? 317 HOH AAA O   1 ? 
HETATM 1175 O  O   . HOH H 7 .   ? -16.513 -4.221  -1.959  1.000 32.835 ? 318 HOH AAA O   1 ? 
HETATM 1176 O  O   . HOH H 7 .   ? 18.313  1.115   -1.740  1.000 34.165 ? 319 HOH AAA O   1 ? 
HETATM 1177 O  O   . HOH H 7 .   ? 11.086  14.096  1.486   1.000 22.686 ? 320 HOH AAA O   1 ? 
HETATM 1178 O  O   . HOH H 7 .   ? 9.145   2.617   -10.571 1.000 32.814 ? 321 HOH AAA O   1 ? 
HETATM 1179 O  O   . HOH H 7 .   ? -12.752 11.174  -6.302  1.000 25.184 ? 322 HOH AAA O   1 ? 
HETATM 1180 O  O   . HOH H 7 .   ? 3.655   11.708  -8.264  1.000 27.566 ? 323 HOH AAA O   1 ? 
HETATM 1181 O  O   . HOH H 7 .   ? 1.220   7.640   -11.426 1.000 33.489 ? 324 HOH AAA O   1 ? 
HETATM 1182 O  O   . HOH H 7 .   ? 13.716  3.461   9.435   1.000 34.862 ? 325 HOH AAA O   1 ? 
HETATM 1183 O  O   . HOH H 7 .   ? -15.923 -1.385  4.080   1.000 38.785 ? 326 HOH AAA O   1 ? 
HETATM 1184 O  O   . HOH H 7 .   ? -13.872 3.727   3.410   1.000 35.471 ? 327 HOH AAA O   1 ? 
HETATM 1185 O  O   . HOH H 7 .   ? 1.262   -16.700 -12.345 1.000 29.181 ? 328 HOH AAA O   1 ? 
HETATM 1186 O  O   . HOH H 7 .   ? -5.346  1.323   -9.545  1.000 16.915 ? 329 HOH AAA O   1 ? 
HETATM 1187 O  O   . HOH H 7 .   ? -3.103  17.975  2.375   1.000 25.331 ? 330 HOH AAA O   1 ? 
HETATM 1188 O  O   . HOH H 7 .   ? 2.642   -11.316 7.067   1.000 36.419 ? 331 HOH AAA O   1 ? 
HETATM 1189 O  O   . HOH H 7 .   ? 15.966  6.369   8.490   1.000 45.906 ? 332 HOH AAA O   1 ? 
HETATM 1190 O  O   . HOH H 7 .   ? 13.258  10.720  3.253   1.000 24.834 ? 333 HOH AAA O   1 ? 
HETATM 1191 O  O   . HOH H 7 .   ? 19.630  2.635   3.018   1.000 44.716 ? 334 HOH AAA O   1 ? 
HETATM 1192 O  O   . HOH H 7 .   ? 11.734  6.263   -5.689  1.000 35.553 ? 335 HOH AAA O   1 ? 
HETATM 1193 O  O   . HOH H 7 .   ? -7.894  17.694  -2.374  1.000 27.658 ? 336 HOH AAA O   1 ? 
HETATM 1194 O  O   . HOH H 7 .   ? -15.304 1.260   -2.567  1.000 35.332 ? 337 HOH AAA O   1 ? 
HETATM 1195 O  O   . HOH H 7 .   ? -12.869 3.874   -0.485  1.000 32.561 ? 338 HOH AAA O   1 ? 
HETATM 1196 O  O   . HOH H 7 .   ? -3.078  1.877   -11.253 1.000 18.631 ? 339 HOH AAA O   1 ? 
HETATM 1197 O  O   . HOH H 7 .   ? 16.059  2.300   8.714   1.000 38.293 ? 340 HOH AAA O   1 ? 
HETATM 1198 O  O   . HOH H 7 .   ? 3.559   -2.348  -16.493 1.000 44.287 ? 341 HOH AAA O   1 ? 
HETATM 1199 O  O   . HOH H 7 .   ? -3.210  11.038  -5.107  1.000 15.348 ? 342 HOH AAA O   1 ? 
HETATM 1200 O  O   . HOH H 7 .   ? 14.495  0.941   4.782   1.000 25.767 ? 343 HOH AAA O   1 ? 
HETATM 1201 O  O   . HOH H 7 .   ? 1.249   18.967  -4.089  1.000 25.117 ? 344 HOH AAA O   1 ? 
HETATM 1202 O  O   . HOH H 7 .   ? 12.691  5.895   8.994   1.000 33.640 ? 345 HOH AAA O   1 ? 
HETATM 1203 O  O   . HOH H 7 .   ? -6.202  -5.787  -9.378  1.000 39.474 ? 346 HOH AAA O   1 ? 
HETATM 1204 O  O   . HOH H 7 .   ? -9.213  12.654  5.670   1.000 17.490 ? 347 HOH AAA O   1 ? 
HETATM 1205 O  O   . HOH H 7 .   ? 7.244   -14.308 2.950   1.000 39.262 ? 348 HOH AAA O   1 ? 
HETATM 1206 O  O   . HOH H 7 .   ? -6.471  -2.218  -10.498 1.000 25.135 ? 349 HOH AAA O   1 ? 
HETATM 1207 O  O   . HOH H 7 .   ? 1.251   -3.497  -9.673  1.000 27.990 ? 350 HOH AAA O   1 ? 
HETATM 1208 O  O   . HOH H 7 .   ? 11.098  -0.662  -0.960  1.000 18.097 ? 351 HOH AAA O   1 ? 
HETATM 1209 O  O   . HOH H 7 .   ? -14.799 7.344   -3.734  1.000 30.743 ? 352 HOH AAA O   1 ? 
HETATM 1210 O  O   . HOH H 7 .   ? -6.646  4.644   -12.466 1.000 36.784 ? 353 HOH AAA O   1 ? 
HETATM 1211 O  O   . HOH H 7 .   ? 8.208   13.423  -7.312  1.000 34.374 ? 354 HOH AAA O   1 ? 
HETATM 1212 O  O   . HOH H 7 .   ? -3.379  22.170  2.607   1.000 37.883 ? 355 HOH AAA O   1 ? 
HETATM 1213 O  O   . HOH H 7 .   ? -13.458 -8.116  3.550   1.000 36.207 ? 356 HOH AAA O   1 ? 
HETATM 1214 O  O   . HOH H 7 .   ? 8.122   -0.127  -10.862 1.000 26.410 ? 357 HOH AAA O   1 ? 
HETATM 1215 O  O   . HOH H 7 .   ? 8.167   -6.699  11.136  1.000 34.447 ? 358 HOH AAA O   1 ? 
HETATM 1216 O  O   . HOH H 7 .   ? -12.537 1.231   9.715   1.000 27.039 ? 359 HOH AAA O   1 ? 
HETATM 1217 O  O   . HOH H 7 .   ? 10.272  -9.426  -9.657  1.000 28.470 ? 360 HOH AAA O   1 ? 
HETATM 1218 O  O   . HOH H 7 .   ? 0.885   6.335   11.266  1.000 39.032 ? 361 HOH AAA O   1 ? 
HETATM 1219 O  O   . HOH H 7 .   ? 2.827   18.472  1.779   1.000 25.085 ? 362 HOH AAA O   1 ? 
HETATM 1220 O  O   . HOH H 7 .   ? 3.188   1.627   -15.544 1.000 32.429 ? 363 HOH AAA O   1 ? 
HETATM 1221 O  O   . HOH H 7 .   ? 15.747  -0.889  0.145   1.000 29.825 ? 364 HOH AAA O   1 ? 
HETATM 1222 O  O   . HOH H 7 .   ? -9.954  4.906   -7.433  1.000 25.847 ? 365 HOH AAA O   1 ? 
HETATM 1223 O  O   . HOH H 7 .   ? 9.199   5.249   -6.479  1.000 28.482 ? 366 HOH AAA O   1 ? 
HETATM 1224 O  O   . HOH H 7 .   ? -13.519 7.661   8.592   1.000 22.717 ? 367 HOH AAA O   1 ? 
HETATM 1225 O  O   . HOH H 7 .   ? 1.507   9.787   -9.829  1.000 24.671 ? 368 HOH AAA O   1 ? 
HETATM 1226 O  O   . HOH H 7 .   ? 13.248  -4.282  6.164   1.000 35.891 ? 369 HOH AAA O   1 ? 
HETATM 1227 O  O   . HOH H 7 .   ? 1.406   -0.490  -16.136 1.000 26.676 ? 370 HOH AAA O   1 ? 
HETATM 1228 O  O   . HOH H 7 .   ? -10.366 11.413  -7.805  1.000 31.590 ? 371 HOH AAA O   1 ? 
HETATM 1229 O  O   . HOH H 7 .   ? 16.141  10.714  2.638   1.000 32.767 ? 372 HOH AAA O   1 ? 
HETATM 1230 O  O   . HOH H 7 .   ? 12.003  -9.109  5.150   1.000 37.081 ? 373 HOH AAA O   1 ? 
HETATM 1231 O  O   . HOH H 7 .   ? 11.603  -6.107  8.682   1.000 39.851 ? 374 HOH AAA O   1 ? 
HETATM 1232 O  O   . HOH H 7 .   ? 2.099   4.612   -14.613 1.000 30.185 ? 375 HOH AAA O   1 ? 
HETATM 1233 O  O   . HOH H 7 .   ? 11.733  11.044  -4.520  1.000 38.011 ? 376 HOH AAA O   1 ? 
HETATM 1234 O  O   . HOH H 7 .   ? 1.842   7.735   9.452   1.000 26.875 ? 377 HOH AAA O   1 ? 
HETATM 1235 O  O   . HOH H 7 .   ? 10.591  8.459   9.731   1.000 29.305 ? 378 HOH AAA O   1 ? 
HETATM 1236 O  O   . HOH H 7 .   ? -13.554 7.409   0.694   1.000 23.097 ? 379 HOH AAA O   1 ? 
HETATM 1237 O  O   . HOH H 7 .   ? 14.526  4.116   13.147  1.000 38.678 ? 380 HOH AAA O   1 ? 
HETATM 1238 O  O   . HOH H 7 .   ? -4.081  13.215  -6.595  1.000 17.816 ? 381 HOH AAA O   1 ? 
HETATM 1239 O  O   . HOH H 7 .   ? 16.735  4.361   6.535   1.000 36.802 ? 382 HOH AAA O   1 ? 
HETATM 1240 O  O   . HOH H 7 .   ? -12.513 1.046   -5.428  1.000 27.979 ? 383 HOH AAA O   1 ? 
HETATM 1241 O  O   . HOH H 7 .   ? 4.958   10.151  -11.863 1.000 37.460 ? 384 HOH AAA O   1 ? 
HETATM 1242 O  O   . HOH H 7 .   ? 1.917   15.842  -7.315  1.000 18.609 ? 385 HOH AAA O   1 ? 
HETATM 1243 O  O   . HOH H 7 .   ? 10.175  14.391  -1.146  1.000 19.356 ? 386 HOH AAA O   1 ? 
HETATM 1244 O  O   . HOH H 7 .   ? 2.992   -3.232  10.359  1.000 27.519 ? 387 HOH AAA O   1 ? 
HETATM 1245 O  O   . HOH H 7 .   ? -7.931  14.648  -9.765  1.000 34.426 ? 388 HOH AAA O   1 ? 
HETATM 1246 O  O   . HOH H 7 .   ? 12.637  -6.350  4.345   1.000 30.937 ? 389 HOH AAA O   1 ? 
HETATM 1247 O  O   . HOH H 7 .   ? 0.488   -19.277 -9.190  1.000 42.427 ? 390 HOH AAA O   1 ? 
HETATM 1248 O  O   . HOH H 7 .   ? -6.363  18.609  -4.251  1.000 34.726 ? 391 HOH AAA O   1 ? 
HETATM 1249 O  O   . HOH H 7 .   ? 8.335   9.460   -8.132  1.000 40.290 ? 392 HOH AAA O   1 ? 
HETATM 1250 O  O   . HOH H 7 .   ? -15.154 0.954   5.725   1.000 36.767 ? 393 HOH AAA O   1 ? 
HETATM 1251 O  O   . HOH H 7 .   ? 0.320   14.079  -8.714  1.000 21.015 ? 394 HOH AAA O   1 ? 
HETATM 1252 O  O   . HOH H 7 .   ? 0.410   18.703  3.042   1.000 46.222 ? 395 HOH AAA O   1 ? 
HETATM 1253 O  O   . HOH H 7 .   ? 7.439   10.873  -11.403 1.000 46.021 ? 396 HOH AAA O   1 ? 
HETATM 1254 O  O   . HOH H 7 .   ? 12.911  -2.203  -12.313 1.000 40.825 ? 397 HOH AAA O   1 ? 
HETATM 1255 O  O   . HOH H 7 .   ? 20.366  6.649   5.194   1.000 58.412 ? 398 HOH AAA O   1 ? 
HETATM 1256 O  O   . HOH H 7 .   ? 8.148   -0.005  -13.634 1.000 41.306 ? 399 HOH AAA O   1 ? 
HETATM 1257 O  O   . HOH H 7 .   ? 14.208  -5.934  1.791   1.000 53.921 ? 400 HOH AAA O   1 ? 
HETATM 1258 O  O   . HOH H 7 .   ? 4.934   -0.886  22.126  1.000 37.491 ? 401 HOH AAA O   1 ? 
HETATM 1259 O  O   . HOH H 7 .   ? -9.809  14.999  7.019   1.000 31.103 ? 402 HOH AAA O   1 ? 
HETATM 1260 O  O   . HOH H 7 .   ? -13.917 4.061   -2.590  1.000 42.082 ? 403 HOH AAA O   1 ? 
HETATM 1261 O  O   . HOH H 7 .   ? 12.052  13.053  -2.720  1.000 27.568 ? 404 HOH AAA O   1 ? 
HETATM 1262 O  O   . HOH H 7 .   ? 13.861  -4.180  12.987  1.000 37.162 ? 405 HOH AAA O   1 ? 
HETATM 1263 O  O   . HOH H 7 .   ? 10.551  -11.986 -8.881  1.000 37.202 ? 406 HOH AAA O   1 ? 
HETATM 1264 O  O   . HOH H 7 .   ? 13.177  6.222   11.747  1.000 52.476 ? 407 HOH AAA O   1 ? 
HETATM 1265 O  O   . HOH H 7 .   ? 16.110  -1.039  2.961   1.000 38.566 ? 408 HOH AAA O   1 ? 
HETATM 1266 O  O   . HOH H 7 .   ? -15.788 6.402   7.933   1.000 29.244 ? 409 HOH AAA O   1 ? 
HETATM 1267 O  O   . HOH H 7 .   ? 0.202   20.768  0.028   1.000 45.798 ? 410 HOH AAA O   1 ? 
HETATM 1268 O  O   . HOH H 7 .   ? -12.563 3.161   11.638  1.000 38.708 ? 411 HOH AAA O   1 ? 
HETATM 1269 O  O   . HOH H 7 .   ? 0.133   17.640  -6.181  1.000 22.926 ? 412 HOH AAA O   1 ? 
HETATM 1270 O  O   . HOH H 7 .   ? -11.642 14.261  10.763  1.000 38.594 ? 413 HOH AAA O   1 ? 
HETATM 1271 O  O   . HOH H 7 .   ? 10.279  2.936   -8.292  1.000 35.414 ? 414 HOH AAA O   1 ? 
HETATM 1272 O  O   . HOH H 7 .   ? -12.241 7.096   12.791  1.000 39.218 ? 415 HOH AAA O   1 ? 
HETATM 1273 O  O   . HOH H 7 .   ? 18.433  -1.125  -0.057  1.000 41.343 ? 416 HOH AAA O   1 ? 
HETATM 1274 O  O   . HOH H 7 .   ? -15.047 1.383   9.054   1.000 41.290 ? 417 HOH AAA O   1 ? 
HETATM 1275 O  O   . HOH H 7 .   ? -3.651  14.813  -10.583 1.000 33.063 ? 418 HOH AAA O   1 ? 
HETATM 1276 O  O   . HOH H 7 .   ? -11.096 13.764  -9.257  1.000 44.504 ? 419 HOH AAA O   1 ? 
HETATM 1277 O  O   . HOH H 7 .   ? -2.398  14.733  -8.083  1.000 22.810 ? 420 HOH AAA O   1 ? 
HETATM 1278 O  O   . HOH H 7 .   ? -15.117 0.611   -4.932  1.000 37.836 ? 421 HOH AAA O   1 ? 
HETATM 1279 O  O   . HOH H 7 .   ? -16.704 -3.921  -4.501  1.000 41.385 ? 422 HOH AAA O   1 ? 
HETATM 1280 O  O   . HOH H 7 .   ? 20.263  -3.301  0.400   1.000 46.736 ? 423 HOH AAA O   1 ? 
HETATM 1281 O  O   . HOH H 7 .   ? -10.189 11.062  -12.759 1.000 51.587 ? 424 HOH AAA O   1 ? 
HETATM 1282 O  O   . HOH H 7 .   ? -11.061 0.868   -7.819  1.000 48.787 ? 425 HOH AAA O   1 ? 
HETATM 1283 O  O   . HOH H 7 .   ? 2.772   10.210  10.512  1.000 41.303 ? 426 HOH AAA O   1 ? 
# 
